data_2ZVI
#
_entry.id   2ZVI
#
_cell.length_a   79.334
_cell.length_b   91.466
_cell.length_c   106.967
_cell.angle_alpha   90.00
_cell.angle_beta   90.82
_cell.angle_gamma   90.00
#
_symmetry.space_group_name_H-M   'P 1 21 1'
#
loop_
_entity.id
_entity.type
_entity.pdbx_description
1 polymer '2,3-diketo-5-methylthiopentyl-1-phosphate enolase'
2 water water
#
_entity_poly.entity_id   1
_entity_poly.type   'polypeptide(L)'
_entity_poly.pdbx_seq_one_letter_code
;MGSSHHHHHHSSGLVPRGSHMSELLATYLLTEPGADTEKKAEQIATGLTVGSWTDLPLVKQEQMQKHKGRVIKVEEREGT
AASEKQAVITIAYPEINFSQDIPALLTTVFGKLSLDGKIKLIDLHFSEAFKRALPGPKFGVYGIRKLLGEFERPLLMSIF
KGVIGRDLSDIKEQLRQQALGGVDLIKDDEIFFETGLAPFETRIAEGKQILKETYEQTGHKTLYAVNLTGRTADLKDKAR
RAAELGADALLFNVFAYGLDVMQGLAEDPEIPVPIMAHPAVSGAFTSSPFYGFSHALLLGKLNRYCGADFSLFPSPYGSV
ALPRADALAIHEECVREDAFNQTFAVPSAGIHPGMVPLLMRDFGIDHIINAGGGVHGHPNGAQGGGRAFRAIIDAVLEAQ
PIDEKAEQCKDLKLALDKWGKAEAV
;
_entity_poly.pdbx_strand_id   A,B,C,D
#
# COMPACT_ATOMS: atom_id res chain seq x y z
N SER A 22 22.35 -3.93 47.80
CA SER A 22 23.08 -4.54 46.64
C SER A 22 22.92 -3.68 45.40
N GLU A 23 23.95 -3.63 44.57
CA GLU A 23 23.88 -2.87 43.34
C GLU A 23 24.71 -3.51 42.24
N LEU A 24 24.23 -3.36 41.01
CA LEU A 24 24.88 -3.89 39.83
C LEU A 24 25.48 -2.72 39.05
N LEU A 25 26.78 -2.79 38.75
CA LEU A 25 27.43 -1.71 38.01
C LEU A 25 27.46 -2.04 36.53
N ALA A 26 27.10 -1.07 35.70
CA ALA A 26 27.09 -1.25 34.26
C ALA A 26 27.99 -0.22 33.62
N THR A 27 28.93 -0.68 32.80
CA THR A 27 29.83 0.24 32.14
C THR A 27 29.49 0.28 30.66
N TYR A 28 29.42 1.49 30.11
CA TYR A 28 29.07 1.66 28.70
C TYR A 28 30.06 2.54 27.96
N LEU A 29 30.12 2.35 26.64
CA LEU A 29 30.98 3.17 25.81
C LEU A 29 30.01 3.96 24.91
N LEU A 30 30.04 5.28 25.02
CA LEU A 30 29.18 6.12 24.17
C LEU A 30 30.16 6.72 23.19
N THR A 31 29.94 6.45 21.90
CA THR A 31 30.87 6.91 20.90
C THR A 31 30.85 8.36 20.46
N GLU A 32 29.75 9.07 20.59
CA GLU A 32 29.79 10.46 20.18
C GLU A 32 29.02 11.47 21.03
N PRO A 33 27.67 11.50 20.91
CA PRO A 33 26.84 12.44 21.68
C PRO A 33 27.41 12.87 23.03
N ASP A 36 28.39 16.75 26.37
CA ASP A 36 27.29 16.62 27.37
C ASP A 36 27.06 15.16 27.78
N THR A 37 28.12 14.35 27.73
CA THR A 37 28.03 12.96 28.10
C THR A 37 27.56 12.81 29.54
N GLU A 38 27.92 13.79 30.37
CA GLU A 38 27.51 13.78 31.77
C GLU A 38 25.99 13.81 31.85
N LYS A 39 25.39 14.52 30.90
CA LYS A 39 23.94 14.65 30.81
C LYS A 39 23.37 13.26 30.52
N LYS A 40 23.91 12.61 29.49
CA LYS A 40 23.47 11.27 29.13
C LYS A 40 23.63 10.30 30.29
N ALA A 41 24.77 10.37 30.97
CA ALA A 41 25.03 9.50 32.11
C ALA A 41 23.90 9.59 33.12
N GLU A 42 23.55 10.82 33.51
CA GLU A 42 22.47 11.04 34.46
C GLU A 42 21.13 10.50 33.95
N GLN A 43 20.79 10.84 32.71
CA GLN A 43 19.53 10.40 32.13
C GLN A 43 19.42 8.88 32.14
N ILE A 44 20.52 8.19 31.82
CA ILE A 44 20.52 6.74 31.82
C ILE A 44 20.41 6.26 33.26
N ALA A 45 21.08 6.95 34.17
CA ALA A 45 21.03 6.56 35.57
C ALA A 45 19.62 6.70 36.14
N THR A 46 18.98 7.83 35.87
CA THR A 46 17.64 8.07 36.38
C THR A 46 16.55 7.62 35.40
N GLY A 47 16.55 8.20 34.20
CA GLY A 47 15.54 7.84 33.22
C GLY A 47 15.46 6.36 32.89
N LEU A 48 16.60 5.67 32.95
CA LEU A 48 16.65 4.25 32.64
C LEU A 48 16.50 3.36 33.88
N THR A 49 16.14 3.99 34.99
CA THR A 49 15.95 3.26 36.24
C THR A 49 14.64 3.70 36.89
N VAL A 50 14.32 4.99 36.73
CA VAL A 50 13.12 5.60 37.29
C VAL A 50 12.36 6.44 36.24
N GLY A 51 12.99 6.69 35.10
CA GLY A 51 12.34 7.50 34.07
C GLY A 51 12.50 8.97 34.41
N SER A 52 11.73 9.84 33.75
CA SER A 52 11.82 11.27 34.04
C SER A 52 11.45 11.47 35.51
N TRP A 53 12.47 11.76 36.31
CA TRP A 53 12.34 11.95 37.75
C TRP A 53 11.87 13.32 38.24
N THR A 54 12.11 14.35 37.45
CA THR A 54 11.70 15.71 37.81
C THR A 54 10.19 15.91 37.68
N ASP A 55 9.51 14.93 37.09
CA ASP A 55 8.07 15.02 36.92
C ASP A 55 7.33 14.15 37.94
N LEU A 56 8.07 13.43 38.76
CA LEU A 56 7.48 12.57 39.78
C LEU A 56 6.98 13.37 40.98
N PRO A 57 5.78 13.03 41.49
CA PRO A 57 5.22 13.75 42.64
C PRO A 57 6.14 13.53 43.84
N LEU A 58 6.39 14.59 44.61
CA LEU A 58 7.26 14.51 45.78
C LEU A 58 7.16 13.19 46.54
N VAL A 59 5.93 12.74 46.79
CA VAL A 59 5.72 11.50 47.53
C VAL A 59 6.31 10.31 46.78
N LYS A 60 6.00 10.22 45.50
CA LYS A 60 6.48 9.14 44.65
C LYS A 60 7.99 9.26 44.50
N GLN A 61 8.44 10.51 44.49
CA GLN A 61 9.84 10.83 44.34
C GLN A 61 10.62 10.44 45.60
N GLU A 62 9.94 10.51 46.75
CA GLU A 62 10.56 10.19 48.04
C GLU A 62 10.53 8.72 48.43
N GLN A 63 10.01 7.86 47.56
CA GLN A 63 9.96 6.43 47.86
C GLN A 63 10.60 5.66 46.72
N MET A 64 10.70 6.33 45.57
CA MET A 64 11.30 5.75 44.39
C MET A 64 12.79 6.05 44.42
N GLN A 65 13.25 6.63 45.52
CA GLN A 65 14.66 6.97 45.70
C GLN A 65 15.56 5.75 45.78
N LYS A 66 15.06 4.69 46.42
CA LYS A 66 15.83 3.46 46.56
C LYS A 66 15.98 2.73 45.22
N HIS A 67 15.18 3.13 44.25
CA HIS A 67 15.22 2.52 42.92
C HIS A 67 16.03 3.38 41.96
N LYS A 68 16.39 4.58 42.40
CA LYS A 68 17.14 5.53 41.60
C LYS A 68 18.58 5.07 41.38
N GLY A 69 19.01 5.05 40.13
CA GLY A 69 20.37 4.66 39.84
C GLY A 69 21.28 5.86 40.06
N ARG A 70 22.58 5.66 39.92
CA ARG A 70 23.50 6.78 40.08
C ARG A 70 24.74 6.63 39.22
N VAL A 71 25.23 7.75 38.71
CA VAL A 71 26.43 7.77 37.88
C VAL A 71 27.64 7.58 38.78
N ILE A 72 28.47 6.59 38.46
CA ILE A 72 29.65 6.33 39.25
C ILE A 72 30.87 6.99 38.64
N LYS A 73 30.94 7.03 37.32
CA LYS A 73 32.10 7.63 36.68
C LYS A 73 31.83 7.93 35.22
N VAL A 74 32.50 8.98 34.74
CA VAL A 74 32.37 9.38 33.34
C VAL A 74 33.75 9.80 32.83
N GLU A 75 34.47 8.83 32.27
CA GLU A 75 35.81 9.05 31.73
C GLU A 75 35.64 9.21 30.23
N GLU A 76 36.64 9.76 29.57
CA GLU A 76 36.55 9.91 28.13
C GLU A 76 37.72 9.26 27.42
N ARG A 77 37.43 8.20 26.68
CA ARG A 77 38.42 7.44 25.94
C ARG A 77 38.62 8.04 24.55
N ALA A 81 40.71 6.32 22.18
CA ALA A 81 41.98 6.50 21.42
C ALA A 81 41.75 6.48 19.90
N ALA A 82 40.49 6.59 19.49
CA ALA A 82 40.11 6.58 18.08
C ALA A 82 39.87 7.98 17.52
N SER A 83 39.26 8.05 16.35
CA SER A 83 38.95 9.32 15.69
C SER A 83 37.69 9.99 16.24
N GLU A 84 36.78 9.17 16.77
CA GLU A 84 35.54 9.70 17.32
C GLU A 84 35.66 9.98 18.81
N LYS A 85 34.88 10.95 19.28
CA LYS A 85 34.88 11.31 20.70
C LYS A 85 34.08 10.29 21.48
N GLN A 86 34.76 9.45 22.24
CA GLN A 86 34.07 8.42 23.03
C GLN A 86 34.25 8.64 24.51
N ALA A 87 33.26 8.20 25.29
CA ALA A 87 33.30 8.33 26.73
C ALA A 87 32.87 7.03 27.38
N VAL A 88 33.52 6.69 28.49
CA VAL A 88 33.20 5.48 29.23
C VAL A 88 32.41 5.91 30.46
N ILE A 89 31.26 5.28 30.66
CA ILE A 89 30.37 5.62 31.77
C ILE A 89 29.98 4.39 32.59
N THR A 90 30.04 4.53 33.91
CA THR A 90 29.65 3.44 34.79
C THR A 90 28.49 3.90 35.65
N ILE A 91 27.43 3.11 35.66
CA ILE A 91 26.21 3.43 36.39
C ILE A 91 25.84 2.31 37.36
N ALA A 92 25.43 2.68 38.57
CA ALA A 92 25.03 1.70 39.56
C ALA A 92 23.52 1.55 39.53
N TYR A 93 23.04 0.32 39.44
CA TYR A 93 21.59 0.06 39.41
C TYR A 93 21.18 -0.68 40.68
N PRO A 94 20.23 -0.13 41.45
CA PRO A 94 19.82 -0.83 42.66
C PRO A 94 19.32 -2.21 42.27
N GLU A 95 19.84 -3.24 42.91
CA GLU A 95 19.45 -4.59 42.55
C GLU A 95 17.98 -4.89 42.76
N ILE A 96 17.34 -4.18 43.69
CA ILE A 96 15.92 -4.37 43.95
C ILE A 96 15.08 -3.98 42.72
N ASN A 97 15.72 -3.35 41.74
CA ASN A 97 15.06 -2.92 40.51
C ASN A 97 14.72 -4.04 39.52
N PHE A 98 15.33 -5.20 39.68
CA PHE A 98 15.06 -6.30 38.76
C PHE A 98 15.29 -7.65 39.43
N SER A 99 14.63 -8.68 38.92
CA SER A 99 14.78 -10.01 39.48
C SER A 99 16.19 -10.53 39.17
N GLN A 100 16.63 -11.52 39.92
CA GLN A 100 17.96 -12.09 39.75
C GLN A 100 18.08 -13.10 38.61
N ASP A 101 18.11 -12.60 37.39
CA ASP A 101 18.27 -13.42 36.20
C ASP A 101 18.80 -12.54 35.08
N ILE A 102 19.49 -13.14 34.11
CA ILE A 102 20.07 -12.38 33.03
C ILE A 102 19.07 -11.61 32.16
N PRO A 103 17.92 -12.24 31.82
CA PRO A 103 16.94 -11.52 30.99
C PRO A 103 16.49 -10.21 31.62
N ALA A 104 16.21 -10.25 32.92
CA ALA A 104 15.78 -9.07 33.63
C ALA A 104 16.89 -8.01 33.65
N LEU A 105 18.10 -8.49 33.91
CA LEU A 105 19.29 -7.63 33.98
C LEU A 105 19.56 -6.86 32.70
N LEU A 106 19.69 -7.59 31.59
CA LEU A 106 19.99 -6.97 30.30
C LEU A 106 18.88 -6.05 29.83
N THR A 107 17.65 -6.42 30.15
CA THR A 107 16.50 -5.62 29.81
C THR A 107 16.53 -4.33 30.61
N THR A 108 17.05 -4.41 31.82
CA THR A 108 17.12 -3.23 32.67
C THR A 108 18.28 -2.31 32.30
N VAL A 109 19.48 -2.85 32.15
CA VAL A 109 20.65 -2.05 31.83
C VAL A 109 20.96 -1.85 30.36
N PHE A 110 20.35 -2.65 29.50
CA PHE A 110 20.63 -2.53 28.06
C PHE A 110 19.45 -2.98 27.20
N GLY A 111 18.24 -2.57 27.58
CA GLY A 111 17.08 -2.94 26.80
C GLY A 111 16.74 -1.81 25.86
N LYS A 112 15.94 -0.89 26.35
CA LYS A 112 15.54 0.29 25.60
C LYS A 112 16.83 1.02 25.22
N LEU A 113 17.77 1.09 26.17
CA LEU A 113 19.03 1.80 25.95
C LEU A 113 19.84 1.30 24.74
N SER A 114 19.77 0.01 24.44
CA SER A 114 20.53 -0.55 23.33
C SER A 114 20.16 0.06 21.96
N LEU A 115 19.03 0.77 21.90
CA LEU A 115 18.59 1.41 20.68
C LEU A 115 18.86 2.91 20.70
N ASP A 116 19.50 3.39 21.76
CA ASP A 116 19.76 4.80 21.90
C ASP A 116 21.11 5.22 21.31
N GLY A 117 21.14 5.42 20.00
CA GLY A 117 22.38 5.83 19.36
C GLY A 117 23.55 4.90 19.57
N LYS A 118 24.76 5.46 19.50
CA LYS A 118 25.96 4.66 19.66
C LYS A 118 26.34 4.41 21.10
N ILE A 119 25.75 3.35 21.66
CA ILE A 119 26.02 2.96 23.04
C ILE A 119 26.28 1.46 23.07
N LYS A 120 27.39 1.08 23.69
CA LYS A 120 27.78 -0.31 23.79
C LYS A 120 27.98 -0.72 25.24
N LEU A 121 27.42 -1.85 25.63
CA LEU A 121 27.58 -2.35 27.01
C LEU A 121 28.92 -3.07 27.08
N ILE A 122 29.87 -2.47 27.79
CA ILE A 122 31.23 -2.99 27.91
C ILE A 122 31.50 -3.91 29.11
N ASP A 123 30.81 -3.72 30.21
CA ASP A 123 31.08 -4.58 31.34
C ASP A 123 29.98 -4.52 32.41
N LEU A 124 29.99 -5.51 33.29
CA LEU A 124 29.02 -5.57 34.38
C LEU A 124 29.72 -6.14 35.59
N HIS A 125 29.50 -5.52 36.75
CA HIS A 125 30.07 -6.01 37.98
C HIS A 125 28.89 -6.34 38.89
N PHE A 126 28.73 -7.63 39.16
CA PHE A 126 27.63 -8.13 39.97
C PHE A 126 27.90 -8.09 41.47
N SER A 127 26.82 -8.01 42.23
CA SER A 127 26.91 -7.98 43.69
C SER A 127 27.05 -9.43 44.14
N GLU A 128 27.53 -9.63 45.35
CA GLU A 128 27.71 -10.97 45.87
C GLU A 128 26.40 -11.75 45.85
N ALA A 129 25.30 -11.04 46.08
CA ALA A 129 23.97 -11.64 46.11
C ALA A 129 23.55 -12.13 44.72
N PHE A 130 23.77 -11.31 43.70
CA PHE A 130 23.40 -11.70 42.35
C PHE A 130 24.25 -12.90 41.94
N LYS A 131 25.55 -12.85 42.26
CA LYS A 131 26.43 -13.95 41.91
C LYS A 131 25.96 -15.24 42.57
N ARG A 132 25.28 -15.09 43.70
CA ARG A 132 24.78 -16.27 44.39
C ARG A 132 23.67 -16.93 43.60
N ALA A 133 23.04 -16.18 42.68
CA ALA A 133 21.97 -16.71 41.85
C ALA A 133 22.47 -17.23 40.49
N LEU A 134 23.77 -17.13 40.26
CA LEU A 134 24.36 -17.61 39.01
C LEU A 134 25.14 -18.88 39.33
N PRO A 135 25.11 -19.87 38.43
CA PRO A 135 25.82 -21.14 38.66
C PRO A 135 27.32 -21.17 38.40
N GLY A 136 27.73 -20.62 37.26
CA GLY A 136 29.13 -20.66 36.91
C GLY A 136 29.30 -22.02 36.25
N PRO A 137 30.47 -22.33 35.68
CA PRO A 137 30.66 -23.64 35.04
C PRO A 137 30.64 -24.79 36.04
N LYS A 138 30.03 -25.91 35.67
CA LYS A 138 29.99 -27.06 36.58
C LYS A 138 31.40 -27.60 36.79
N PHE A 139 32.18 -27.67 35.72
CA PHE A 139 33.55 -28.19 35.77
C PHE A 139 34.65 -27.13 35.70
N GLY A 140 34.52 -26.18 34.78
CA GLY A 140 35.53 -25.17 34.65
C GLY A 140 36.89 -25.76 34.31
N VAL A 141 37.91 -24.92 34.26
CA VAL A 141 39.27 -25.37 33.95
C VAL A 141 39.68 -26.57 34.81
N TYR A 142 39.57 -26.43 36.12
CA TYR A 142 39.95 -27.49 37.04
C TYR A 142 39.27 -28.81 36.71
N GLY A 143 37.96 -28.77 36.50
CA GLY A 143 37.22 -29.98 36.18
C GLY A 143 37.60 -30.66 34.89
N ILE A 144 37.81 -29.88 33.82
CA ILE A 144 38.17 -30.48 32.55
C ILE A 144 39.56 -31.07 32.63
N ARG A 145 40.50 -30.34 33.23
CA ARG A 145 41.87 -30.82 33.36
C ARG A 145 41.90 -32.10 34.21
N LYS A 146 41.06 -32.15 35.25
CA LYS A 146 40.99 -33.30 36.13
C LYS A 146 40.53 -34.52 35.33
N LEU A 147 39.57 -34.28 34.44
CA LEU A 147 39.01 -35.32 33.58
C LEU A 147 40.04 -35.86 32.58
N LEU A 148 40.95 -34.99 32.16
CA LEU A 148 41.99 -35.36 31.19
C LEU A 148 43.32 -35.73 31.83
N GLY A 149 43.44 -35.55 33.15
CA GLY A 149 44.70 -35.83 33.80
C GLY A 149 45.84 -35.00 33.23
N GLU A 150 45.51 -33.80 32.73
CA GLU A 150 46.52 -32.92 32.16
C GLU A 150 46.46 -31.53 32.80
N PHE A 151 47.48 -31.20 33.61
CA PHE A 151 47.51 -29.91 34.28
C PHE A 151 48.73 -29.06 33.97
N GLU A 152 49.64 -29.58 33.15
CA GLU A 152 50.87 -28.87 32.83
C GLU A 152 50.95 -28.45 31.37
N ARG A 153 49.83 -28.10 30.77
CA ARG A 153 49.89 -27.77 29.36
C ARG A 153 48.55 -27.23 28.81
N PRO A 154 48.61 -26.28 27.87
CA PRO A 154 47.35 -25.78 27.34
C PRO A 154 46.79 -26.93 26.48
N LEU A 155 45.47 -27.05 26.42
CA LEU A 155 44.84 -28.13 25.65
C LEU A 155 44.70 -27.90 24.15
N LEU A 156 44.53 -28.99 23.42
CA LEU A 156 44.41 -28.96 21.97
C LEU A 156 43.01 -29.44 21.56
N MET A 157 42.33 -28.63 20.76
CA MET A 157 40.99 -28.99 20.31
C MET A 157 40.99 -29.07 18.80
N SER A 158 40.16 -29.95 18.28
CA SER A 158 40.05 -30.17 16.85
C SER A 158 38.58 -30.22 16.44
N ILE A 159 38.31 -30.01 15.16
CA ILE A 159 36.94 -30.04 14.66
C ILE A 159 36.84 -30.91 13.41
N PHE A 160 35.65 -31.45 13.16
CA PHE A 160 35.43 -32.25 11.97
C PHE A 160 35.63 -31.33 10.77
N LYS A 161 36.24 -31.87 9.72
CA LYS A 161 36.51 -31.16 8.49
C LYS A 161 35.18 -30.64 7.93
N GLY A 162 34.15 -31.48 8.01
CA GLY A 162 32.86 -31.12 7.49
C GLY A 162 31.89 -32.21 7.88
N VAL A 163 30.63 -31.86 8.04
CA VAL A 163 29.61 -32.83 8.42
C VAL A 163 28.48 -32.95 7.40
N ILE A 164 28.01 -31.80 6.92
CA ILE A 164 26.92 -31.75 5.95
C ILE A 164 26.99 -32.77 4.81
N GLY A 165 25.91 -33.54 4.66
CA GLY A 165 25.85 -34.54 3.60
C GLY A 165 26.82 -35.70 3.70
N ARG A 166 27.39 -35.92 4.89
CA ARG A 166 28.34 -37.01 5.08
C ARG A 166 27.73 -38.12 5.96
N ASP A 167 27.94 -39.37 5.57
CA ASP A 167 27.39 -40.51 6.31
C ASP A 167 28.16 -40.82 7.59
N LEU A 168 27.51 -41.54 8.50
CA LEU A 168 28.10 -41.89 9.80
C LEU A 168 29.52 -42.41 9.64
N SER A 169 29.73 -43.26 8.64
CA SER A 169 31.04 -43.83 8.36
C SER A 169 32.12 -42.76 8.22
N ASP A 170 31.80 -41.71 7.46
CA ASP A 170 32.71 -40.58 7.20
C ASP A 170 33.04 -39.87 8.52
N ILE A 171 31.98 -39.46 9.21
CA ILE A 171 32.13 -38.77 10.49
C ILE A 171 32.99 -39.57 11.46
N LYS A 172 32.73 -40.87 11.55
CA LYS A 172 33.48 -41.74 12.46
C LYS A 172 34.98 -41.75 12.19
N GLU A 173 35.37 -41.88 10.93
CA GLU A 173 36.80 -41.90 10.59
C GLU A 173 37.46 -40.56 10.91
N GLN A 174 36.75 -39.47 10.64
CA GLN A 174 37.26 -38.14 10.92
C GLN A 174 37.56 -38.06 12.42
N LEU A 175 36.67 -38.62 13.22
CA LEU A 175 36.82 -38.62 14.66
C LEU A 175 38.07 -39.41 15.05
N ARG A 176 38.20 -40.61 14.52
CA ARG A 176 39.37 -41.44 14.83
C ARG A 176 40.65 -40.69 14.54
N GLN A 177 40.75 -40.17 13.32
CA GLN A 177 41.94 -39.45 12.87
C GLN A 177 42.29 -38.25 13.71
N GLN A 178 41.28 -37.56 14.21
CA GLN A 178 41.52 -36.40 15.05
C GLN A 178 42.08 -36.88 16.39
N ALA A 179 41.46 -37.91 16.93
CA ALA A 179 41.88 -38.46 18.20
C ALA A 179 43.32 -38.97 18.10
N LEU A 180 43.59 -39.88 17.17
CA LEU A 180 44.94 -40.43 17.00
C LEU A 180 45.97 -39.32 16.79
N GLY A 181 45.50 -38.14 16.37
CA GLY A 181 46.39 -37.03 16.16
C GLY A 181 46.88 -36.47 17.49
N GLY A 182 46.16 -36.77 18.56
CA GLY A 182 46.56 -36.30 19.88
C GLY A 182 45.75 -35.14 20.45
N VAL A 183 44.67 -34.76 19.77
CA VAL A 183 43.87 -33.66 20.31
C VAL A 183 43.21 -34.08 21.62
N ASP A 184 42.99 -33.12 22.50
CA ASP A 184 42.37 -33.43 23.79
C ASP A 184 40.87 -33.39 23.64
N LEU A 185 40.41 -32.58 22.70
CA LEU A 185 38.98 -32.45 22.46
C LEU A 185 38.61 -32.39 20.99
N ILE A 186 37.50 -33.06 20.66
CA ILE A 186 36.96 -33.07 19.33
C ILE A 186 35.54 -32.54 19.48
N LYS A 187 35.22 -31.48 18.75
CA LYS A 187 33.88 -30.92 18.85
C LYS A 187 33.15 -31.04 17.53
N ASP A 188 31.83 -31.21 17.60
CA ASP A 188 31.00 -31.30 16.40
C ASP A 188 31.04 -29.95 15.70
N ASP A 189 30.55 -29.92 14.47
CA ASP A 189 30.46 -28.69 13.70
C ASP A 189 29.19 -28.07 14.29
N GLU A 190 29.18 -26.75 14.52
CA GLU A 190 27.98 -26.12 15.08
C GLU A 190 26.74 -26.29 14.22
N ILE A 191 26.92 -26.69 12.96
CA ILE A 191 25.77 -26.90 12.08
C ILE A 191 25.39 -28.37 11.94
N PHE A 192 25.82 -29.17 12.90
CA PHE A 192 25.48 -30.60 12.89
C PHE A 192 24.12 -30.72 13.58
N PHE A 193 23.06 -30.82 12.80
CA PHE A 193 21.73 -30.93 13.36
C PHE A 193 21.13 -32.32 13.18
N GLU A 194 19.95 -32.55 13.76
CA GLU A 194 19.29 -33.83 13.66
C GLU A 194 18.63 -34.01 12.30
N THR A 195 19.44 -34.43 11.34
CA THR A 195 18.99 -34.62 9.97
C THR A 195 18.83 -36.08 9.58
N GLY A 196 19.11 -36.98 10.51
CA GLY A 196 18.98 -38.40 10.21
C GLY A 196 20.21 -39.08 9.64
N LEU A 197 21.27 -38.31 9.37
CA LEU A 197 22.50 -38.91 8.84
C LEU A 197 23.35 -39.50 9.97
N ALA A 198 23.39 -38.80 11.10
CA ALA A 198 24.14 -39.25 12.27
C ALA A 198 23.49 -38.63 13.50
N PRO A 199 22.41 -39.26 14.00
CA PRO A 199 21.67 -38.78 15.17
C PRO A 199 22.53 -38.45 16.39
N PHE A 200 22.01 -37.53 17.20
CA PHE A 200 22.65 -37.06 18.43
C PHE A 200 23.11 -38.20 19.34
N GLU A 201 22.16 -39.05 19.74
CA GLU A 201 22.48 -40.16 20.64
C GLU A 201 23.42 -41.20 20.03
N THR A 202 23.35 -41.35 18.72
CA THR A 202 24.21 -42.33 18.03
C THR A 202 25.64 -41.81 17.97
N ARG A 203 25.80 -40.50 17.79
CA ARG A 203 27.15 -39.90 17.74
C ARG A 203 27.81 -40.08 19.08
N ILE A 204 27.07 -39.80 20.13
CA ILE A 204 27.59 -39.92 21.49
C ILE A 204 28.04 -41.36 21.74
N ALA A 205 27.24 -42.32 21.31
CA ALA A 205 27.59 -43.73 21.51
C ALA A 205 28.82 -44.14 20.73
N GLU A 206 28.78 -43.97 19.41
CA GLU A 206 29.90 -44.33 18.55
C GLU A 206 31.16 -43.53 18.87
N GLY A 207 30.97 -42.23 19.16
CA GLY A 207 32.09 -41.39 19.50
C GLY A 207 32.78 -41.90 20.76
N LYS A 208 31.98 -42.29 21.75
CA LYS A 208 32.52 -42.79 23.00
C LYS A 208 33.36 -44.04 22.74
N GLN A 209 32.82 -44.95 21.94
CA GLN A 209 33.52 -46.19 21.62
C GLN A 209 34.83 -45.91 20.89
N ILE A 210 34.75 -45.11 19.84
CA ILE A 210 35.93 -44.75 19.06
C ILE A 210 37.02 -44.15 19.93
N LEU A 211 36.64 -43.27 20.85
CA LEU A 211 37.63 -42.65 21.71
C LEU A 211 38.22 -43.62 22.71
N LYS A 212 37.48 -44.67 23.06
CA LYS A 212 38.03 -45.66 23.97
C LYS A 212 39.04 -46.47 23.18
N GLU A 213 38.72 -46.75 21.92
CA GLU A 213 39.61 -47.52 21.05
C GLU A 213 40.91 -46.73 20.79
N THR A 214 40.80 -45.44 20.45
CA THR A 214 42.00 -44.64 20.21
C THR A 214 42.82 -44.53 21.48
N TYR A 215 42.16 -44.47 22.63
CA TYR A 215 42.86 -44.38 23.91
C TYR A 215 43.63 -45.67 24.17
N GLU A 216 43.01 -46.81 23.89
CA GLU A 216 43.65 -48.11 24.09
C GLU A 216 44.89 -48.22 23.22
N GLN A 217 44.84 -47.56 22.06
CA GLN A 217 45.94 -47.59 21.13
C GLN A 217 47.05 -46.59 21.44
N THR A 218 46.68 -45.42 21.94
CA THR A 218 47.66 -44.37 22.21
C THR A 218 47.96 -44.00 23.66
N GLY A 219 47.06 -44.35 24.57
CA GLY A 219 47.24 -43.99 25.97
C GLY A 219 46.84 -42.54 26.17
N HIS A 220 46.32 -41.92 25.11
CA HIS A 220 45.91 -40.53 25.17
C HIS A 220 44.37 -40.38 25.22
N LYS A 221 43.90 -39.65 26.22
CA LYS A 221 42.46 -39.41 26.41
C LYS A 221 41.95 -38.23 25.58
N THR A 222 40.82 -38.42 24.92
CA THR A 222 40.19 -37.38 24.10
C THR A 222 38.72 -37.24 24.52
N LEU A 223 38.19 -36.02 24.48
CA LEU A 223 36.79 -35.80 24.82
C LEU A 223 36.03 -35.34 23.58
N TYR A 224 34.78 -35.77 23.45
CA TYR A 224 33.97 -35.41 22.29
C TYR A 224 32.83 -34.48 22.68
N ALA A 225 32.86 -33.24 22.18
CA ALA A 225 31.80 -32.26 22.48
C ALA A 225 30.69 -32.39 21.42
N VAL A 226 29.56 -32.96 21.85
CA VAL A 226 28.44 -33.17 20.95
C VAL A 226 27.47 -31.97 20.93
N ASN A 227 27.10 -31.56 19.71
CA ASN A 227 26.21 -30.42 19.48
C ASN A 227 24.80 -30.67 20.04
N LEU A 228 24.34 -29.73 20.86
CA LEU A 228 23.02 -29.81 21.51
C LEU A 228 22.13 -28.84 20.75
N THR A 229 21.17 -29.36 19.99
CA THR A 229 20.31 -28.52 19.18
C THR A 229 18.82 -28.83 19.31
N GLY A 230 18.00 -28.15 18.53
CA GLY A 230 16.56 -28.37 18.57
C GLY A 230 15.80 -27.29 19.32
N ARG A 231 14.51 -27.49 19.52
CA ARG A 231 13.68 -26.51 20.24
C ARG A 231 14.16 -26.33 21.67
N THR A 232 14.16 -25.08 22.14
CA THR A 232 14.60 -24.77 23.48
C THR A 232 13.94 -25.65 24.55
N ALA A 233 12.65 -25.89 24.39
CA ALA A 233 11.90 -26.70 25.35
C ALA A 233 12.36 -28.15 25.44
N ASP A 234 13.09 -28.63 24.44
CA ASP A 234 13.56 -30.01 24.46
C ASP A 234 15.00 -30.18 24.94
N LEU A 235 15.71 -29.07 25.15
CA LEU A 235 17.11 -29.12 25.57
C LEU A 235 17.39 -29.91 26.84
N LYS A 236 16.60 -29.63 27.88
CA LYS A 236 16.73 -30.27 29.16
C LYS A 236 16.78 -31.79 29.02
N ASP A 237 15.74 -32.37 28.41
CA ASP A 237 15.69 -33.81 28.27
C ASP A 237 16.76 -34.37 27.35
N LYS A 238 17.16 -33.58 26.36
CA LYS A 238 18.19 -34.02 25.44
C LYS A 238 19.55 -34.01 26.17
N ALA A 239 19.78 -32.99 26.99
CA ALA A 239 21.05 -32.87 27.71
C ALA A 239 21.15 -33.94 28.81
N ARG A 240 20.03 -34.27 29.44
CA ARG A 240 20.03 -35.30 30.46
C ARG A 240 20.31 -36.63 29.79
N ARG A 241 19.68 -36.85 28.64
CA ARG A 241 19.89 -38.08 27.89
C ARG A 241 21.38 -38.20 27.55
N ALA A 242 21.96 -37.10 27.08
CA ALA A 242 23.39 -37.09 26.75
C ALA A 242 24.19 -37.50 27.98
N ALA A 243 23.79 -37.00 29.13
CA ALA A 243 24.48 -37.31 30.38
C ALA A 243 24.41 -38.81 30.70
N GLU A 244 23.21 -39.37 30.67
CA GLU A 244 23.10 -40.80 30.98
C GLU A 244 23.79 -41.66 29.93
N LEU A 245 24.00 -41.11 28.74
CA LEU A 245 24.69 -41.84 27.68
C LEU A 245 26.21 -41.70 27.85
N GLY A 246 26.61 -40.84 28.79
CA GLY A 246 28.03 -40.65 29.03
C GLY A 246 28.74 -39.66 28.11
N ALA A 247 28.00 -38.74 27.51
CA ALA A 247 28.60 -37.74 26.62
C ALA A 247 29.71 -37.00 27.38
N ASP A 248 30.76 -36.58 26.69
CA ASP A 248 31.86 -35.88 27.36
C ASP A 248 31.61 -34.39 27.56
N ALA A 249 31.04 -33.75 26.55
CA ALA A 249 30.77 -32.33 26.65
C ALA A 249 29.64 -31.98 25.70
N LEU A 250 28.95 -30.89 25.99
CA LEU A 250 27.84 -30.46 25.15
C LEU A 250 28.13 -29.13 24.46
N LEU A 251 28.19 -29.16 23.13
CA LEU A 251 28.44 -27.96 22.33
C LEU A 251 27.12 -27.20 22.28
N PHE A 252 27.15 -25.94 22.74
CA PHE A 252 25.93 -25.16 22.79
C PHE A 252 26.07 -23.74 22.25
N ASN A 253 25.22 -23.41 21.30
CA ASN A 253 25.24 -22.08 20.71
C ASN A 253 24.30 -21.19 21.52
N VAL A 254 24.84 -20.64 22.58
CA VAL A 254 24.10 -19.78 23.50
C VAL A 254 23.33 -18.67 22.82
N PHE A 255 24.03 -17.93 21.98
CA PHE A 255 23.44 -16.78 21.34
C PHE A 255 22.41 -17.10 20.27
N ALA A 256 21.91 -18.33 20.34
CA ALA A 256 20.88 -18.79 19.42
C ALA A 256 19.74 -19.26 20.31
N TYR A 257 20.03 -19.40 21.60
CA TYR A 257 19.04 -19.85 22.59
C TYR A 257 18.89 -18.89 23.77
N GLY A 258 19.97 -18.19 24.13
CA GLY A 258 19.93 -17.27 25.24
C GLY A 258 20.74 -17.75 26.43
N LEU A 259 21.48 -16.82 27.04
CA LEU A 259 22.29 -17.12 28.20
C LEU A 259 21.49 -17.79 29.32
N ASP A 260 20.23 -17.41 29.46
CA ASP A 260 19.40 -17.98 30.51
C ASP A 260 19.16 -19.46 30.29
N VAL A 261 18.97 -19.84 29.04
CA VAL A 261 18.74 -21.24 28.73
C VAL A 261 19.98 -22.03 29.09
N MET A 262 21.15 -21.47 28.79
CA MET A 262 22.41 -22.15 29.11
C MET A 262 22.54 -22.28 30.62
N GLN A 263 22.18 -21.22 31.32
CA GLN A 263 22.24 -21.19 32.77
C GLN A 263 21.39 -22.31 33.36
N GLY A 264 20.20 -22.50 32.78
CA GLY A 264 19.30 -23.55 33.23
C GLY A 264 19.94 -24.90 33.09
N LEU A 265 20.70 -25.07 32.00
CA LEU A 265 21.41 -26.31 31.76
C LEU A 265 22.52 -26.49 32.80
N ALA A 266 23.33 -25.46 33.00
CA ALA A 266 24.44 -25.52 33.96
C ALA A 266 23.97 -25.73 35.41
N GLU A 267 22.76 -25.30 35.73
CA GLU A 267 22.25 -25.46 37.09
C GLU A 267 21.63 -26.84 37.33
N ASP A 268 21.40 -27.59 36.27
CA ASP A 268 20.79 -28.90 36.37
C ASP A 268 21.73 -30.01 36.85
N PRO A 269 21.52 -30.51 38.08
CA PRO A 269 22.42 -31.57 38.55
C PRO A 269 22.26 -32.86 37.74
N GLU A 270 21.19 -32.97 36.98
CA GLU A 270 20.97 -34.16 36.16
C GLU A 270 21.73 -34.06 34.85
N ILE A 271 22.48 -32.96 34.70
CA ILE A 271 23.30 -32.77 33.51
C ILE A 271 24.73 -32.53 33.98
N PRO A 272 25.38 -33.59 34.52
CA PRO A 272 26.76 -33.53 35.01
C PRO A 272 27.73 -33.60 33.85
N VAL A 273 27.51 -32.74 32.86
CA VAL A 273 28.33 -32.68 31.67
C VAL A 273 28.75 -31.24 31.41
N PRO A 274 30.00 -31.03 30.96
CA PRO A 274 30.54 -29.70 30.67
C PRO A 274 29.82 -29.08 29.48
N ILE A 275 29.77 -27.76 29.45
CA ILE A 275 29.12 -27.05 28.37
C ILE A 275 30.15 -26.21 27.62
N MET A 276 30.17 -26.35 26.30
CA MET A 276 31.07 -25.61 25.45
C MET A 276 30.25 -24.57 24.71
N ALA A 277 30.43 -23.30 25.07
CA ALA A 277 29.69 -22.22 24.41
C ALA A 277 30.36 -21.80 23.12
N HIS A 278 29.62 -21.87 22.03
CA HIS A 278 30.16 -21.46 20.73
C HIS A 278 29.65 -20.04 20.48
N PRO A 279 30.46 -19.22 19.78
CA PRO A 279 30.07 -17.83 19.50
C PRO A 279 29.15 -17.64 18.30
N ALA A 280 28.62 -18.72 17.75
CA ALA A 280 27.71 -18.63 16.60
C ALA A 280 26.72 -17.51 16.82
N VAL A 281 26.60 -16.64 15.82
CA VAL A 281 25.70 -15.48 15.85
C VAL A 281 26.14 -14.32 16.75
N SER A 282 26.98 -14.58 17.73
CA SER A 282 27.42 -13.52 18.64
C SER A 282 28.03 -12.33 17.92
N GLY A 283 28.58 -12.55 16.73
CA GLY A 283 29.17 -11.46 15.98
C GLY A 283 28.13 -10.38 15.68
N ALA A 284 26.88 -10.80 15.60
CA ALA A 284 25.78 -9.88 15.34
C ALA A 284 25.71 -8.74 16.35
N PHE A 285 26.11 -9.00 17.58
CA PHE A 285 26.07 -7.95 18.58
C PHE A 285 27.36 -7.63 19.33
N THR A 286 28.49 -7.90 18.71
CA THR A 286 29.79 -7.63 19.33
C THR A 286 30.80 -7.03 18.36
N SER A 287 30.66 -7.39 17.08
CA SER A 287 31.56 -6.93 16.05
C SER A 287 31.68 -5.43 15.92
N SER A 288 30.55 -4.74 16.03
CA SER A 288 30.53 -3.29 15.92
C SER A 288 31.34 -2.63 17.02
N PRO A 289 32.13 -1.62 16.68
CA PRO A 289 32.91 -0.98 17.74
C PRO A 289 32.08 0.09 18.46
N PHE A 290 30.85 0.30 17.98
CA PHE A 290 29.97 1.33 18.53
C PHE A 290 28.67 0.85 19.17
N TYR A 291 28.23 -0.35 18.82
CA TYR A 291 26.98 -0.86 19.37
C TYR A 291 27.13 -2.23 20.00
N GLY A 292 26.04 -2.73 20.56
CA GLY A 292 26.07 -4.04 21.15
C GLY A 292 26.89 -4.22 22.41
N PHE A 293 27.59 -5.35 22.48
CA PHE A 293 28.39 -5.71 23.64
C PHE A 293 29.88 -5.86 23.33
N SER A 294 30.69 -5.77 24.37
CA SER A 294 32.12 -5.96 24.21
C SER A 294 32.26 -7.48 24.18
N HIS A 295 33.30 -7.98 23.53
CA HIS A 295 33.51 -9.41 23.46
C HIS A 295 33.77 -9.98 24.86
N ALA A 296 34.58 -9.28 25.65
CA ALA A 296 34.91 -9.73 27.00
C ALA A 296 33.69 -9.98 27.89
N LEU A 297 32.70 -9.11 27.81
CA LEU A 297 31.49 -9.23 28.61
C LEU A 297 30.65 -10.42 28.19
N LEU A 298 30.36 -10.46 26.90
CA LEU A 298 29.51 -11.48 26.31
C LEU A 298 30.16 -12.87 26.29
N LEU A 299 31.25 -13.00 25.55
CA LEU A 299 31.96 -14.27 25.43
C LEU A 299 32.76 -14.65 26.67
N GLY A 300 33.11 -13.65 27.48
CA GLY A 300 33.89 -13.92 28.67
C GLY A 300 33.11 -14.03 29.96
N LYS A 301 32.75 -12.89 30.54
CA LYS A 301 32.03 -12.88 31.80
C LYS A 301 30.67 -13.58 31.82
N LEU A 302 29.76 -13.18 30.94
CA LEU A 302 28.42 -13.74 30.93
C LEU A 302 28.39 -15.24 30.61
N ASN A 303 29.20 -15.64 29.65
CA ASN A 303 29.28 -17.04 29.28
C ASN A 303 29.72 -17.83 30.51
N ARG A 304 30.75 -17.31 31.19
CA ARG A 304 31.25 -17.97 32.39
C ARG A 304 30.21 -18.04 33.51
N TYR A 305 29.66 -16.89 33.88
CA TYR A 305 28.66 -16.85 34.94
C TYR A 305 27.46 -17.74 34.65
N CYS A 306 27.10 -17.84 33.38
CA CYS A 306 25.94 -18.63 33.03
C CYS A 306 26.16 -20.11 32.80
N GLY A 307 27.36 -20.59 33.10
CA GLY A 307 27.64 -22.01 32.97
C GLY A 307 28.54 -22.51 31.87
N ALA A 308 29.19 -21.64 31.13
CA ALA A 308 30.07 -22.11 30.07
C ALA A 308 31.38 -22.62 30.64
N ASP A 309 31.67 -23.89 30.37
CA ASP A 309 32.91 -24.50 30.83
C ASP A 309 33.98 -24.14 29.82
N PHE A 310 33.55 -23.92 28.58
CA PHE A 310 34.44 -23.53 27.49
C PHE A 310 33.79 -22.36 26.79
N SER A 311 34.61 -21.46 26.28
CA SER A 311 34.07 -20.34 25.55
C SER A 311 34.98 -20.08 24.37
N LEU A 312 34.44 -20.36 23.20
CA LEU A 312 35.17 -20.18 21.96
C LEU A 312 35.09 -18.76 21.45
N PHE A 313 36.17 -18.30 20.81
CA PHE A 313 36.22 -16.98 20.23
C PHE A 313 37.35 -16.93 19.20
N PRO A 314 37.26 -16.00 18.24
CA PRO A 314 38.31 -15.90 17.23
C PRO A 314 39.63 -15.46 17.85
N SER A 315 40.72 -16.18 17.55
CA SER A 315 42.01 -15.80 18.10
C SER A 315 42.40 -14.48 17.44
N PRO A 316 43.50 -13.87 17.89
CA PRO A 316 43.91 -12.60 17.30
C PRO A 316 44.66 -12.77 15.97
N TYR A 317 44.94 -14.02 15.59
CA TYR A 317 45.73 -14.25 14.39
C TYR A 317 45.14 -15.03 13.22
N GLY A 318 43.93 -15.55 13.35
CA GLY A 318 43.38 -16.32 12.25
C GLY A 318 42.67 -15.59 11.14
N SER A 319 42.05 -16.37 10.26
CA SER A 319 41.27 -15.91 9.11
C SER A 319 40.34 -14.79 9.58
N VAL A 320 39.50 -15.13 10.56
CA VAL A 320 38.59 -14.17 11.15
C VAL A 320 39.29 -13.99 12.49
N ALA A 321 39.44 -12.76 12.94
CA ALA A 321 40.15 -12.53 14.18
C ALA A 321 39.56 -11.44 15.04
N LEU A 322 40.08 -11.35 16.25
CA LEU A 322 39.66 -10.36 17.21
C LEU A 322 40.93 -9.57 17.54
N PRO A 323 40.79 -8.28 17.86
CA PRO A 323 41.99 -7.50 18.19
C PRO A 323 42.56 -8.12 19.47
N ARG A 324 43.87 -8.28 19.55
CA ARG A 324 44.47 -8.88 20.73
C ARG A 324 43.81 -8.42 22.02
N ALA A 325 43.72 -7.09 22.19
CA ALA A 325 43.11 -6.51 23.38
C ALA A 325 41.81 -7.24 23.77
N ASP A 326 40.94 -7.47 22.79
CA ASP A 326 39.67 -8.15 23.06
C ASP A 326 39.88 -9.62 23.41
N ALA A 327 40.78 -10.28 22.69
CA ALA A 327 41.05 -11.68 22.97
C ALA A 327 41.58 -11.83 24.39
N LEU A 328 42.58 -11.02 24.74
CA LEU A 328 43.17 -11.05 26.07
C LEU A 328 42.13 -10.80 27.17
N ALA A 329 41.22 -9.86 26.90
CA ALA A 329 40.18 -9.53 27.87
C ALA A 329 39.26 -10.70 28.11
N ILE A 330 38.90 -11.43 27.05
CA ILE A 330 38.02 -12.58 27.23
C ILE A 330 38.70 -13.60 28.11
N HIS A 331 39.97 -13.86 27.82
CA HIS A 331 40.72 -14.81 28.60
C HIS A 331 40.73 -14.38 30.08
N GLU A 332 41.07 -13.11 30.32
CA GLU A 332 41.10 -12.60 31.69
C GLU A 332 39.76 -12.82 32.39
N GLU A 333 38.65 -12.61 31.68
CA GLU A 333 37.33 -12.80 32.28
C GLU A 333 37.05 -14.26 32.61
N CYS A 334 37.59 -15.16 31.80
CA CYS A 334 37.41 -16.61 31.97
C CYS A 334 38.20 -17.20 33.13
N VAL A 335 39.36 -16.60 33.39
CA VAL A 335 40.27 -17.10 34.42
C VAL A 335 40.34 -16.35 35.74
N ARG A 336 39.96 -15.08 35.75
CA ARG A 336 40.03 -14.30 36.99
C ARG A 336 39.36 -14.96 38.17
N GLU A 337 39.98 -14.82 39.35
CA GLU A 337 39.39 -15.39 40.55
C GLU A 337 38.04 -14.72 40.72
N ASP A 338 37.02 -15.53 41.01
CA ASP A 338 35.67 -15.02 41.19
C ASP A 338 34.85 -16.13 41.85
N ALA A 339 33.63 -15.80 42.25
CA ALA A 339 32.77 -16.77 42.91
C ALA A 339 32.19 -17.75 41.89
N PHE A 340 33.05 -18.24 41.00
CA PHE A 340 32.64 -19.19 39.97
C PHE A 340 33.86 -19.98 39.53
N ASN A 341 33.65 -21.18 39.02
CA ASN A 341 34.78 -21.94 38.51
C ASN A 341 35.29 -21.15 37.30
N GLN A 342 36.58 -21.29 37.00
CA GLN A 342 37.16 -20.59 35.87
C GLN A 342 36.72 -21.25 34.57
N THR A 343 36.56 -20.46 33.52
CA THR A 343 36.18 -20.99 32.22
C THR A 343 37.42 -21.16 31.33
N PHE A 344 37.41 -22.21 30.51
CA PHE A 344 38.50 -22.46 29.59
C PHE A 344 38.29 -21.60 28.35
N ALA A 345 39.19 -20.65 28.13
CA ALA A 345 39.11 -19.78 26.96
C ALA A 345 39.63 -20.59 25.79
N VAL A 346 38.96 -20.49 24.65
CA VAL A 346 39.35 -21.26 23.48
C VAL A 346 39.49 -20.46 22.17
N PRO A 347 40.67 -19.85 21.94
CA PRO A 347 40.88 -19.06 20.71
C PRO A 347 40.70 -20.04 19.55
N SER A 348 40.00 -19.62 18.49
CA SER A 348 39.69 -20.52 17.37
C SER A 348 40.01 -20.02 15.93
N ALA A 349 39.01 -20.09 15.06
CA ALA A 349 39.09 -19.67 13.65
C ALA A 349 40.42 -19.67 12.92
N GLY A 350 40.62 -20.65 12.07
CA GLY A 350 41.84 -20.75 11.27
C GLY A 350 43.19 -20.59 11.93
N ILE A 351 43.40 -21.29 13.04
CA ILE A 351 44.70 -21.23 13.71
C ILE A 351 45.57 -22.28 13.07
N HIS A 352 46.86 -21.98 12.98
CA HIS A 352 47.83 -22.90 12.39
C HIS A 352 48.97 -23.04 13.41
N PRO A 353 49.76 -24.12 13.33
CA PRO A 353 50.86 -24.37 14.25
C PRO A 353 51.81 -23.21 14.53
N GLY A 354 52.19 -22.48 13.48
CA GLY A 354 53.11 -21.36 13.66
C GLY A 354 52.60 -20.30 14.61
N MET A 355 51.30 -20.34 14.90
CA MET A 355 50.69 -19.36 15.79
C MET A 355 50.71 -19.74 17.27
N VAL A 356 50.95 -21.02 17.56
CA VAL A 356 50.97 -21.47 18.95
C VAL A 356 51.87 -20.63 19.86
N PRO A 357 53.11 -20.32 19.45
CA PRO A 357 53.96 -19.52 20.34
C PRO A 357 53.27 -18.20 20.70
N LEU A 358 52.59 -17.61 19.72
CA LEU A 358 51.88 -16.36 19.94
C LEU A 358 50.74 -16.61 20.92
N LEU A 359 49.92 -17.61 20.61
CA LEU A 359 48.78 -17.97 21.46
C LEU A 359 49.22 -18.26 22.88
N MET A 360 50.34 -18.97 23.02
CA MET A 360 50.81 -19.31 24.35
C MET A 360 51.42 -18.13 25.09
N ARG A 361 51.96 -17.16 24.36
CA ARG A 361 52.54 -15.99 24.98
C ARG A 361 51.44 -15.17 25.63
N ASP A 362 50.34 -15.00 24.91
CA ASP A 362 49.21 -14.21 25.37
C ASP A 362 48.33 -14.86 26.44
N PHE A 363 47.94 -16.11 26.20
CA PHE A 363 47.04 -16.81 27.10
C PHE A 363 47.61 -17.69 28.18
N GLY A 364 48.92 -17.93 28.15
CA GLY A 364 49.52 -18.77 29.17
C GLY A 364 49.14 -20.22 28.94
N ILE A 365 49.12 -21.01 30.00
CA ILE A 365 48.79 -22.42 29.83
C ILE A 365 47.32 -22.75 30.02
N ASP A 366 46.56 -21.86 30.65
CA ASP A 366 45.14 -22.13 30.86
C ASP A 366 44.23 -21.62 29.74
N HIS A 367 44.33 -22.26 28.60
CA HIS A 367 43.51 -21.95 27.44
C HIS A 367 43.57 -23.17 26.54
N ILE A 368 42.70 -23.24 25.55
CA ILE A 368 42.69 -24.39 24.65
C ILE A 368 42.87 -23.88 23.22
N ILE A 369 43.83 -24.46 22.52
CA ILE A 369 44.10 -24.07 21.15
C ILE A 369 43.20 -24.87 20.23
N ASN A 370 42.23 -24.16 19.64
CA ASN A 370 41.28 -24.77 18.72
C ASN A 370 41.85 -24.82 17.30
N ALA A 371 42.44 -25.95 16.93
CA ALA A 371 43.00 -26.13 15.61
C ALA A 371 41.91 -26.24 14.54
N GLY A 372 40.66 -26.17 14.97
CA GLY A 372 39.55 -26.26 14.03
C GLY A 372 39.60 -27.44 13.06
N GLY A 373 38.95 -27.30 11.91
CA GLY A 373 38.92 -28.36 10.93
C GLY A 373 40.15 -28.36 10.04
N GLY A 374 40.97 -27.32 10.13
CA GLY A 374 42.18 -27.21 9.32
C GLY A 374 43.10 -28.39 9.47
N VAL A 375 42.99 -29.05 10.61
CA VAL A 375 43.79 -30.22 10.92
C VAL A 375 43.68 -31.29 9.81
N HIS A 376 42.51 -31.42 9.20
CA HIS A 376 42.31 -32.40 8.14
C HIS A 376 43.00 -32.05 6.83
N GLY A 377 43.37 -30.78 6.67
CA GLY A 377 44.04 -30.36 5.45
C GLY A 377 45.53 -30.63 5.47
N HIS A 378 46.02 -31.16 6.58
CA HIS A 378 47.44 -31.47 6.71
C HIS A 378 47.79 -32.58 5.75
N PRO A 379 48.98 -32.52 5.13
CA PRO A 379 49.41 -33.56 4.19
C PRO A 379 49.29 -34.96 4.77
N ASN A 380 49.57 -35.08 6.07
CA ASN A 380 49.51 -36.38 6.74
C ASN A 380 48.17 -36.62 7.42
N GLY A 381 47.15 -35.89 6.99
CA GLY A 381 45.82 -36.05 7.55
C GLY A 381 45.63 -35.43 8.91
N ALA A 382 44.47 -35.66 9.51
CA ALA A 382 44.18 -35.11 10.82
C ALA A 382 45.24 -35.54 11.83
N GLN A 383 45.78 -36.75 11.67
CA GLN A 383 46.81 -37.21 12.60
C GLN A 383 48.02 -36.28 12.56
N GLY A 384 48.47 -35.95 11.35
CA GLY A 384 49.62 -35.07 11.23
C GLY A 384 49.33 -33.66 11.70
N GLY A 385 48.11 -33.18 11.47
CA GLY A 385 47.75 -31.84 11.90
C GLY A 385 47.77 -31.76 13.42
N GLY A 386 47.18 -32.77 14.07
CA GLY A 386 47.17 -32.82 15.52
C GLY A 386 48.57 -32.91 16.09
N ARG A 387 49.38 -33.81 15.55
CA ARG A 387 50.75 -33.97 16.02
C ARG A 387 51.59 -32.71 15.74
N ALA A 388 51.26 -31.99 14.67
CA ALA A 388 51.99 -30.77 14.37
C ALA A 388 51.72 -29.81 15.52
N PHE A 389 50.45 -29.70 15.91
CA PHE A 389 50.09 -28.81 17.02
C PHE A 389 50.66 -29.25 18.36
N ARG A 390 50.54 -30.54 18.68
CA ARG A 390 51.06 -31.05 19.95
C ARG A 390 52.56 -30.85 20.07
N ALA A 391 53.26 -31.00 18.95
CA ALA A 391 54.71 -30.86 18.93
C ALA A 391 55.17 -29.44 19.22
N ILE A 392 54.54 -28.45 18.61
CA ILE A 392 54.99 -27.10 18.85
C ILE A 392 54.62 -26.56 20.24
N ILE A 393 53.47 -26.95 20.76
CA ILE A 393 53.10 -26.48 22.10
C ILE A 393 54.13 -27.05 23.08
N ASP A 394 54.61 -28.27 22.81
CA ASP A 394 55.62 -28.89 23.67
C ASP A 394 56.94 -28.15 23.53
N ALA A 395 57.29 -27.82 22.29
CA ALA A 395 58.52 -27.11 22.02
C ALA A 395 58.53 -25.80 22.81
N VAL A 396 57.41 -25.10 22.77
CA VAL A 396 57.28 -23.83 23.50
C VAL A 396 57.43 -24.04 25.00
N LEU A 397 56.79 -25.06 25.53
CA LEU A 397 56.87 -25.31 26.96
C LEU A 397 58.29 -25.71 27.37
N GLU A 398 58.96 -26.48 26.52
CA GLU A 398 60.32 -26.95 26.80
C GLU A 398 61.39 -25.95 26.37
N ALA A 399 60.96 -24.80 25.85
CA ALA A 399 61.89 -23.76 25.41
C ALA A 399 62.85 -24.32 24.35
N GLN A 400 62.36 -25.26 23.55
CA GLN A 400 63.15 -25.86 22.48
C GLN A 400 62.93 -25.07 21.20
N PRO A 401 64.03 -24.75 20.49
CA PRO A 401 63.94 -24.01 19.23
C PRO A 401 62.99 -24.72 18.27
N ILE A 402 61.98 -24.01 17.78
CA ILE A 402 61.00 -24.62 16.90
C ILE A 402 61.61 -25.30 15.69
N ASP A 403 62.67 -24.72 15.15
CA ASP A 403 63.36 -25.29 13.99
C ASP A 403 63.83 -26.70 14.36
N GLU A 404 64.38 -26.81 15.56
CA GLU A 404 64.89 -28.08 16.07
C GLU A 404 63.77 -29.09 16.22
N LYS A 405 62.63 -28.64 16.72
CA LYS A 405 61.48 -29.50 16.88
C LYS A 405 60.96 -29.92 15.51
N ALA A 406 60.96 -28.96 14.58
CA ALA A 406 60.51 -29.20 13.22
C ALA A 406 61.33 -30.31 12.54
N GLU A 407 62.58 -30.46 12.97
CA GLU A 407 63.46 -31.47 12.40
C GLU A 407 63.22 -32.86 12.98
N GLN A 408 62.67 -32.91 14.18
CA GLN A 408 62.41 -34.19 14.84
C GLN A 408 61.01 -34.71 14.57
N CYS A 409 60.11 -33.80 14.23
CA CYS A 409 58.71 -34.13 13.93
C CYS A 409 58.42 -33.57 12.55
N LYS A 410 58.37 -34.45 11.55
CA LYS A 410 58.13 -34.01 10.19
C LYS A 410 56.76 -33.35 10.05
N ASP A 411 55.78 -33.87 10.79
CA ASP A 411 54.44 -33.31 10.75
C ASP A 411 54.44 -31.82 11.08
N LEU A 412 55.22 -31.44 12.08
CA LEU A 412 55.31 -30.02 12.43
C LEU A 412 55.94 -29.25 11.29
N LYS A 413 57.06 -29.74 10.78
CA LYS A 413 57.75 -29.06 9.68
C LYS A 413 56.84 -28.86 8.48
N LEU A 414 56.07 -29.89 8.14
CA LEU A 414 55.15 -29.80 7.00
C LEU A 414 54.13 -28.69 7.25
N ALA A 415 53.57 -28.67 8.45
CA ALA A 415 52.58 -27.65 8.81
C ALA A 415 53.17 -26.25 8.76
N LEU A 416 54.41 -26.11 9.23
CA LEU A 416 55.06 -24.80 9.24
C LEU A 416 55.42 -24.34 7.83
N ASP A 417 55.85 -25.27 6.98
CA ASP A 417 56.17 -24.91 5.61
C ASP A 417 54.92 -24.49 4.86
N LYS A 418 53.79 -25.16 5.14
CA LYS A 418 52.53 -24.82 4.47
C LYS A 418 51.88 -23.53 4.93
N TRP A 419 51.80 -23.36 6.25
CA TRP A 419 51.15 -22.20 6.81
C TRP A 419 52.07 -21.07 7.25
N GLY A 420 53.36 -21.35 7.32
CA GLY A 420 54.33 -20.33 7.67
C GLY A 420 54.74 -20.17 9.12
N LYS A 421 55.64 -19.21 9.31
CA LYS A 421 56.19 -18.81 10.60
C LYS A 421 56.48 -19.93 11.59
N SER B 22 12.97 -28.24 -0.74
CA SER B 22 12.78 -26.80 -0.44
C SER B 22 14.02 -26.19 0.22
N GLU B 23 14.25 -24.91 -0.04
CA GLU B 23 15.41 -24.24 0.51
C GLU B 23 14.98 -22.87 1.04
N LEU B 24 15.87 -22.19 1.75
CA LEU B 24 15.52 -20.88 2.24
C LEU B 24 16.55 -19.87 1.75
N LEU B 25 16.06 -18.72 1.32
CA LEU B 25 16.94 -17.69 0.79
C LEU B 25 17.37 -16.72 1.88
N ALA B 26 18.67 -16.46 1.93
CA ALA B 26 19.23 -15.53 2.89
C ALA B 26 19.90 -14.43 2.08
N THR B 27 19.59 -13.18 2.42
CA THR B 27 20.17 -12.04 1.74
C THR B 27 21.07 -11.30 2.73
N TYR B 28 22.32 -11.08 2.34
CA TYR B 28 23.28 -10.37 3.17
C TYR B 28 23.73 -9.08 2.53
N LEU B 29 24.16 -8.14 3.36
CA LEU B 29 24.69 -6.87 2.90
C LEU B 29 26.15 -7.00 3.27
N LEU B 30 27.03 -7.07 2.27
CA LEU B 30 28.45 -7.19 2.54
C LEU B 30 29.15 -5.85 2.31
N THR B 31 29.98 -5.45 3.27
CA THR B 31 30.72 -4.20 3.17
C THR B 31 32.21 -4.55 3.05
N GLU B 32 32.80 -4.19 1.91
CA GLU B 32 34.20 -4.49 1.63
C GLU B 32 34.39 -6.00 1.59
N PRO B 33 33.62 -6.69 0.74
CA PRO B 33 33.66 -8.15 0.58
C PRO B 33 34.82 -8.73 -0.24
N GLY B 34 35.69 -7.87 -0.77
CA GLY B 34 36.79 -8.35 -1.58
C GLY B 34 36.61 -7.85 -3.00
N ALA B 35 37.53 -8.21 -3.89
CA ALA B 35 37.44 -7.76 -5.28
C ALA B 35 36.44 -8.56 -6.13
N ASP B 36 36.35 -9.86 -5.89
CA ASP B 36 35.42 -10.67 -6.65
C ASP B 36 34.29 -11.09 -5.71
N THR B 37 33.19 -10.36 -5.79
CA THR B 37 32.04 -10.63 -4.95
C THR B 37 31.41 -11.99 -5.26
N GLU B 38 31.36 -12.36 -6.53
CA GLU B 38 30.79 -13.64 -6.92
C GLU B 38 31.59 -14.77 -6.26
N LYS B 39 32.91 -14.66 -6.29
CA LYS B 39 33.78 -15.66 -5.69
C LYS B 39 33.50 -15.72 -4.18
N LYS B 40 33.36 -14.55 -3.57
CA LYS B 40 33.07 -14.44 -2.16
C LYS B 40 31.73 -15.11 -1.84
N ALA B 41 30.74 -14.81 -2.68
CA ALA B 41 29.40 -15.36 -2.54
C ALA B 41 29.47 -16.87 -2.64
N GLU B 42 30.29 -17.36 -3.57
CA GLU B 42 30.43 -18.79 -3.75
C GLU B 42 31.15 -19.44 -2.58
N GLN B 43 32.11 -18.72 -1.99
CA GLN B 43 32.84 -19.27 -0.84
C GLN B 43 31.89 -19.38 0.35
N ILE B 44 30.99 -18.43 0.48
CA ILE B 44 30.03 -18.45 1.57
C ILE B 44 29.03 -19.59 1.33
N ALA B 45 28.53 -19.67 0.11
CA ALA B 45 27.54 -20.69 -0.28
C ALA B 45 28.01 -22.12 -0.04
N THR B 46 29.21 -22.44 -0.50
CA THR B 46 29.74 -23.79 -0.30
C THR B 46 30.31 -23.93 1.09
N GLY B 47 30.95 -22.86 1.57
CA GLY B 47 31.55 -22.87 2.89
C GLY B 47 30.61 -23.05 4.07
N LEU B 48 29.37 -22.59 3.93
CA LEU B 48 28.42 -22.75 5.02
C LEU B 48 27.52 -23.96 4.79
N THR B 49 27.87 -24.77 3.80
CA THR B 49 27.08 -25.95 3.53
C THR B 49 27.90 -27.23 3.45
N VAL B 50 28.23 -27.62 2.23
CA VAL B 50 28.97 -28.85 2.01
C VAL B 50 30.49 -28.73 2.08
N GLY B 51 31.01 -27.52 1.93
CA GLY B 51 32.45 -27.31 1.99
C GLY B 51 33.20 -27.96 0.86
N SER B 52 34.46 -28.29 1.08
CA SER B 52 35.27 -28.93 0.05
C SER B 52 35.11 -30.45 0.09
N TRP B 53 34.46 -31.00 -0.93
CA TRP B 53 34.25 -32.44 -1.01
C TRP B 53 35.21 -33.01 -2.06
N THR B 54 36.24 -32.22 -2.37
CA THR B 54 37.25 -32.57 -3.35
C THR B 54 38.01 -33.82 -2.91
N ASP B 55 37.48 -34.51 -1.91
CA ASP B 55 38.12 -35.69 -1.38
C ASP B 55 37.18 -36.89 -1.21
N LEU B 56 36.14 -37.00 -2.03
CA LEU B 56 35.23 -38.13 -1.85
C LEU B 56 35.27 -39.31 -2.83
N PRO B 57 35.32 -39.07 -4.15
CA PRO B 57 35.32 -37.80 -4.88
C PRO B 57 34.00 -37.54 -5.63
N LEU B 58 33.96 -37.84 -6.93
CA LEU B 58 32.77 -37.59 -7.74
C LEU B 58 31.70 -38.68 -7.79
N VAL B 59 31.69 -39.58 -6.80
CA VAL B 59 30.68 -40.63 -6.74
C VAL B 59 29.63 -40.21 -5.72
N LYS B 60 30.11 -39.60 -4.65
CA LYS B 60 29.24 -39.10 -3.59
C LYS B 60 28.95 -37.64 -3.86
N GLN B 61 29.90 -36.97 -4.49
CA GLN B 61 29.74 -35.56 -4.82
C GLN B 61 28.36 -35.37 -5.46
N GLU B 62 27.86 -36.44 -6.06
CA GLU B 62 26.55 -36.43 -6.71
C GLU B 62 25.46 -36.33 -5.65
N GLN B 63 25.50 -37.26 -4.68
CA GLN B 63 24.52 -37.29 -3.60
C GLN B 63 24.60 -36.08 -2.67
N MET B 64 25.70 -35.34 -2.74
CA MET B 64 25.86 -34.17 -1.88
C MET B 64 25.47 -32.87 -2.57
N GLN B 65 25.36 -32.91 -3.89
CA GLN B 65 25.00 -31.73 -4.65
C GLN B 65 23.72 -31.11 -4.13
N LYS B 66 22.89 -31.93 -3.50
CA LYS B 66 21.61 -31.46 -2.97
C LYS B 66 21.78 -30.78 -1.60
N HIS B 67 22.99 -30.80 -1.06
CA HIS B 67 23.27 -30.16 0.23
C HIS B 67 24.08 -28.89 -0.03
N LYS B 68 24.35 -28.63 -1.30
CA LYS B 68 25.15 -27.48 -1.67
C LYS B 68 24.39 -26.15 -1.69
N GLY B 69 24.97 -25.15 -1.03
CA GLY B 69 24.35 -23.84 -1.03
C GLY B 69 24.48 -23.26 -2.43
N ARG B 70 23.50 -22.49 -2.86
CA ARG B 70 23.53 -21.91 -4.20
C ARG B 70 23.43 -20.39 -4.20
N VAL B 71 24.32 -19.74 -4.93
CA VAL B 71 24.28 -18.30 -5.01
C VAL B 71 23.16 -17.93 -5.99
N ILE B 72 22.20 -17.16 -5.51
CA ILE B 72 21.06 -16.74 -6.30
C ILE B 72 21.30 -15.41 -6.99
N LYS B 73 21.91 -14.47 -6.28
CA LYS B 73 22.17 -13.16 -6.87
C LYS B 73 23.28 -12.41 -6.16
N VAL B 74 23.95 -11.54 -6.92
CA VAL B 74 25.05 -10.74 -6.44
C VAL B 74 24.99 -9.34 -7.05
N GLU B 75 24.78 -8.33 -6.22
CA GLU B 75 24.71 -6.94 -6.68
C GLU B 75 25.75 -6.12 -5.93
N GLU B 76 26.57 -5.38 -6.67
CA GLU B 76 27.62 -4.55 -6.07
C GLU B 76 27.33 -3.05 -6.11
N ARG B 77 27.95 -2.32 -5.20
CA ARG B 77 27.80 -0.87 -5.10
C ARG B 77 28.69 -0.29 -4.01
N SER B 83 30.19 5.29 0.58
CA SER B 83 31.55 5.37 1.20
C SER B 83 32.42 4.21 0.74
N GLU B 84 32.29 3.06 1.39
CA GLU B 84 33.07 1.88 1.01
C GLU B 84 32.27 0.99 0.07
N LYS B 85 32.96 0.06 -0.57
CA LYS B 85 32.34 -0.86 -1.50
C LYS B 85 31.41 -1.83 -0.79
N GLN B 86 30.17 -1.93 -1.27
CA GLN B 86 29.19 -2.82 -0.66
C GLN B 86 28.56 -3.75 -1.68
N ALA B 87 28.08 -4.89 -1.21
CA ALA B 87 27.43 -5.85 -2.08
C ALA B 87 26.26 -6.50 -1.36
N VAL B 88 25.22 -6.84 -2.12
CA VAL B 88 24.06 -7.51 -1.56
C VAL B 88 24.07 -8.89 -2.20
N ILE B 89 24.11 -9.91 -1.36
CA ILE B 89 24.16 -11.28 -1.85
C ILE B 89 23.02 -12.13 -1.31
N THR B 90 22.42 -12.94 -2.17
CA THR B 90 21.35 -13.83 -1.74
C THR B 90 21.80 -15.25 -1.99
N ILE B 91 21.73 -16.07 -0.94
CA ILE B 91 22.13 -17.48 -1.06
C ILE B 91 21.00 -18.42 -0.69
N ALA B 92 20.94 -19.57 -1.38
CA ALA B 92 19.91 -20.57 -1.14
C ALA B 92 20.50 -21.76 -0.39
N TYR B 93 19.95 -22.06 0.77
CA TYR B 93 20.45 -23.17 1.57
C TYR B 93 19.42 -24.29 1.60
N PRO B 94 19.82 -25.51 1.23
CA PRO B 94 18.88 -26.64 1.26
C PRO B 94 18.38 -26.84 2.70
N GLU B 95 17.07 -26.93 2.87
CA GLU B 95 16.51 -27.12 4.21
C GLU B 95 16.91 -28.43 4.87
N ILE B 96 17.35 -29.40 4.07
CA ILE B 96 17.77 -30.69 4.61
C ILE B 96 19.02 -30.55 5.46
N ASN B 97 19.74 -29.43 5.29
CA ASN B 97 20.97 -29.21 6.05
C ASN B 97 20.76 -28.89 7.53
N PHE B 98 19.54 -28.52 7.91
CA PHE B 98 19.28 -28.18 9.30
C PHE B 98 17.85 -28.49 9.72
N SER B 99 17.61 -28.52 11.01
CA SER B 99 16.29 -28.79 11.56
C SER B 99 15.39 -27.58 11.39
N GLN B 100 14.08 -27.80 11.42
CA GLN B 100 13.09 -26.74 11.23
C GLN B 100 12.88 -25.84 12.43
N ASP B 101 13.94 -25.20 12.91
CA ASP B 101 13.79 -24.30 14.03
C ASP B 101 14.70 -23.10 13.80
N ILE B 102 14.35 -21.99 14.44
CA ILE B 102 15.09 -20.74 14.30
C ILE B 102 16.54 -20.83 14.76
N PRO B 103 16.80 -21.45 15.92
CA PRO B 103 18.18 -21.55 16.36
C PRO B 103 19.06 -22.22 15.31
N ALA B 104 18.56 -23.30 14.73
CA ALA B 104 19.30 -24.04 13.71
C ALA B 104 19.44 -23.23 12.44
N LEU B 105 18.36 -22.54 12.09
CA LEU B 105 18.34 -21.69 10.91
C LEU B 105 19.36 -20.55 10.99
N LEU B 106 19.35 -19.80 12.09
CA LEU B 106 20.26 -18.68 12.22
C LEU B 106 21.72 -19.10 12.32
N THR B 107 21.97 -20.26 12.92
CA THR B 107 23.34 -20.74 13.05
C THR B 107 23.87 -21.13 11.68
N THR B 108 22.98 -21.67 10.84
CA THR B 108 23.35 -22.10 9.50
C THR B 108 23.70 -20.93 8.59
N VAL B 109 22.81 -19.95 8.53
CA VAL B 109 23.01 -18.81 7.64
C VAL B 109 23.82 -17.63 8.20
N PHE B 110 23.82 -17.46 9.51
CA PHE B 110 24.53 -16.33 10.10
C PHE B 110 25.26 -16.70 11.39
N GLY B 111 25.65 -17.96 11.53
CA GLY B 111 26.36 -18.39 12.72
C GLY B 111 27.78 -17.85 12.72
N LYS B 112 28.67 -18.54 12.05
CA LYS B 112 30.06 -18.13 11.96
C LYS B 112 30.20 -16.87 11.08
N LEU B 113 29.38 -16.77 10.04
CA LEU B 113 29.44 -15.59 9.15
C LEU B 113 29.32 -14.25 9.90
N SER B 114 28.54 -14.24 10.99
CA SER B 114 28.33 -13.02 11.76
C SER B 114 29.62 -12.51 12.39
N LEU B 115 30.64 -13.37 12.42
CA LEU B 115 31.92 -12.99 12.99
C LEU B 115 32.94 -12.67 11.91
N ASP B 116 32.58 -12.99 10.66
CA ASP B 116 33.46 -12.77 9.52
C ASP B 116 33.36 -11.38 8.91
N GLY B 117 34.00 -10.41 9.52
CA GLY B 117 33.97 -9.06 8.99
C GLY B 117 32.61 -8.38 8.99
N LYS B 118 32.46 -7.40 8.09
CA LYS B 118 31.22 -6.65 8.00
C LYS B 118 30.17 -7.31 7.12
N ILE B 119 29.43 -8.23 7.72
CA ILE B 119 28.37 -8.92 7.02
C ILE B 119 27.10 -8.72 7.84
N LYS B 120 26.03 -8.35 7.17
CA LYS B 120 24.78 -8.11 7.84
C LYS B 120 23.70 -8.93 7.13
N LEU B 121 22.87 -9.61 7.92
CA LEU B 121 21.79 -10.41 7.38
C LEU B 121 20.59 -9.47 7.30
N ILE B 122 20.17 -9.11 6.09
CA ILE B 122 19.06 -8.18 5.93
C ILE B 122 17.71 -8.81 5.61
N ASP B 123 17.71 -10.04 5.13
CA ASP B 123 16.45 -10.70 4.84
C ASP B 123 16.54 -12.20 4.77
N LEU B 124 15.40 -12.84 4.98
CA LEU B 124 15.29 -14.28 4.93
C LEU B 124 13.96 -14.63 4.27
N HIS B 125 14.00 -15.51 3.27
CA HIS B 125 12.79 -15.94 2.59
C HIS B 125 12.61 -17.45 2.82
N PHE B 126 11.64 -17.79 3.66
CA PHE B 126 11.35 -19.16 4.02
C PHE B 126 10.52 -19.89 2.98
N SER B 127 10.62 -21.20 2.99
CA SER B 127 9.85 -22.01 2.05
C SER B 127 8.49 -22.15 2.70
N GLU B 128 7.50 -22.58 1.93
CA GLU B 128 6.18 -22.77 2.51
C GLU B 128 6.28 -23.94 3.50
N ALA B 129 7.21 -24.86 3.26
CA ALA B 129 7.38 -25.99 4.17
C ALA B 129 7.83 -25.51 5.54
N PHE B 130 8.73 -24.53 5.58
CA PHE B 130 9.22 -24.01 6.84
C PHE B 130 8.12 -23.21 7.54
N LYS B 131 7.42 -22.39 6.78
CA LYS B 131 6.35 -21.58 7.33
C LYS B 131 5.29 -22.45 8.00
N ARG B 132 5.03 -23.63 7.44
CA ARG B 132 4.05 -24.55 8.03
C ARG B 132 4.56 -24.91 9.41
N ALA B 133 5.87 -24.94 9.58
CA ALA B 133 6.47 -25.28 10.86
C ALA B 133 6.53 -24.12 11.87
N LEU B 134 6.07 -22.94 11.46
CA LEU B 134 6.08 -21.78 12.35
C LEU B 134 4.64 -21.45 12.71
N PRO B 135 4.43 -20.82 13.88
CA PRO B 135 3.07 -20.47 14.29
C PRO B 135 2.50 -19.17 13.74
N GLY B 136 3.35 -18.15 13.64
CA GLY B 136 2.87 -16.85 13.19
C GLY B 136 2.10 -16.29 14.38
N PRO B 137 1.45 -15.12 14.25
CA PRO B 137 0.72 -14.60 15.41
C PRO B 137 -0.61 -15.34 15.66
N LYS B 138 -0.93 -15.58 16.93
CA LYS B 138 -2.16 -16.28 17.27
C LYS B 138 -3.35 -15.37 16.97
N PHE B 139 -3.21 -14.10 17.29
CA PHE B 139 -4.27 -13.12 17.06
C PHE B 139 -4.00 -12.17 15.90
N GLY B 140 -2.87 -11.47 15.96
CA GLY B 140 -2.51 -10.55 14.90
C GLY B 140 -3.42 -9.35 14.87
N VAL B 141 -3.21 -8.48 13.87
CA VAL B 141 -4.01 -7.26 13.74
C VAL B 141 -5.49 -7.53 13.86
N TYR B 142 -5.98 -8.47 13.05
CA TYR B 142 -7.40 -8.80 13.09
C TYR B 142 -7.85 -9.19 14.49
N GLY B 143 -7.15 -10.15 15.07
CA GLY B 143 -7.49 -10.62 16.41
C GLY B 143 -7.56 -9.54 17.47
N ILE B 144 -6.53 -8.70 17.57
CA ILE B 144 -6.57 -7.66 18.59
C ILE B 144 -7.64 -6.62 18.28
N ARG B 145 -7.80 -6.27 17.01
CA ARG B 145 -8.84 -5.31 16.63
C ARG B 145 -10.21 -5.90 16.97
N LYS B 146 -10.40 -7.18 16.69
CA LYS B 146 -11.67 -7.84 16.99
C LYS B 146 -11.88 -7.79 18.50
N LEU B 147 -10.79 -7.93 19.24
CA LEU B 147 -10.79 -7.92 20.69
C LEU B 147 -11.23 -6.55 21.23
N LEU B 148 -10.93 -5.50 20.48
CA LEU B 148 -11.29 -4.15 20.91
C LEU B 148 -12.55 -3.65 20.19
N GLY B 149 -12.87 -4.28 19.07
CA GLY B 149 -14.03 -3.87 18.29
C GLY B 149 -13.75 -2.58 17.55
N GLU B 150 -12.48 -2.34 17.24
CA GLU B 150 -12.09 -1.13 16.52
C GLU B 150 -11.34 -1.48 15.23
N PHE B 151 -11.95 -1.17 14.09
CA PHE B 151 -11.33 -1.50 12.80
C PHE B 151 -11.02 -0.36 11.85
N GLU B 152 -11.49 0.85 12.13
CA GLU B 152 -11.22 1.96 11.22
C GLU B 152 -10.49 3.07 11.94
N ARG B 153 -9.34 2.74 12.53
CA ARG B 153 -8.61 3.72 13.28
C ARG B 153 -7.33 3.08 13.82
N PRO B 154 -6.20 3.79 13.75
CA PRO B 154 -5.01 3.14 14.30
C PRO B 154 -5.25 3.14 15.80
N LEU B 155 -4.62 2.23 16.54
CA LEU B 155 -4.84 2.16 17.99
C LEU B 155 -3.91 3.05 18.81
N LEU B 156 -4.34 3.35 20.03
CA LEU B 156 -3.59 4.20 20.95
C LEU B 156 -3.10 3.33 22.11
N MET B 157 -1.80 3.44 22.40
CA MET B 157 -1.19 2.70 23.50
C MET B 157 -0.47 3.66 24.42
N SER B 158 -0.47 3.33 25.71
CA SER B 158 0.18 4.15 26.71
C SER B 158 0.87 3.25 27.72
N ILE B 159 1.68 3.84 28.59
CA ILE B 159 2.41 3.10 29.62
C ILE B 159 2.30 3.84 30.96
N PHE B 160 2.62 3.16 32.06
CA PHE B 160 2.54 3.76 33.39
C PHE B 160 3.59 4.85 33.59
N LYS B 161 3.31 5.79 34.49
CA LYS B 161 4.21 6.92 34.76
C LYS B 161 5.38 6.60 35.69
N GLY B 162 5.07 6.39 36.96
CA GLY B 162 6.12 6.10 37.92
C GLY B 162 5.81 4.88 38.75
N VAL B 163 5.89 3.71 38.10
CA VAL B 163 5.63 2.46 38.79
C VAL B 163 6.97 1.76 39.06
N ILE B 164 7.08 0.45 38.81
CA ILE B 164 8.32 -0.28 39.08
C ILE B 164 8.77 0.11 40.48
N GLY B 165 7.87 -0.09 41.44
CA GLY B 165 8.13 0.26 42.82
C GLY B 165 6.83 0.84 43.34
N ARG B 166 5.80 0.76 42.51
CA ARG B 166 4.48 1.26 42.83
C ARG B 166 3.57 0.15 43.32
N ASP B 167 2.46 0.53 43.95
CA ASP B 167 1.49 -0.42 44.49
C ASP B 167 0.31 -0.60 43.52
N LEU B 168 -0.55 -1.57 43.83
CA LEU B 168 -1.71 -1.85 42.99
C LEU B 168 -2.64 -0.67 42.78
N SER B 169 -2.79 0.17 43.80
CA SER B 169 -3.68 1.33 43.70
C SER B 169 -3.25 2.32 42.63
N ASP B 170 -1.95 2.59 42.57
CA ASP B 170 -1.41 3.51 41.59
C ASP B 170 -1.63 2.92 40.19
N ILE B 171 -1.58 1.60 40.10
CA ILE B 171 -1.79 0.90 38.83
C ILE B 171 -3.28 0.97 38.44
N LYS B 172 -4.15 0.68 39.41
CA LYS B 172 -5.58 0.71 39.15
C LYS B 172 -6.07 2.11 38.79
N GLU B 173 -5.41 3.13 39.34
CA GLU B 173 -5.77 4.51 39.06
C GLU B 173 -5.21 4.94 37.69
N GLN B 174 -3.99 4.50 37.38
CA GLN B 174 -3.41 4.87 36.10
C GLN B 174 -4.15 4.18 34.96
N LEU B 175 -4.63 2.97 35.21
CA LEU B 175 -5.38 2.25 34.20
C LEU B 175 -6.68 3.01 33.93
N ARG B 176 -7.33 3.39 35.03
CA ARG B 176 -8.59 4.12 34.99
C ARG B 176 -8.46 5.44 34.20
N GLN B 177 -7.43 6.23 34.52
CA GLN B 177 -7.21 7.50 33.84
C GLN B 177 -6.92 7.35 32.33
N GLN B 178 -6.03 6.42 32.00
CA GLN B 178 -5.68 6.20 30.61
C GLN B 178 -6.84 5.58 29.83
N ALA B 179 -7.59 4.70 30.48
CA ALA B 179 -8.72 4.05 29.83
C ALA B 179 -9.75 5.09 29.48
N LEU B 180 -10.13 5.90 30.47
CA LEU B 180 -11.12 6.94 30.28
C LEU B 180 -10.65 7.98 29.25
N GLY B 181 -9.34 8.05 29.04
CA GLY B 181 -8.79 8.98 28.08
C GLY B 181 -8.89 8.45 26.66
N GLY B 182 -9.40 7.23 26.53
CA GLY B 182 -9.56 6.63 25.22
C GLY B 182 -8.40 5.78 24.76
N VAL B 183 -7.48 5.45 25.66
CA VAL B 183 -6.33 4.64 25.30
C VAL B 183 -6.84 3.22 25.05
N ASP B 184 -6.38 2.61 23.96
CA ASP B 184 -6.81 1.27 23.59
C ASP B 184 -6.07 0.18 24.35
N LEU B 185 -4.84 0.45 24.74
CA LEU B 185 -4.10 -0.55 25.50
C LEU B 185 -2.95 0.05 26.29
N ILE B 186 -2.79 -0.47 27.49
CA ILE B 186 -1.77 -0.03 28.43
C ILE B 186 -0.84 -1.19 28.69
N LYS B 187 0.45 -0.90 28.78
CA LYS B 187 1.44 -1.94 29.02
C LYS B 187 2.31 -1.60 30.22
N ASP B 188 2.81 -2.62 30.91
CA ASP B 188 3.71 -2.38 32.03
C ASP B 188 5.02 -1.87 31.41
N ASP B 189 5.97 -1.47 32.25
CA ASP B 189 7.25 -1.07 31.72
C ASP B 189 7.88 -2.44 31.49
N GLU B 190 8.77 -2.56 30.51
CA GLU B 190 9.40 -3.86 30.28
C GLU B 190 10.39 -4.12 31.40
N ILE B 191 10.55 -3.14 32.28
CA ILE B 191 11.47 -3.26 33.41
C ILE B 191 10.71 -3.51 34.72
N PHE B 192 9.44 -3.86 34.62
CA PHE B 192 8.64 -4.14 35.80
C PHE B 192 8.64 -5.65 36.08
N PHE B 193 9.44 -6.05 37.06
CA PHE B 193 9.56 -7.46 37.41
C PHE B 193 8.84 -7.81 38.72
N GLU B 194 8.99 -9.07 39.15
CA GLU B 194 8.35 -9.54 40.38
C GLU B 194 8.53 -8.59 41.57
N THR B 195 7.42 -8.03 42.04
CA THR B 195 7.40 -7.11 43.17
C THR B 195 6.35 -7.52 44.19
N GLY B 196 6.71 -7.47 45.48
CA GLY B 196 5.79 -7.85 46.53
C GLY B 196 4.49 -7.06 46.60
N LEU B 197 4.57 -5.78 46.22
CA LEU B 197 3.39 -4.92 46.25
C LEU B 197 2.39 -5.28 45.15
N ALA B 198 2.86 -5.31 43.90
CA ALA B 198 2.00 -5.62 42.76
C ALA B 198 2.46 -6.85 41.99
N PRO B 199 2.16 -8.05 42.51
CA PRO B 199 2.54 -9.30 41.86
C PRO B 199 1.80 -9.60 40.55
N PHE B 200 2.53 -10.16 39.60
CA PHE B 200 2.03 -10.53 38.27
C PHE B 200 0.54 -10.89 38.19
N GLU B 201 0.14 -11.96 38.88
CA GLU B 201 -1.25 -12.41 38.86
C GLU B 201 -2.24 -11.40 39.41
N THR B 202 -1.88 -10.75 40.51
CA THR B 202 -2.77 -9.76 41.09
C THR B 202 -2.97 -8.59 40.12
N ARG B 203 -1.88 -8.12 39.52
CA ARG B 203 -1.98 -7.02 38.56
C ARG B 203 -3.01 -7.39 37.50
N ILE B 204 -2.80 -8.55 36.87
CA ILE B 204 -3.71 -9.03 35.85
C ILE B 204 -5.16 -9.01 36.33
N ALA B 205 -5.38 -9.53 37.53
CA ALA B 205 -6.72 -9.59 38.09
C ALA B 205 -7.30 -8.21 38.39
N GLU B 206 -6.51 -7.33 38.99
CA GLU B 206 -6.99 -6.00 39.32
C GLU B 206 -7.16 -5.17 38.06
N GLY B 207 -6.15 -5.18 37.20
CA GLY B 207 -6.24 -4.43 35.97
C GLY B 207 -7.43 -4.83 35.13
N LYS B 208 -7.80 -6.10 35.20
CA LYS B 208 -8.90 -6.60 34.41
C LYS B 208 -10.22 -6.03 34.89
N GLN B 209 -10.39 -5.96 36.20
CA GLN B 209 -11.62 -5.44 36.78
C GLN B 209 -11.84 -3.95 36.47
N ILE B 210 -10.81 -3.14 36.72
CA ILE B 210 -10.90 -1.71 36.49
C ILE B 210 -11.22 -1.40 35.02
N LEU B 211 -10.69 -2.23 34.12
CA LEU B 211 -10.93 -2.05 32.69
C LEU B 211 -12.34 -2.48 32.31
N LYS B 212 -12.90 -3.42 33.04
CA LYS B 212 -14.27 -3.85 32.77
C LYS B 212 -15.16 -2.68 33.18
N GLU B 213 -14.79 -2.01 34.27
CA GLU B 213 -15.52 -0.86 34.79
C GLU B 213 -15.50 0.35 33.86
N THR B 214 -14.32 0.70 33.34
CA THR B 214 -14.23 1.85 32.46
C THR B 214 -15.02 1.59 31.19
N TYR B 215 -15.06 0.32 30.77
CA TYR B 215 -15.78 -0.05 29.58
C TYR B 215 -17.27 0.13 29.81
N GLU B 216 -17.73 -0.34 30.98
CA GLU B 216 -19.13 -0.24 31.32
C GLU B 216 -19.61 1.21 31.28
N GLN B 217 -18.74 2.13 31.70
CA GLN B 217 -19.12 3.54 31.74
C GLN B 217 -18.80 4.37 30.49
N THR B 218 -18.07 3.81 29.53
CA THR B 218 -17.74 4.57 28.33
C THR B 218 -18.00 3.86 27.01
N GLY B 219 -18.20 2.55 27.04
CA GLY B 219 -18.43 1.82 25.81
C GLY B 219 -17.14 1.68 25.03
N HIS B 220 -16.05 2.10 25.67
CA HIS B 220 -14.73 2.03 25.06
C HIS B 220 -13.96 0.89 25.70
N LYS B 221 -13.48 -0.04 24.89
CA LYS B 221 -12.72 -1.17 25.42
C LYS B 221 -11.23 -0.83 25.47
N THR B 222 -10.53 -1.42 26.43
CA THR B 222 -9.10 -1.18 26.55
C THR B 222 -8.42 -2.41 27.16
N LEU B 223 -7.28 -2.78 26.60
CA LEU B 223 -6.54 -3.95 27.04
C LEU B 223 -5.30 -3.61 27.85
N TYR B 224 -4.90 -4.54 28.72
CA TYR B 224 -3.74 -4.37 29.57
C TYR B 224 -2.66 -5.42 29.31
N ALA B 225 -1.51 -4.96 28.80
CA ALA B 225 -0.37 -5.82 28.48
C ALA B 225 0.55 -5.92 29.69
N VAL B 226 0.62 -7.10 30.28
CA VAL B 226 1.43 -7.30 31.47
C VAL B 226 2.76 -7.97 31.14
N ASN B 227 3.82 -7.51 31.80
CA ASN B 227 5.16 -8.03 31.56
C ASN B 227 5.33 -9.47 32.02
N LEU B 228 5.74 -10.34 31.10
CA LEU B 228 5.96 -11.76 31.38
C LEU B 228 7.46 -11.95 31.55
N THR B 229 7.90 -12.18 32.78
CA THR B 229 9.33 -12.33 33.06
C THR B 229 9.67 -13.60 33.82
N GLY B 230 10.93 -13.69 34.25
CA GLY B 230 11.39 -14.83 35.00
C GLY B 230 12.32 -15.71 34.20
N ARG B 231 12.66 -16.87 34.75
CA ARG B 231 13.54 -17.78 34.05
C ARG B 231 12.78 -18.37 32.86
N THR B 232 13.50 -18.66 31.77
CA THR B 232 12.91 -19.22 30.56
C THR B 232 12.08 -20.45 30.88
N ALA B 233 12.66 -21.33 31.68
CA ALA B 233 12.00 -22.57 32.07
C ALA B 233 10.67 -22.37 32.78
N ASP B 234 10.43 -21.16 33.30
CA ASP B 234 9.18 -20.89 34.01
C ASP B 234 8.14 -20.11 33.19
N LEU B 235 8.54 -19.64 32.02
CA LEU B 235 7.64 -18.85 31.18
C LEU B 235 6.36 -19.54 30.78
N LYS B 236 6.44 -20.78 30.33
CA LYS B 236 5.25 -21.50 29.89
C LYS B 236 4.17 -21.58 30.95
N ASP B 237 4.50 -22.12 32.12
CA ASP B 237 3.50 -22.25 33.16
C ASP B 237 3.00 -20.89 33.61
N LYS B 238 3.90 -19.92 33.65
CA LYS B 238 3.54 -18.57 34.05
C LYS B 238 2.58 -17.95 33.05
N ALA B 239 2.81 -18.18 31.77
CA ALA B 239 1.93 -17.63 30.74
C ALA B 239 0.61 -18.41 30.72
N ARG B 240 0.66 -19.72 30.93
CA ARG B 240 -0.57 -20.50 30.95
C ARG B 240 -1.42 -20.00 32.11
N ARG B 241 -0.74 -19.54 33.17
CA ARG B 241 -1.44 -19.00 34.34
C ARG B 241 -2.06 -17.64 34.04
N ALA B 242 -1.42 -16.86 33.18
CA ALA B 242 -1.95 -15.54 32.81
C ALA B 242 -3.24 -15.74 32.00
N ALA B 243 -3.19 -16.71 31.10
CA ALA B 243 -4.33 -17.04 30.26
C ALA B 243 -5.56 -17.35 31.10
N GLU B 244 -5.41 -18.22 32.09
CA GLU B 244 -6.53 -18.59 32.95
C GLU B 244 -7.08 -17.36 33.69
N LEU B 245 -6.20 -16.41 33.99
CA LEU B 245 -6.59 -15.20 34.72
C LEU B 245 -7.25 -14.14 33.85
N GLY B 246 -7.22 -14.33 32.54
CA GLY B 246 -7.84 -13.36 31.65
C GLY B 246 -6.90 -12.29 31.13
N ALA B 247 -5.59 -12.49 31.28
CA ALA B 247 -4.61 -11.52 30.79
C ALA B 247 -4.98 -11.11 29.36
N ASP B 248 -4.90 -9.81 29.08
CA ASP B 248 -5.24 -9.32 27.75
C ASP B 248 -4.11 -9.51 26.77
N ALA B 249 -2.88 -9.47 27.26
CA ALA B 249 -1.73 -9.61 26.42
C ALA B 249 -0.50 -9.75 27.29
N LEU B 250 0.50 -10.42 26.77
CA LEU B 250 1.73 -10.63 27.50
C LEU B 250 2.87 -9.83 26.85
N LEU B 251 3.39 -8.86 27.58
CA LEU B 251 4.52 -8.08 27.10
C LEU B 251 5.71 -9.01 27.29
N PHE B 252 6.42 -9.30 26.22
CA PHE B 252 7.56 -10.22 26.29
C PHE B 252 8.83 -9.66 25.66
N ASN B 253 9.90 -9.58 26.45
CA ASN B 253 11.19 -9.09 25.95
C ASN B 253 11.89 -10.25 25.23
N VAL B 254 11.41 -10.56 24.04
CA VAL B 254 11.94 -11.67 23.24
C VAL B 254 13.45 -11.74 23.02
N PHE B 255 14.10 -10.59 22.88
CA PHE B 255 15.53 -10.60 22.65
C PHE B 255 16.37 -10.76 23.89
N ALA B 256 15.69 -11.02 25.00
CA ALA B 256 16.35 -11.25 26.28
C ALA B 256 16.23 -12.75 26.56
N TYR B 257 15.40 -13.42 25.77
CA TYR B 257 15.18 -14.85 25.93
C TYR B 257 15.49 -15.64 24.65
N GLY B 258 15.08 -15.10 23.51
CA GLY B 258 15.31 -15.77 22.24
C GLY B 258 14.02 -15.96 21.47
N LEU B 259 14.10 -15.81 20.15
CA LEU B 259 12.95 -15.97 19.28
C LEU B 259 12.32 -17.35 19.45
N ASP B 260 13.16 -18.34 19.68
CA ASP B 260 12.67 -19.70 19.83
C ASP B 260 11.79 -19.85 21.04
N VAL B 261 12.08 -19.09 22.09
CA VAL B 261 11.28 -19.16 23.29
C VAL B 261 9.90 -18.57 23.03
N MET B 262 9.87 -17.41 22.39
CA MET B 262 8.58 -16.78 22.09
C MET B 262 7.79 -17.71 21.20
N GLN B 263 8.46 -18.33 20.25
CA GLN B 263 7.80 -19.26 19.36
C GLN B 263 7.11 -20.36 20.17
N GLY B 264 7.80 -20.89 21.18
CA GLY B 264 7.25 -21.93 22.02
C GLY B 264 5.98 -21.48 22.71
N LEU B 265 5.95 -20.21 23.09
CA LEU B 265 4.80 -19.62 23.75
C LEU B 265 3.64 -19.51 22.74
N ALA B 266 3.92 -18.85 21.62
CA ALA B 266 2.93 -18.66 20.56
C ALA B 266 2.33 -19.95 20.05
N GLU B 267 3.10 -21.04 20.10
CA GLU B 267 2.61 -22.33 19.62
C GLU B 267 1.71 -23.04 20.63
N ASP B 268 1.83 -22.67 21.90
CA ASP B 268 1.05 -23.29 22.96
C ASP B 268 -0.42 -22.85 22.95
N PRO B 269 -1.34 -23.79 22.65
CA PRO B 269 -2.76 -23.42 22.63
C PRO B 269 -3.32 -23.12 24.03
N GLU B 270 -2.55 -23.43 25.07
CA GLU B 270 -2.98 -23.17 26.43
C GLU B 270 -2.61 -21.77 26.87
N ILE B 271 -2.10 -21.00 25.92
CA ILE B 271 -1.75 -19.60 26.13
C ILE B 271 -2.49 -18.85 25.03
N PRO B 272 -3.83 -18.88 25.06
CA PRO B 272 -4.60 -18.18 24.02
C PRO B 272 -4.57 -16.69 24.35
N VAL B 273 -3.35 -16.15 24.41
CA VAL B 273 -3.15 -14.75 24.75
C VAL B 273 -2.18 -14.08 23.78
N PRO B 274 -2.53 -12.89 23.28
CA PRO B 274 -1.64 -12.20 22.35
C PRO B 274 -0.30 -11.86 22.99
N ILE B 275 0.76 -11.91 22.19
CA ILE B 275 2.09 -11.61 22.68
C ILE B 275 2.59 -10.29 22.11
N MET B 276 3.08 -9.42 22.97
CA MET B 276 3.61 -8.13 22.58
C MET B 276 5.12 -8.12 22.74
N ALA B 277 5.82 -8.16 21.62
CA ALA B 277 7.27 -8.18 21.60
C ALA B 277 7.90 -6.81 21.79
N HIS B 278 8.70 -6.66 22.84
CA HIS B 278 9.39 -5.41 23.10
C HIS B 278 10.76 -5.58 22.48
N PRO B 279 11.30 -4.52 21.84
CA PRO B 279 12.60 -4.55 21.20
C PRO B 279 13.82 -4.46 22.11
N ALA B 280 13.61 -4.55 23.42
CA ALA B 280 14.73 -4.45 24.36
C ALA B 280 15.89 -5.33 23.97
N VAL B 281 17.09 -4.76 24.06
CA VAL B 281 18.34 -5.45 23.74
C VAL B 281 18.61 -5.61 22.23
N SER B 282 17.56 -5.46 21.42
CA SER B 282 17.70 -5.64 19.97
C SER B 282 18.59 -4.61 19.27
N GLY B 283 18.72 -3.42 19.85
CA GLY B 283 19.56 -2.41 19.24
C GLY B 283 20.98 -2.94 19.09
N ALA B 284 21.34 -3.83 20.01
CA ALA B 284 22.67 -4.44 19.97
C ALA B 284 22.86 -5.35 18.75
N PHE B 285 21.76 -5.76 18.10
CA PHE B 285 21.86 -6.64 16.93
C PHE B 285 21.54 -5.92 15.63
N THR B 286 20.89 -4.78 15.71
CA THR B 286 20.44 -4.08 14.52
C THR B 286 20.94 -2.67 14.24
N SER B 287 21.30 -1.94 15.28
CA SER B 287 21.70 -0.55 15.10
C SER B 287 22.86 -0.33 14.13
N SER B 288 23.84 -1.22 14.11
CA SER B 288 24.96 -1.04 13.20
C SER B 288 24.56 -1.21 11.74
N PRO B 289 25.08 -0.33 10.86
CA PRO B 289 24.75 -0.43 9.44
C PRO B 289 25.61 -1.47 8.71
N PHE B 290 26.63 -2.00 9.37
CA PHE B 290 27.51 -3.00 8.75
C PHE B 290 27.43 -4.40 9.36
N TYR B 291 26.92 -4.51 10.58
CA TYR B 291 26.84 -5.80 11.26
C TYR B 291 25.43 -6.16 11.72
N GLY B 292 25.29 -7.38 12.24
CA GLY B 292 24.02 -7.83 12.77
C GLY B 292 22.91 -8.14 11.78
N PHE B 293 21.68 -7.86 12.21
CA PHE B 293 20.50 -8.09 11.39
C PHE B 293 19.88 -6.75 11.03
N SER B 294 19.01 -6.75 10.02
CA SER B 294 18.32 -5.52 9.62
C SER B 294 17.13 -5.41 10.57
N HIS B 295 16.66 -4.18 10.77
CA HIS B 295 15.52 -3.98 11.66
C HIS B 295 14.31 -4.72 11.14
N ALA B 296 14.03 -4.58 9.85
CA ALA B 296 12.88 -5.24 9.22
C ALA B 296 12.86 -6.75 9.42
N LEU B 297 14.01 -7.40 9.33
CA LEU B 297 14.07 -8.84 9.49
C LEU B 297 13.87 -9.31 10.93
N LEU B 298 14.52 -8.65 11.89
CA LEU B 298 14.43 -9.03 13.30
C LEU B 298 13.12 -8.59 13.92
N LEU B 299 12.91 -7.28 14.01
CA LEU B 299 11.70 -6.75 14.61
C LEU B 299 10.47 -6.93 13.72
N GLY B 300 10.71 -7.26 12.46
CA GLY B 300 9.59 -7.44 11.55
C GLY B 300 9.22 -8.88 11.26
N LYS B 301 9.89 -9.46 10.26
CA LYS B 301 9.59 -10.83 9.85
C LYS B 301 9.77 -11.92 10.89
N LEU B 302 10.92 -11.95 11.56
CA LEU B 302 11.19 -12.97 12.56
C LEU B 302 10.24 -12.90 13.75
N ASN B 303 9.98 -11.70 14.26
CA ASN B 303 9.04 -11.54 15.38
C ASN B 303 7.69 -12.11 14.97
N ARG B 304 7.19 -11.62 13.85
CA ARG B 304 5.90 -12.05 13.34
C ARG B 304 5.86 -13.54 13.11
N TYR B 305 6.84 -14.06 12.38
CA TYR B 305 6.89 -15.50 12.09
C TYR B 305 6.92 -16.35 13.35
N CYS B 306 7.51 -15.80 14.42
CA CYS B 306 7.62 -16.55 15.66
C CYS B 306 6.51 -16.31 16.68
N GLY B 307 5.44 -15.63 16.29
CA GLY B 307 4.34 -15.44 17.22
C GLY B 307 3.97 -14.07 17.74
N ALA B 308 4.78 -13.05 17.45
CA ALA B 308 4.47 -11.71 17.95
C ALA B 308 3.19 -11.12 17.34
N ASP B 309 2.26 -10.74 18.21
CA ASP B 309 1.00 -10.11 17.80
C ASP B 309 1.26 -8.60 17.63
N PHE B 310 2.18 -8.08 18.43
CA PHE B 310 2.55 -6.67 18.37
C PHE B 310 4.06 -6.66 18.33
N SER B 311 4.62 -5.64 17.68
CA SER B 311 6.06 -5.51 17.63
C SER B 311 6.37 -4.05 17.81
N LEU B 312 7.04 -3.74 18.91
CA LEU B 312 7.39 -2.35 19.20
C LEU B 312 8.74 -1.98 18.64
N PHE B 313 8.91 -0.70 18.36
CA PHE B 313 10.16 -0.20 17.81
C PHE B 313 10.10 1.32 17.84
N PRO B 314 11.27 1.97 17.96
CA PRO B 314 11.30 3.44 17.98
C PRO B 314 10.74 4.06 16.72
N SER B 315 9.87 5.05 16.86
CA SER B 315 9.32 5.70 15.68
C SER B 315 10.47 6.50 15.05
N PRO B 316 10.26 7.02 13.84
CA PRO B 316 11.30 7.80 13.17
C PRO B 316 11.41 9.22 13.74
N TYR B 317 10.42 9.61 14.54
CA TYR B 317 10.34 10.97 15.05
C TYR B 317 10.74 11.36 16.47
N GLY B 318 10.89 10.39 17.37
CA GLY B 318 11.23 10.74 18.73
C GLY B 318 12.72 10.84 19.04
N SER B 319 13.03 11.14 20.29
CA SER B 319 14.42 11.26 20.74
C SER B 319 15.15 9.99 20.28
N VAL B 320 14.66 8.84 20.75
CA VAL B 320 15.22 7.56 20.37
C VAL B 320 14.54 7.27 19.03
N ALA B 321 15.28 7.46 17.95
CA ALA B 321 14.72 7.25 16.63
C ALA B 321 15.27 6.06 15.89
N LEU B 322 14.61 5.77 14.78
CA LEU B 322 14.96 4.67 13.92
C LEU B 322 14.83 5.27 12.52
N PRO B 323 15.79 4.99 11.62
CA PRO B 323 15.67 5.56 10.28
C PRO B 323 14.28 5.31 9.70
N ARG B 324 13.68 6.36 9.13
CA ARG B 324 12.34 6.24 8.56
C ARG B 324 12.20 4.98 7.72
N ALA B 325 13.19 4.75 6.85
CA ALA B 325 13.18 3.59 5.96
C ALA B 325 13.03 2.26 6.68
N ASP B 326 13.74 2.10 7.79
CA ASP B 326 13.68 0.85 8.56
C ASP B 326 12.37 0.74 9.33
N ALA B 327 11.91 1.86 9.90
CA ALA B 327 10.65 1.86 10.62
C ALA B 327 9.57 1.35 9.65
N LEU B 328 9.53 1.93 8.46
CA LEU B 328 8.55 1.56 7.44
C LEU B 328 8.70 0.09 7.02
N ALA B 329 9.95 -0.33 6.86
CA ALA B 329 10.23 -1.70 6.46
C ALA B 329 9.68 -2.69 7.49
N ILE B 330 9.76 -2.33 8.77
CA ILE B 330 9.26 -3.19 9.82
C ILE B 330 7.75 -3.34 9.66
N HIS B 331 7.08 -2.21 9.43
CA HIS B 331 5.64 -2.22 9.24
C HIS B 331 5.29 -3.09 8.04
N GLU B 332 6.06 -2.94 6.97
CA GLU B 332 5.83 -3.73 5.75
C GLU B 332 5.91 -5.23 6.04
N GLU B 333 6.94 -5.64 6.78
CA GLU B 333 7.11 -7.05 7.13
C GLU B 333 5.95 -7.53 8.01
N CYS B 334 5.51 -6.66 8.92
CA CYS B 334 4.43 -6.97 9.85
C CYS B 334 3.10 -7.20 9.18
N VAL B 335 2.87 -6.42 8.15
CA VAL B 335 1.61 -6.41 7.45
C VAL B 335 1.48 -7.16 6.13
N ARG B 336 2.58 -7.40 5.43
CA ARG B 336 2.48 -8.08 4.13
C ARG B 336 1.71 -9.40 4.17
N GLU B 337 0.90 -9.62 3.15
CA GLU B 337 0.12 -10.85 3.05
C GLU B 337 1.10 -12.00 3.12
N ASP B 338 0.82 -12.98 3.98
CA ASP B 338 1.70 -14.11 4.15
C ASP B 338 0.88 -15.29 4.65
N ALA B 339 1.57 -16.36 5.03
CA ALA B 339 0.91 -17.56 5.54
C ALA B 339 0.46 -17.34 6.98
N PHE B 340 0.85 -16.20 7.56
CA PHE B 340 0.52 -15.90 8.94
C PHE B 340 -0.34 -14.64 9.11
N ASN B 341 -0.92 -14.49 10.30
CA ASN B 341 -1.72 -13.30 10.58
C ASN B 341 -0.74 -12.12 10.60
N GLN B 342 -1.26 -10.91 10.52
CA GLN B 342 -0.42 -9.73 10.53
C GLN B 342 -0.07 -9.30 11.94
N THR B 343 1.14 -8.82 12.12
CA THR B 343 1.62 -8.32 13.38
C THR B 343 1.30 -6.82 13.45
N PHE B 344 0.86 -6.37 14.61
CA PHE B 344 0.54 -4.96 14.82
C PHE B 344 1.83 -4.18 15.06
N ALA B 345 2.24 -3.37 14.10
CA ALA B 345 3.45 -2.56 14.23
C ALA B 345 3.16 -1.51 15.29
N VAL B 346 4.12 -1.27 16.17
CA VAL B 346 3.93 -0.30 17.23
C VAL B 346 5.05 0.72 17.41
N PRO B 347 5.05 1.80 16.61
CA PRO B 347 6.09 2.84 16.74
C PRO B 347 5.94 3.47 18.14
N SER B 348 7.05 3.73 18.83
CA SER B 348 6.97 4.20 20.22
C SER B 348 7.79 5.36 20.80
N ALA B 349 9.11 5.22 20.81
CA ALA B 349 10.01 6.21 21.40
C ALA B 349 9.57 7.67 21.37
N GLY B 350 9.35 8.24 22.57
CA GLY B 350 8.96 9.63 22.75
C GLY B 350 8.10 10.30 21.68
N ILE B 351 6.84 9.88 21.58
CA ILE B 351 5.90 10.41 20.60
C ILE B 351 4.93 11.40 21.24
N HIS B 352 4.51 12.40 20.48
CA HIS B 352 3.57 13.40 20.97
C HIS B 352 2.48 13.57 19.91
N PRO B 353 1.34 14.22 20.26
CA PRO B 353 0.23 14.42 19.33
C PRO B 353 0.57 15.07 17.98
N GLY B 354 1.50 16.03 18.00
CA GLY B 354 1.87 16.71 16.77
C GLY B 354 2.44 15.77 15.73
N MET B 355 3.00 14.66 16.18
CA MET B 355 3.61 13.67 15.29
C MET B 355 2.59 12.72 14.65
N VAL B 356 1.36 12.69 15.17
CA VAL B 356 0.34 11.80 14.64
C VAL B 356 0.17 11.85 13.12
N PRO B 357 0.01 13.05 12.55
CA PRO B 357 -0.15 13.16 11.09
C PRO B 357 0.99 12.47 10.35
N LEU B 358 2.21 12.70 10.80
CA LEU B 358 3.36 12.06 10.18
C LEU B 358 3.23 10.54 10.33
N LEU B 359 2.86 10.11 11.55
CA LEU B 359 2.70 8.69 11.84
C LEU B 359 1.64 8.01 10.99
N MET B 360 0.50 8.68 10.84
CA MET B 360 -0.57 8.13 10.04
C MET B 360 -0.22 8.13 8.56
N ARG B 361 0.63 9.07 8.16
CA ARG B 361 1.07 9.13 6.77
C ARG B 361 1.99 7.93 6.53
N ASP B 362 2.90 7.68 7.48
CA ASP B 362 3.83 6.57 7.37
C ASP B 362 3.23 5.18 7.59
N PHE B 363 2.42 5.02 8.63
CA PHE B 363 1.91 3.70 8.95
C PHE B 363 0.44 3.42 8.68
N GLY B 364 -0.28 4.38 8.13
CA GLY B 364 -1.67 4.18 7.82
C GLY B 364 -2.55 3.82 9.01
N ILE B 365 -3.60 3.05 8.74
CA ILE B 365 -4.54 2.66 9.79
C ILE B 365 -4.09 1.50 10.67
N ASP B 366 -3.38 0.54 10.11
CA ASP B 366 -2.97 -0.63 10.89
C ASP B 366 -1.63 -0.56 11.61
N HIS B 367 -1.60 0.23 12.69
CA HIS B 367 -0.42 0.36 13.54
C HIS B 367 -0.92 0.95 14.83
N ILE B 368 -0.12 0.82 15.87
CA ILE B 368 -0.51 1.37 17.16
C ILE B 368 0.45 2.49 17.49
N ILE B 369 -0.09 3.58 18.01
CA ILE B 369 0.72 4.72 18.38
C ILE B 369 0.99 4.62 19.87
N ASN B 370 2.23 4.32 20.20
CA ASN B 370 2.64 4.17 21.59
C ASN B 370 3.02 5.54 22.13
N ALA B 371 2.03 6.24 22.65
CA ALA B 371 2.21 7.57 23.19
C ALA B 371 3.00 7.61 24.48
N GLY B 372 3.70 6.50 24.79
CA GLY B 372 4.50 6.44 25.99
C GLY B 372 3.95 7.31 27.12
N GLY B 373 4.76 8.26 27.58
CA GLY B 373 4.35 9.17 28.64
C GLY B 373 3.87 10.47 28.04
N GLY B 374 3.78 10.49 26.70
CA GLY B 374 3.32 11.68 26.01
C GLY B 374 1.87 11.98 26.36
N VAL B 375 1.33 11.20 27.30
CA VAL B 375 -0.04 11.39 27.75
C VAL B 375 -0.05 11.75 29.23
N HIS B 376 0.90 11.18 29.98
CA HIS B 376 1.00 11.44 31.41
C HIS B 376 1.53 12.86 31.65
N GLY B 377 2.41 13.31 30.77
CA GLY B 377 2.98 14.64 30.89
C GLY B 377 2.08 15.70 30.29
N HIS B 378 0.81 15.37 30.11
CA HIS B 378 -0.15 16.31 29.56
C HIS B 378 -0.73 17.16 30.69
N PRO B 379 -1.02 18.45 30.42
CA PRO B 379 -1.58 19.35 31.43
C PRO B 379 -2.78 18.79 32.21
N ASN B 380 -3.70 18.12 31.52
CA ASN B 380 -4.87 17.56 32.20
C ASN B 380 -4.72 16.07 32.54
N GLY B 381 -3.50 15.67 32.85
CA GLY B 381 -3.25 14.29 33.20
C GLY B 381 -3.38 13.33 32.03
N ALA B 382 -3.14 12.05 32.30
CA ALA B 382 -3.22 11.01 31.29
C ALA B 382 -4.54 11.00 30.54
N GLN B 383 -5.62 11.41 31.18
CA GLN B 383 -6.90 11.43 30.50
C GLN B 383 -6.87 12.50 29.42
N GLY B 384 -6.32 13.66 29.75
CA GLY B 384 -6.22 14.73 28.79
C GLY B 384 -5.30 14.32 27.65
N GLY B 385 -4.15 13.76 28.00
CA GLY B 385 -3.20 13.31 26.99
C GLY B 385 -3.79 12.30 26.03
N GLY B 386 -4.52 11.32 26.55
CA GLY B 386 -5.13 10.32 25.70
C GLY B 386 -6.17 10.98 24.81
N ARG B 387 -6.87 11.95 25.38
CA ARG B 387 -7.91 12.69 24.66
C ARG B 387 -7.26 13.44 23.50
N ALA B 388 -6.13 14.07 23.79
CA ALA B 388 -5.39 14.83 22.79
C ALA B 388 -5.04 13.93 21.61
N PHE B 389 -4.63 12.70 21.90
CA PHE B 389 -4.28 11.77 20.84
C PHE B 389 -5.49 11.32 20.06
N ARG B 390 -6.55 10.92 20.75
CA ARG B 390 -7.75 10.49 20.06
C ARG B 390 -8.29 11.60 19.17
N ALA B 391 -8.23 12.83 19.66
CA ALA B 391 -8.73 13.98 18.91
C ALA B 391 -8.00 14.17 17.60
N ILE B 392 -6.66 14.17 17.62
CA ILE B 392 -5.94 14.37 16.38
C ILE B 392 -5.95 13.20 15.40
N ILE B 393 -5.95 11.96 15.89
CA ILE B 393 -5.99 10.87 14.93
C ILE B 393 -7.35 10.91 14.22
N ASP B 394 -8.37 11.42 14.91
CA ASP B 394 -9.70 11.56 14.32
C ASP B 394 -9.70 12.70 13.31
N ALA B 395 -9.01 13.80 13.64
CA ALA B 395 -8.93 14.95 12.74
C ALA B 395 -8.29 14.54 11.41
N VAL B 396 -7.28 13.68 11.48
CA VAL B 396 -6.57 13.18 10.30
C VAL B 396 -7.48 12.30 9.46
N LEU B 397 -8.13 11.33 10.09
CA LEU B 397 -9.03 10.42 9.40
C LEU B 397 -10.16 11.12 8.65
N GLU B 398 -10.76 12.15 9.26
CA GLU B 398 -11.86 12.87 8.66
C GLU B 398 -11.43 14.13 7.91
N ALA B 399 -10.15 14.21 7.59
CA ALA B 399 -9.60 15.35 6.87
C ALA B 399 -9.96 16.70 7.48
N GLN B 400 -10.06 16.74 8.80
CA GLN B 400 -10.39 17.99 9.49
C GLN B 400 -9.10 18.66 9.95
N PRO B 401 -8.92 19.95 9.60
CA PRO B 401 -7.72 20.69 9.99
C PRO B 401 -7.42 20.61 11.49
N ILE B 402 -6.14 20.46 11.81
CA ILE B 402 -5.72 20.36 13.21
C ILE B 402 -6.01 21.63 13.99
N ASP B 403 -6.12 22.76 13.29
CA ASP B 403 -6.42 24.02 13.95
C ASP B 403 -7.90 24.04 14.35
N GLU B 404 -8.76 23.52 13.49
CA GLU B 404 -10.19 23.47 13.78
C GLU B 404 -10.51 22.46 14.86
N LYS B 405 -9.92 21.27 14.74
CA LYS B 405 -10.13 20.20 15.71
C LYS B 405 -9.64 20.69 17.07
N ALA B 406 -8.48 21.34 17.07
CA ALA B 406 -7.91 21.85 18.32
C ALA B 406 -8.96 22.68 19.05
N GLU B 407 -9.37 23.79 18.44
CA GLU B 407 -10.38 24.67 19.03
C GLU B 407 -11.57 23.92 19.61
N GLN B 408 -11.85 22.73 19.07
CA GLN B 408 -12.97 21.92 19.54
C GLN B 408 -12.58 21.03 20.71
N CYS B 409 -11.30 20.66 20.77
CA CYS B 409 -10.80 19.80 21.83
C CYS B 409 -9.70 20.48 22.64
N LYS B 410 -10.10 21.05 23.77
CA LYS B 410 -9.18 21.76 24.64
C LYS B 410 -7.93 20.95 25.00
N ASP B 411 -8.07 19.63 25.00
CA ASP B 411 -6.93 18.77 25.32
C ASP B 411 -5.91 18.75 24.20
N LEU B 412 -6.38 18.79 22.96
CA LEU B 412 -5.49 18.80 21.81
C LEU B 412 -4.73 20.13 21.79
N LYS B 413 -5.45 21.22 21.99
CA LYS B 413 -4.83 22.55 22.01
C LYS B 413 -3.63 22.57 22.95
N LEU B 414 -3.82 22.00 24.13
CA LEU B 414 -2.79 21.97 25.17
C LEU B 414 -1.56 21.12 24.83
N ALA B 415 -1.79 19.95 24.26
CA ALA B 415 -0.67 19.08 23.91
C ALA B 415 0.15 19.74 22.80
N LEU B 416 -0.54 20.38 21.86
CA LEU B 416 0.14 21.05 20.75
C LEU B 416 0.97 22.24 21.25
N ASP B 417 0.36 23.09 22.06
CA ASP B 417 1.04 24.26 22.61
C ASP B 417 2.16 23.87 23.57
N LYS B 418 2.29 22.58 23.86
CA LYS B 418 3.33 22.12 24.77
C LYS B 418 4.52 21.43 24.09
N TRP B 419 4.24 20.60 23.08
CA TRP B 419 5.30 19.88 22.38
C TRP B 419 5.50 20.28 20.92
N GLY B 420 4.70 21.22 20.44
CA GLY B 420 4.83 21.65 19.05
C GLY B 420 3.62 21.28 18.23
N LYS B 421 3.18 22.19 17.37
CA LYS B 421 2.01 21.96 16.54
C LYS B 421 2.24 20.94 15.42
N ALA B 422 1.15 20.51 14.80
CA ALA B 422 1.15 19.53 13.71
C ALA B 422 2.37 19.57 12.79
N SER C 22 -12.84 22.57 -46.32
CA SER C 22 -12.51 21.70 -45.15
C SER C 22 -13.75 21.14 -44.49
N GLU C 23 -13.81 19.82 -44.37
CA GLU C 23 -14.97 19.17 -43.78
C GLU C 23 -14.57 17.93 -42.97
N LEU C 24 -15.49 17.47 -42.13
CA LEU C 24 -15.24 16.27 -41.35
C LEU C 24 -16.39 15.30 -41.60
N LEU C 25 -16.03 14.04 -41.78
CA LEU C 25 -17.03 13.04 -42.08
C LEU C 25 -17.52 12.34 -40.83
N ALA C 26 -18.83 12.16 -40.77
CA ALA C 26 -19.42 11.46 -39.65
C ALA C 26 -20.08 10.22 -40.26
N THR C 27 -19.78 9.06 -39.69
CA THR C 27 -20.36 7.82 -40.17
C THR C 27 -21.33 7.31 -39.11
N TYR C 28 -22.54 6.98 -39.53
CA TYR C 28 -23.57 6.50 -38.62
C TYR C 28 -24.12 5.13 -38.98
N LEU C 29 -24.63 4.45 -37.96
CA LEU C 29 -25.26 3.15 -38.14
C LEU C 29 -26.73 3.41 -37.82
N LEU C 30 -27.59 3.22 -38.81
CA LEU C 30 -29.00 3.43 -38.59
C LEU C 30 -29.75 2.10 -38.56
N THR C 31 -30.40 1.84 -37.44
CA THR C 31 -31.15 0.59 -37.30
C THR C 31 -32.62 0.88 -37.58
N GLU C 32 -33.21 0.12 -38.50
CA GLU C 32 -34.61 0.31 -38.90
C GLU C 32 -34.74 1.73 -39.44
N PRO C 33 -33.92 2.08 -40.44
CA PRO C 33 -33.91 3.41 -41.08
C PRO C 33 -35.25 3.77 -41.70
N GLY C 34 -35.99 2.74 -42.10
CA GLY C 34 -37.27 2.94 -42.72
C GLY C 34 -37.21 2.37 -44.13
N ALA C 35 -37.71 3.11 -45.11
CA ALA C 35 -37.70 2.65 -46.49
C ALA C 35 -36.58 3.32 -47.28
N ASP C 36 -36.78 4.59 -47.60
CA ASP C 36 -35.78 5.33 -48.38
C ASP C 36 -34.78 6.03 -47.45
N THR C 37 -33.81 5.26 -46.95
CA THR C 37 -32.81 5.80 -46.06
C THR C 37 -32.05 6.92 -46.77
N GLU C 38 -31.87 6.76 -48.08
CA GLU C 38 -31.15 7.74 -48.89
C GLU C 38 -31.80 9.11 -48.77
N LYS C 39 -33.09 9.14 -48.45
CA LYS C 39 -33.80 10.41 -48.28
C LYS C 39 -33.46 10.89 -46.87
N LYS C 40 -33.41 9.95 -45.94
CA LYS C 40 -33.10 10.25 -44.55
C LYS C 40 -31.70 10.86 -44.47
N ALA C 41 -30.78 10.31 -45.26
CA ALA C 41 -29.41 10.81 -45.31
C ALA C 41 -29.39 12.24 -45.80
N GLU C 42 -30.23 12.53 -46.79
CA GLU C 42 -30.30 13.88 -47.34
C GLU C 42 -30.85 14.85 -46.31
N GLN C 43 -31.82 14.41 -45.54
CA GLN C 43 -32.41 15.24 -44.50
C GLN C 43 -31.35 15.60 -43.47
N ILE C 44 -30.65 14.58 -42.99
CA ILE C 44 -29.60 14.75 -41.99
C ILE C 44 -28.56 15.76 -42.49
N ALA C 45 -28.14 15.58 -43.74
CA ALA C 45 -27.14 16.45 -44.35
C ALA C 45 -27.57 17.92 -44.41
N THR C 46 -28.79 18.17 -44.85
CA THR C 46 -29.29 19.55 -44.95
C THR C 46 -29.88 20.08 -43.65
N GLY C 47 -30.53 19.19 -42.89
CA GLY C 47 -31.16 19.58 -41.64
C GLY C 47 -30.22 19.98 -40.51
N LEU C 48 -28.98 19.52 -40.58
CA LEU C 48 -28.02 19.83 -39.54
C LEU C 48 -27.02 20.92 -39.94
N THR C 49 -27.33 21.65 -41.00
CA THR C 49 -26.45 22.74 -41.44
C THR C 49 -27.28 23.94 -41.90
N VAL C 50 -27.77 23.89 -43.12
CA VAL C 50 -28.58 24.98 -43.67
C VAL C 50 -30.05 24.60 -43.78
N VAL C 59 -33.24 32.44 -51.59
CA VAL C 59 -33.29 33.91 -51.82
C VAL C 59 -32.18 34.39 -52.77
N LYS C 60 -31.23 33.50 -53.08
CA LYS C 60 -30.12 33.76 -53.99
C LYS C 60 -28.81 34.17 -53.32
N GLN C 61 -28.83 34.36 -52.00
CA GLN C 61 -27.59 34.69 -51.29
C GLN C 61 -26.81 33.38 -51.33
N GLU C 62 -26.25 33.10 -52.50
CA GLU C 62 -25.51 31.86 -52.74
C GLU C 62 -24.13 31.70 -52.11
N GLN C 63 -23.94 32.25 -50.92
CA GLN C 63 -22.66 32.09 -50.25
C GLN C 63 -22.87 30.99 -49.22
N MET C 64 -24.04 30.37 -49.28
CA MET C 64 -24.39 29.30 -48.34
C MET C 64 -24.23 27.88 -48.85
N GLN C 65 -23.61 27.73 -50.03
CA GLN C 65 -23.39 26.39 -50.56
C GLN C 65 -22.24 25.78 -49.76
N LYS C 66 -21.36 26.65 -49.28
CA LYS C 66 -20.20 26.26 -48.50
C LYS C 66 -20.59 25.83 -47.09
N HIS C 67 -21.86 26.03 -46.73
CA HIS C 67 -22.36 25.67 -45.41
C HIS C 67 -23.31 24.48 -45.48
N LYS C 68 -23.41 23.85 -46.65
CA LYS C 68 -24.30 22.72 -46.82
C LYS C 68 -23.65 21.35 -46.61
N GLY C 69 -24.31 20.50 -45.83
CA GLY C 69 -23.80 19.17 -45.58
C GLY C 69 -23.97 18.35 -46.85
N ARG C 70 -23.29 17.21 -46.94
CA ARG C 70 -23.38 16.37 -48.13
C ARG C 70 -23.38 14.89 -47.78
N VAL C 71 -24.26 14.12 -48.41
CA VAL C 71 -24.31 12.66 -48.20
C VAL C 71 -23.13 12.11 -48.98
N ILE C 72 -22.25 11.40 -48.30
CA ILE C 72 -21.08 10.83 -48.95
C ILE C 72 -21.27 9.37 -49.32
N LYS C 73 -22.01 8.63 -48.50
CA LYS C 73 -22.23 7.21 -48.76
C LYS C 73 -23.45 6.70 -48.02
N VAL C 74 -24.08 5.66 -48.58
CA VAL C 74 -25.26 5.07 -48.00
C VAL C 74 -25.29 3.57 -48.28
N GLU C 75 -25.25 2.77 -47.22
CA GLU C 75 -25.26 1.32 -47.34
C GLU C 75 -26.55 0.80 -46.71
N GLU C 76 -27.38 0.14 -47.51
CA GLU C 76 -28.69 -0.37 -47.08
C GLU C 76 -28.79 -1.60 -46.17
N ARG C 77 -27.87 -2.56 -46.30
CA ARG C 77 -27.91 -3.77 -45.49
C ARG C 77 -29.28 -4.10 -44.88
N GLU C 84 -31.88 -6.91 -37.45
CA GLU C 84 -32.78 -6.45 -38.54
C GLU C 84 -32.11 -5.42 -39.44
N LYS C 85 -32.90 -4.82 -40.33
CA LYS C 85 -32.41 -3.83 -41.28
C LYS C 85 -31.61 -2.68 -40.67
N GLN C 86 -30.36 -2.58 -41.09
CA GLN C 86 -29.47 -1.52 -40.63
C GLN C 86 -28.93 -0.78 -41.85
N ALA C 87 -28.46 0.44 -41.65
CA ALA C 87 -27.90 1.22 -42.74
C ALA C 87 -26.75 2.07 -42.23
N VAL C 88 -25.67 2.12 -43.01
CA VAL C 88 -24.51 2.91 -42.65
C VAL C 88 -24.48 4.13 -43.54
N ILE C 89 -24.50 5.31 -42.93
CA ILE C 89 -24.49 6.55 -43.68
C ILE C 89 -23.30 7.42 -43.29
N THR C 90 -22.70 8.07 -44.27
CA THR C 90 -21.57 8.95 -43.99
C THR C 90 -21.88 10.34 -44.54
N ILE C 91 -21.89 11.32 -43.64
CA ILE C 91 -22.19 12.70 -44.03
C ILE C 91 -20.98 13.60 -43.84
N ALA C 92 -20.76 14.49 -44.80
CA ALA C 92 -19.65 15.42 -44.75
C ALA C 92 -20.18 16.75 -44.25
N TYR C 93 -19.61 17.25 -43.15
CA TYR C 93 -20.03 18.52 -42.58
C TYR C 93 -18.96 19.58 -42.76
N PRO C 94 -19.34 20.76 -43.28
CA PRO C 94 -18.33 21.81 -43.46
C PRO C 94 -17.90 22.35 -42.10
N GLU C 95 -16.60 22.34 -41.85
CA GLU C 95 -16.08 22.81 -40.58
C GLU C 95 -16.26 24.28 -40.25
N ILE C 96 -16.63 25.10 -41.23
CA ILE C 96 -16.86 26.51 -40.97
C ILE C 96 -18.17 26.66 -40.20
N ASN C 97 -18.99 25.60 -40.19
CA ASN C 97 -20.28 25.63 -39.50
C ASN C 97 -20.18 25.62 -37.97
N PHE C 98 -18.99 25.37 -37.43
CA PHE C 98 -18.86 25.34 -35.99
C PHE C 98 -17.45 25.66 -35.50
N SER C 99 -17.33 25.97 -34.22
CA SER C 99 -16.03 26.28 -33.66
C SER C 99 -15.26 24.97 -33.59
N GLN C 100 -13.95 25.07 -33.50
CA GLN C 100 -13.09 23.89 -33.47
C GLN C 100 -12.82 23.36 -32.08
N ASP C 101 -13.80 22.68 -31.53
CA ASP C 101 -13.70 22.08 -30.22
C ASP C 101 -14.71 20.94 -30.22
N ILE C 102 -14.45 19.94 -29.39
CA ILE C 102 -15.30 18.76 -29.33
C ILE C 102 -16.78 19.00 -28.99
N PRO C 103 -17.08 19.88 -28.04
CA PRO C 103 -18.48 20.14 -27.70
C PRO C 103 -19.28 20.62 -28.91
N ALA C 104 -18.71 21.55 -29.67
CA ALA C 104 -19.35 22.10 -30.85
C ALA C 104 -19.47 21.03 -31.92
N LEU C 105 -18.39 20.27 -32.08
CA LEU C 105 -18.34 19.20 -33.06
C LEU C 105 -19.41 18.15 -32.81
N LEU C 106 -19.53 17.69 -31.56
CA LEU C 106 -20.50 16.66 -31.21
C LEU C 106 -21.94 17.13 -31.23
N THR C 107 -22.16 18.34 -30.72
CA THR C 107 -23.47 18.93 -30.72
C THR C 107 -23.98 19.03 -32.16
N THR C 108 -23.06 19.34 -33.08
CA THR C 108 -23.38 19.49 -34.50
C THR C 108 -23.68 18.19 -35.23
N VAL C 109 -22.80 17.21 -35.12
CA VAL C 109 -23.01 15.96 -35.84
C VAL C 109 -23.77 14.87 -35.09
N PHE C 110 -24.01 15.09 -33.80
CA PHE C 110 -24.72 14.08 -33.03
C PHE C 110 -25.45 14.68 -31.83
N GLY C 111 -25.95 15.90 -31.99
CA GLY C 111 -26.68 16.56 -30.92
C GLY C 111 -28.13 16.11 -31.00
N LYS C 112 -28.86 16.70 -31.94
CA LYS C 112 -30.27 16.34 -32.16
C LYS C 112 -30.34 14.89 -32.58
N LEU C 113 -29.53 14.55 -33.58
CA LEU C 113 -29.48 13.19 -34.12
C LEU C 113 -29.48 12.09 -33.09
N SER C 114 -28.69 12.27 -32.02
CA SER C 114 -28.58 11.26 -30.97
C SER C 114 -29.94 10.90 -30.38
N LEU C 115 -30.91 11.80 -30.56
CA LEU C 115 -32.26 11.60 -30.04
C LEU C 115 -33.21 11.07 -31.09
N ASP C 116 -32.75 11.03 -32.33
CA ASP C 116 -33.57 10.59 -33.44
C ASP C 116 -33.72 9.07 -33.62
N GLY C 117 -34.27 8.39 -32.62
CA GLY C 117 -34.44 6.95 -32.73
C GLY C 117 -33.15 6.15 -32.67
N LYS C 118 -33.13 5.01 -33.35
CA LYS C 118 -31.96 4.13 -33.36
C LYS C 118 -30.88 4.54 -34.34
N ILE C 119 -29.93 5.32 -33.84
CA ILE C 119 -28.80 5.79 -34.62
C ILE C 119 -27.57 5.83 -33.72
N LYS C 120 -26.43 5.40 -34.27
CA LYS C 120 -25.20 5.35 -33.49
C LYS C 120 -24.06 5.99 -34.25
N LEU C 121 -23.30 6.84 -33.57
CA LEU C 121 -22.16 7.50 -34.20
C LEU C 121 -21.00 6.51 -34.18
N ILE C 122 -20.71 5.97 -35.36
CA ILE C 122 -19.67 4.97 -35.54
C ILE C 122 -18.26 5.51 -35.74
N ASP C 123 -18.15 6.65 -36.41
CA ASP C 123 -16.81 7.20 -36.65
C ASP C 123 -16.83 8.66 -37.07
N LEU C 124 -15.68 9.29 -36.89
CA LEU C 124 -15.49 10.68 -37.26
C LEU C 124 -14.16 10.80 -37.98
N HIS C 125 -14.18 11.38 -39.17
CA HIS C 125 -12.94 11.57 -39.89
C HIS C 125 -12.70 13.05 -39.93
N PHE C 126 -11.76 13.48 -39.09
CA PHE C 126 -11.41 14.89 -38.98
C PHE C 126 -10.59 15.35 -40.15
N SER C 127 -10.75 16.62 -40.52
CA SER C 127 -9.98 17.18 -41.61
C SER C 127 -8.61 17.43 -40.98
N GLU C 128 -7.61 17.76 -41.79
CA GLU C 128 -6.30 18.01 -41.23
C GLU C 128 -6.30 19.32 -40.45
N ALA C 129 -7.04 20.31 -40.94
CA ALA C 129 -7.11 21.60 -40.25
C ALA C 129 -7.73 21.46 -38.88
N PHE C 130 -8.71 20.57 -38.74
CA PHE C 130 -9.34 20.40 -37.45
C PHE C 130 -8.36 19.71 -36.50
N LYS C 131 -7.57 18.79 -37.02
CA LYS C 131 -6.58 18.09 -36.20
C LYS C 131 -5.55 19.06 -35.61
N ARG C 132 -5.38 20.21 -36.27
CA ARG C 132 -4.41 21.20 -35.78
C ARG C 132 -4.93 21.92 -34.56
N ALA C 133 -6.23 21.82 -34.31
CA ALA C 133 -6.84 22.48 -33.16
C ALA C 133 -6.93 21.52 -31.98
N LEU C 134 -6.37 20.32 -32.15
CA LEU C 134 -6.39 19.32 -31.10
C LEU C 134 -4.96 19.07 -30.67
N PRO C 135 -4.75 18.73 -29.39
CA PRO C 135 -3.41 18.47 -28.86
C PRO C 135 -2.83 17.09 -29.07
N GLY C 136 -3.69 16.08 -29.06
CA GLY C 136 -3.20 14.72 -29.17
C GLY C 136 -2.49 14.46 -27.86
N PRO C 137 -1.87 13.29 -27.68
CA PRO C 137 -1.17 12.99 -26.43
C PRO C 137 0.12 13.79 -26.24
N LYS C 138 0.39 14.25 -25.03
CA LYS C 138 1.61 15.02 -24.77
C LYS C 138 2.84 14.13 -24.90
N PHE C 139 2.71 12.90 -24.41
CA PHE C 139 3.79 11.93 -24.44
C PHE C 139 3.50 10.79 -25.41
N GLY C 140 2.34 10.17 -25.28
CA GLY C 140 2.01 9.08 -26.17
C GLY C 140 2.94 7.90 -25.96
N VAL C 141 2.83 6.89 -26.81
CA VAL C 141 3.66 5.69 -26.69
C VAL C 141 5.14 6.04 -26.64
N TYR C 142 5.57 6.94 -27.51
CA TYR C 142 6.98 7.32 -27.52
C TYR C 142 7.39 8.00 -26.22
N GLY C 143 6.60 9.01 -25.82
CA GLY C 143 6.89 9.75 -24.61
C GLY C 143 6.95 8.86 -23.39
N ILE C 144 5.99 7.94 -23.27
CA ILE C 144 5.97 7.03 -22.14
C ILE C 144 7.19 6.12 -22.17
N ARG C 145 7.45 5.53 -23.34
CA ARG C 145 8.60 4.65 -23.47
C ARG C 145 9.89 5.39 -23.17
N LYS C 146 9.93 6.68 -23.50
CA LYS C 146 11.10 7.49 -23.21
C LYS C 146 11.27 7.65 -21.70
N LEU C 147 10.17 7.83 -20.98
CA LEU C 147 10.27 7.99 -19.52
C LEU C 147 10.74 6.70 -18.85
N LEU C 148 10.33 5.56 -19.40
CA LEU C 148 10.69 4.26 -18.84
C LEU C 148 11.99 3.67 -19.41
N GLY C 149 12.46 4.22 -20.52
CA GLY C 149 13.66 3.70 -21.13
C GLY C 149 13.39 2.29 -21.66
N GLU C 150 12.15 2.06 -22.06
CA GLU C 150 11.76 0.76 -22.60
C GLU C 150 11.03 0.88 -23.93
N PHE C 151 11.70 0.45 -25.00
CA PHE C 151 11.11 0.54 -26.34
C PHE C 151 10.90 -0.80 -27.03
N GLU C 152 11.55 -1.84 -26.53
CA GLU C 152 11.45 -3.15 -27.18
C GLU C 152 10.52 -4.14 -26.49
N ARG C 153 9.44 -3.66 -25.88
CA ARG C 153 8.57 -4.58 -25.17
C ARG C 153 7.25 -3.96 -24.71
N PRO C 154 6.17 -4.74 -24.65
CA PRO C 154 4.92 -4.14 -24.19
C PRO C 154 5.11 -3.87 -22.70
N LEU C 155 4.36 -2.93 -22.14
CA LEU C 155 4.50 -2.60 -20.72
C LEU C 155 3.58 -3.38 -19.79
N LEU C 156 4.02 -3.50 -18.54
CA LEU C 156 3.27 -4.21 -17.52
C LEU C 156 2.67 -3.20 -16.55
N MET C 157 1.37 -3.30 -16.34
CA MET C 157 0.68 -2.40 -15.42
C MET C 157 -0.12 -3.22 -14.41
N SER C 158 -0.30 -2.67 -13.22
CA SER C 158 -1.06 -3.35 -12.19
C SER C 158 -1.77 -2.31 -11.33
N ILE C 159 -2.56 -2.79 -10.37
CA ILE C 159 -3.33 -1.92 -9.50
C ILE C 159 -3.05 -2.23 -8.03
N PHE C 160 -3.72 -1.52 -7.14
CA PHE C 160 -3.55 -1.76 -5.72
C PHE C 160 -4.59 -2.81 -5.35
N LYS C 161 -4.23 -3.75 -4.48
CA LYS C 161 -5.15 -4.80 -4.08
C LYS C 161 -5.90 -4.48 -2.80
N GLY C 162 -6.92 -5.29 -2.54
CA GLY C 162 -7.70 -5.12 -1.32
C GLY C 162 -8.68 -3.97 -1.27
N VAL C 163 -8.95 -3.55 -0.04
CA VAL C 163 -9.89 -2.49 0.26
C VAL C 163 -9.59 -1.10 -0.28
N ILE C 164 -10.60 -0.52 -0.92
CA ILE C 164 -10.53 0.84 -1.44
C ILE C 164 -10.73 1.66 -0.17
N GLY C 165 -10.07 2.80 -0.07
CA GLY C 165 -10.20 3.58 1.15
C GLY C 165 -8.95 3.19 1.91
N ARG C 166 -7.90 2.97 1.12
CA ARG C 166 -6.61 2.58 1.62
C ARG C 166 -5.84 3.78 2.17
N ASP C 167 -4.70 3.51 2.78
CA ASP C 167 -3.86 4.56 3.35
C ASP C 167 -2.54 4.64 2.58
N LEU C 168 -1.70 5.57 2.98
CA LEU C 168 -0.41 5.79 2.34
C LEU C 168 0.55 4.66 2.61
N SER C 169 0.39 3.99 3.74
CA SER C 169 1.30 2.90 4.04
C SER C 169 1.00 1.78 3.04
N ASP C 170 -0.30 1.54 2.81
CA ASP C 170 -0.70 0.50 1.88
C ASP C 170 -0.24 0.81 0.46
N ILE C 171 -0.32 2.07 0.06
CA ILE C 171 0.10 2.46 -1.27
C ILE C 171 1.61 2.30 -1.40
N LYS C 172 2.36 2.83 -0.42
CA LYS C 172 3.81 2.75 -0.44
C LYS C 172 4.31 1.30 -0.55
N GLU C 173 3.76 0.43 0.29
CA GLU C 173 4.16 -0.97 0.30
C GLU C 173 3.83 -1.69 -1.00
N GLN C 174 2.63 -1.45 -1.53
CA GLN C 174 2.25 -2.12 -2.77
C GLN C 174 3.01 -1.58 -3.98
N LEU C 175 3.42 -0.32 -3.93
CA LEU C 175 4.17 0.26 -5.04
C LEU C 175 5.54 -0.39 -5.08
N ARG C 176 6.15 -0.54 -3.92
CA ARG C 176 7.47 -1.13 -3.81
C ARG C 176 7.47 -2.59 -4.27
N GLN C 177 6.57 -3.40 -3.73
CA GLN C 177 6.45 -4.81 -4.10
C GLN C 177 6.30 -5.02 -5.60
N GLN C 178 5.44 -4.21 -6.22
CA GLN C 178 5.20 -4.31 -7.65
C GLN C 178 6.35 -3.74 -8.48
N ALA C 179 6.94 -2.65 -8.01
CA ALA C 179 8.06 -2.04 -8.70
C ALA C 179 9.21 -3.05 -8.74
N LEU C 180 9.49 -3.65 -7.59
CA LEU C 180 10.56 -4.64 -7.51
C LEU C 180 10.23 -5.88 -8.34
N GLY C 181 8.94 -6.09 -8.61
CA GLY C 181 8.51 -7.22 -9.40
C GLY C 181 8.62 -6.92 -10.88
N GLY C 182 9.05 -5.71 -11.20
CA GLY C 182 9.20 -5.34 -12.60
C GLY C 182 8.00 -4.66 -13.25
N VAL C 183 6.94 -4.39 -12.48
CA VAL C 183 5.77 -3.72 -13.04
C VAL C 183 6.22 -2.32 -13.49
N ASP C 184 5.73 -1.89 -14.65
CA ASP C 184 6.13 -0.59 -15.19
C ASP C 184 5.25 0.56 -14.71
N LEU C 185 3.95 0.29 -14.56
CA LEU C 185 3.03 1.31 -14.12
C LEU C 185 2.00 0.81 -13.12
N ILE C 186 1.73 1.61 -12.12
CA ILE C 186 0.74 1.27 -11.11
C ILE C 186 -0.25 2.44 -11.01
N LYS C 187 -1.54 2.10 -11.01
CA LYS C 187 -2.58 3.10 -10.98
C LYS C 187 -3.44 3.08 -9.72
N ASP C 188 -3.94 4.26 -9.35
CA ASP C 188 -4.86 4.39 -8.22
C ASP C 188 -6.17 3.79 -8.70
N ASP C 189 -7.13 3.65 -7.79
CA ASP C 189 -8.45 3.17 -8.19
C ASP C 189 -9.11 4.43 -8.73
N GLU C 190 -9.97 4.30 -9.74
CA GLU C 190 -10.63 5.48 -10.30
C GLU C 190 -11.63 6.08 -9.32
N ILE C 191 -12.04 5.28 -8.34
CA ILE C 191 -12.98 5.75 -7.33
C ILE C 191 -12.25 6.19 -6.07
N PHE C 192 -10.94 6.38 -6.19
CA PHE C 192 -10.16 6.83 -5.04
C PHE C 192 -10.17 8.34 -5.01
N PHE C 193 -11.03 8.92 -4.18
CA PHE C 193 -11.14 10.36 -4.08
C PHE C 193 -10.40 10.89 -2.87
N GLU C 194 -10.35 12.21 -2.78
CA GLU C 194 -9.64 12.87 -1.68
C GLU C 194 -10.07 12.46 -0.28
N THR C 195 -9.09 11.96 0.46
CA THR C 195 -9.28 11.51 1.83
C THR C 195 -8.20 12.08 2.73
N GLY C 196 -8.39 11.93 4.04
CA GLY C 196 -7.43 12.44 5.00
C GLY C 196 -6.26 11.48 5.15
N LEU C 197 -6.45 10.24 4.72
CA LEU C 197 -5.40 9.23 4.82
C LEU C 197 -4.41 9.27 3.67
N ALA C 198 -4.91 9.35 2.45
CA ALA C 198 -4.04 9.36 1.28
C ALA C 198 -4.29 10.54 0.36
N PRO C 199 -4.24 11.77 0.90
CA PRO C 199 -4.47 12.94 0.05
C PRO C 199 -3.57 12.97 -1.20
N PHE C 200 -4.18 13.42 -2.29
CA PHE C 200 -3.55 13.57 -3.60
C PHE C 200 -2.10 14.01 -3.57
N GLU C 201 -1.83 15.18 -3.01
CA GLU C 201 -0.47 15.69 -2.97
C GLU C 201 0.49 14.85 -2.15
N THR C 202 0.03 14.32 -1.02
CA THR C 202 0.94 13.52 -0.22
C THR C 202 1.18 12.15 -0.85
N ARG C 203 0.22 11.60 -1.59
CA ARG C 203 0.51 10.30 -2.17
C ARG C 203 1.37 10.40 -3.42
N ILE C 204 1.45 11.60 -3.99
CA ILE C 204 2.32 11.81 -5.14
C ILE C 204 3.74 11.83 -4.59
N ALA C 205 3.93 12.60 -3.53
CA ALA C 205 5.25 12.72 -2.90
C ALA C 205 5.76 11.38 -2.36
N GLU C 206 4.93 10.70 -1.56
CA GLU C 206 5.30 9.41 -0.99
C GLU C 206 5.63 8.37 -2.06
N GLY C 207 4.74 8.24 -3.04
CA GLY C 207 4.96 7.28 -4.09
C GLY C 207 6.21 7.58 -4.89
N LYS C 208 6.46 8.87 -5.16
CA LYS C 208 7.63 9.22 -5.93
C LYS C 208 8.90 8.79 -5.18
N GLN C 209 8.86 8.86 -3.86
CA GLN C 209 10.00 8.48 -3.03
C GLN C 209 10.26 6.99 -3.12
N ILE C 210 9.19 6.20 -2.95
CA ILE C 210 9.29 4.75 -3.01
C ILE C 210 9.87 4.27 -4.34
N LEU C 211 9.34 4.81 -5.42
CA LEU C 211 9.80 4.42 -6.75
C LEU C 211 11.17 5.02 -7.07
N LYS C 212 11.51 6.13 -6.43
CA LYS C 212 12.81 6.72 -6.67
C LYS C 212 13.82 5.72 -6.09
N GLU C 213 13.46 5.16 -4.92
CA GLU C 213 14.29 4.18 -4.23
C GLU C 213 14.36 2.83 -4.96
N THR C 214 13.21 2.32 -5.41
CA THR C 214 13.21 1.04 -6.10
C THR C 214 13.99 1.13 -7.40
N TYR C 215 14.00 2.29 -8.02
CA TYR C 215 14.74 2.48 -9.26
C TYR C 215 16.24 2.47 -9.01
N GLU C 216 16.66 3.18 -7.97
CA GLU C 216 18.07 3.26 -7.61
C GLU C 216 18.58 1.92 -7.12
N GLN C 217 17.66 1.08 -6.67
CA GLN C 217 18.00 -0.23 -6.13
C GLN C 217 17.83 -1.36 -7.15
N THR C 218 17.32 -1.05 -8.33
CA THR C 218 17.09 -2.07 -9.34
C THR C 218 17.33 -1.62 -10.78
N GLY C 219 17.32 -0.32 -11.00
CA GLY C 219 17.53 0.20 -12.35
C GLY C 219 16.25 0.16 -13.17
N HIS C 220 15.22 -0.44 -12.61
CA HIS C 220 13.93 -0.54 -13.29
C HIS C 220 13.07 0.65 -12.85
N LYS C 221 12.55 1.39 -13.83
CA LYS C 221 11.71 2.54 -13.54
C LYS C 221 10.25 2.15 -13.59
N THR C 222 9.46 2.68 -12.67
CA THR C 222 8.04 2.39 -12.64
C THR C 222 7.29 3.71 -12.41
N LEU C 223 6.13 3.85 -13.04
CA LEU C 223 5.36 5.08 -12.90
C LEU C 223 4.14 4.87 -12.02
N TYR C 224 3.79 5.90 -11.27
CA TYR C 224 2.62 5.86 -10.41
C TYR C 224 1.56 6.81 -10.97
N ALA C 225 0.44 6.26 -11.42
CA ALA C 225 -0.65 7.06 -11.98
C ALA C 225 -1.64 7.41 -10.88
N VAL C 226 -1.67 8.68 -10.51
CA VAL C 226 -2.56 9.16 -9.45
C VAL C 226 -3.91 9.67 -9.96
N ASN C 227 -4.98 9.32 -9.25
CA ASN C 227 -6.34 9.74 -9.64
C ASN C 227 -6.51 11.24 -9.42
N LEU C 228 -6.88 11.95 -10.47
CA LEU C 228 -7.07 13.40 -10.44
C LEU C 228 -8.55 13.69 -10.43
N THR C 229 -9.07 14.10 -9.28
CA THR C 229 -10.49 14.35 -9.11
C THR C 229 -10.82 15.75 -8.59
N GLY C 230 -12.09 15.96 -8.24
CA GLY C 230 -12.51 17.24 -7.72
C GLY C 230 -13.43 17.96 -8.69
N ARG C 231 -13.71 19.22 -8.44
CA ARG C 231 -14.56 20.00 -9.32
C ARG C 231 -13.78 20.32 -10.61
N THR C 232 -14.48 20.40 -11.73
CA THR C 232 -13.85 20.69 -13.01
C THR C 232 -12.96 21.94 -12.99
N ALA C 233 -13.41 22.96 -12.26
CA ALA C 233 -12.69 24.23 -12.18
C ALA C 233 -11.39 24.15 -11.40
N ASP C 234 -11.24 23.15 -10.54
CA ASP C 234 -10.03 23.01 -9.75
C ASP C 234 -9.00 22.06 -10.38
N LEU C 235 -9.38 21.41 -11.48
CA LEU C 235 -8.47 20.44 -12.12
C LEU C 235 -7.15 21.01 -12.62
N LYS C 236 -7.22 22.10 -13.36
CA LYS C 236 -6.02 22.72 -13.90
C LYS C 236 -4.98 22.99 -12.80
N ASP C 237 -5.43 23.43 -11.64
CA ASP C 237 -4.52 23.72 -10.53
C ASP C 237 -3.93 22.49 -9.86
N LYS C 238 -4.75 21.49 -9.59
CA LYS C 238 -4.26 20.28 -8.95
C LYS C 238 -3.24 19.63 -9.89
N ALA C 239 -3.58 19.58 -11.18
CA ALA C 239 -2.70 18.99 -12.16
C ALA C 239 -1.37 19.74 -12.21
N ARG C 240 -1.43 21.06 -12.29
CA ARG C 240 -0.19 21.87 -12.33
C ARG C 240 0.61 21.64 -11.08
N ARG C 241 -0.09 21.52 -9.96
CA ARG C 241 0.57 21.29 -8.68
C ARG C 241 1.14 19.87 -8.66
N ALA C 242 0.42 18.92 -9.25
CA ALA C 242 0.89 17.53 -9.30
C ALA C 242 2.18 17.51 -10.11
N ALA C 243 2.18 18.24 -11.22
CA ALA C 243 3.35 18.31 -12.08
C ALA C 243 4.56 18.78 -11.26
N GLU C 244 4.45 19.90 -10.59
CA GLU C 244 5.59 20.40 -9.82
C GLU C 244 5.97 19.53 -8.63
N LEU C 245 5.12 18.56 -8.30
CA LEU C 245 5.42 17.65 -7.19
C LEU C 245 6.07 16.37 -7.72
N GLY C 246 6.22 16.27 -9.04
CA GLY C 246 6.85 15.09 -9.62
C GLY C 246 5.94 13.95 -10.06
N ALA C 247 4.63 14.13 -9.97
CA ALA C 247 3.70 13.08 -10.38
C ALA C 247 4.14 12.44 -11.70
N ASP C 248 4.00 11.13 -11.82
CA ASP C 248 4.39 10.43 -13.03
C ASP C 248 3.31 10.40 -14.09
N ALA C 249 2.06 10.35 -13.64
CA ALA C 249 0.94 10.28 -14.56
C ALA C 249 -0.35 10.56 -13.81
N LEU C 250 -1.32 11.14 -14.50
CA LEU C 250 -2.58 11.46 -13.87
C LEU C 250 -3.72 10.59 -14.40
N LEU C 251 -4.28 9.76 -13.53
CA LEU C 251 -5.40 8.92 -13.91
C LEU C 251 -6.59 9.89 -13.96
N PHE C 252 -7.38 9.83 -15.03
CA PHE C 252 -8.50 10.76 -15.18
C PHE C 252 -9.77 10.10 -15.74
N ASN C 253 -10.87 10.20 -15.00
CA ASN C 253 -12.12 9.64 -15.46
C ASN C 253 -12.72 10.67 -16.39
N VAL C 254 -12.17 10.71 -17.61
CA VAL C 254 -12.57 11.67 -18.62
C VAL C 254 -14.07 11.74 -18.93
N PHE C 255 -14.74 10.59 -18.98
CA PHE C 255 -16.16 10.60 -19.32
C PHE C 255 -17.06 10.96 -18.16
N ALA C 256 -16.47 11.43 -17.08
CA ALA C 256 -17.21 11.86 -15.90
C ALA C 256 -17.13 13.39 -15.89
N TYR C 257 -16.14 13.93 -16.62
CA TYR C 257 -15.93 15.37 -16.73
C TYR C 257 -16.17 15.92 -18.13
N GLY C 258 -15.73 15.18 -19.14
CA GLY C 258 -15.90 15.62 -20.51
C GLY C 258 -14.59 15.63 -21.26
N LEU C 259 -14.64 15.28 -22.55
CA LEU C 259 -13.44 15.24 -23.39
C LEU C 259 -12.75 16.58 -23.47
N ASP C 260 -13.54 17.65 -23.56
CA ASP C 260 -12.97 18.98 -23.66
C ASP C 260 -12.13 19.31 -22.45
N VAL C 261 -12.57 18.83 -21.30
CA VAL C 261 -11.85 19.07 -20.05
C VAL C 261 -10.48 18.41 -20.08
N MET C 262 -10.42 17.16 -20.55
CA MET C 262 -9.14 16.46 -20.62
C MET C 262 -8.25 17.16 -21.64
N GLN C 263 -8.87 17.66 -22.69
CA GLN C 263 -8.15 18.35 -23.73
C GLN C 263 -7.46 19.59 -23.17
N GLY C 264 -8.17 20.37 -22.37
CA GLY C 264 -7.58 21.57 -21.78
C GLY C 264 -6.38 21.21 -20.91
N LEU C 265 -6.45 20.03 -20.32
CA LEU C 265 -5.37 19.54 -19.46
C LEU C 265 -4.18 19.14 -20.33
N ALA C 266 -4.45 18.41 -21.41
CA ALA C 266 -3.40 17.96 -22.30
C ALA C 266 -2.73 19.10 -23.07
N GLU C 267 -3.44 20.21 -23.25
CA GLU C 267 -2.88 21.34 -23.99
C GLU C 267 -2.06 22.27 -23.10
N ASP C 268 -2.15 22.06 -21.78
CA ASP C 268 -1.46 22.89 -20.80
C ASP C 268 0.02 22.57 -20.66
N PRO C 269 0.90 23.45 -21.17
CA PRO C 269 2.36 23.26 -21.09
C PRO C 269 2.87 23.14 -19.65
N GLU C 270 2.12 23.67 -18.71
CA GLU C 270 2.52 23.60 -17.32
C GLU C 270 2.11 22.27 -16.68
N ILE C 271 1.57 21.36 -17.48
CA ILE C 271 1.20 20.04 -16.97
C ILE C 271 1.95 18.97 -17.78
N PRO C 272 3.29 18.96 -17.68
CA PRO C 272 4.10 17.98 -18.40
C PRO C 272 3.94 16.61 -17.74
N VAL C 273 2.71 16.14 -17.68
CA VAL C 273 2.40 14.86 -17.08
C VAL C 273 1.43 14.08 -17.97
N PRO C 274 1.75 12.82 -18.25
CA PRO C 274 0.90 11.96 -19.08
C PRO C 274 -0.49 11.80 -18.44
N ILE C 275 -1.49 11.62 -19.27
CA ILE C 275 -2.85 11.44 -18.78
C ILE C 275 -3.35 10.03 -19.05
N MET C 276 -3.78 9.36 -18.00
CA MET C 276 -4.30 8.01 -18.14
C MET C 276 -5.81 8.10 -18.10
N ALA C 277 -6.43 8.02 -19.28
CA ALA C 277 -7.88 8.11 -19.39
C ALA C 277 -8.57 6.81 -18.97
N HIS C 278 -9.49 6.92 -18.01
CA HIS C 278 -10.24 5.78 -17.53
C HIS C 278 -11.62 5.79 -18.16
N PRO C 279 -12.09 4.62 -18.61
CA PRO C 279 -13.40 4.46 -19.27
C PRO C 279 -14.65 4.54 -18.38
N ALA C 280 -14.47 4.89 -17.11
CA ALA C 280 -15.59 5.00 -16.18
C ALA C 280 -16.74 5.81 -16.76
N VAL C 281 -17.94 5.25 -16.71
CA VAL C 281 -19.17 5.88 -17.20
C VAL C 281 -19.37 5.78 -18.70
N SER C 282 -18.29 5.58 -19.45
CA SER C 282 -18.41 5.50 -20.92
C SER C 282 -19.40 4.41 -21.36
N GLY C 283 -19.59 3.41 -20.52
CA GLY C 283 -20.52 2.33 -20.87
C GLY C 283 -21.91 2.86 -21.10
N ALA C 284 -22.24 3.98 -20.47
CA ALA C 284 -23.56 4.58 -20.59
C ALA C 284 -23.93 5.06 -22.00
N PHE C 285 -22.94 5.24 -22.86
CA PHE C 285 -23.23 5.70 -24.21
C PHE C 285 -22.44 5.01 -25.31
N THR C 286 -21.93 3.82 -25.03
CA THR C 286 -21.17 3.06 -26.00
C THR C 286 -21.59 1.61 -26.04
N SER C 287 -22.08 1.11 -24.90
CA SER C 287 -22.49 -0.28 -24.78
C SER C 287 -23.64 -0.71 -25.68
N SER C 288 -24.54 0.21 -26.01
CA SER C 288 -25.66 -0.14 -26.87
C SER C 288 -25.25 -0.36 -28.32
N PRO C 289 -25.68 -1.49 -28.91
CA PRO C 289 -25.33 -1.77 -30.31
C PRO C 289 -26.06 -0.88 -31.30
N PHE C 290 -27.12 -0.23 -30.84
CA PHE C 290 -27.90 0.62 -31.72
C PHE C 290 -27.87 2.12 -31.42
N TYR C 291 -27.41 2.49 -30.23
CA TYR C 291 -27.36 3.91 -29.87
C TYR C 291 -25.98 4.38 -29.45
N GLY C 292 -25.87 5.68 -29.23
CA GLY C 292 -24.63 6.25 -28.77
C GLY C 292 -23.44 6.21 -29.69
N PHE C 293 -22.27 5.96 -29.10
CA PHE C 293 -21.00 5.91 -29.82
C PHE C 293 -20.38 4.52 -29.83
N SER C 294 -19.53 4.26 -30.82
CA SER C 294 -18.83 2.99 -30.89
C SER C 294 -17.71 3.14 -29.86
N HIS C 295 -17.15 2.03 -29.39
CA HIS C 295 -16.07 2.10 -28.41
C HIS C 295 -14.80 2.69 -29.00
N ALA C 296 -14.51 2.30 -30.24
CA ALA C 296 -13.30 2.74 -30.94
C ALA C 296 -13.22 4.25 -31.13
N LEU C 297 -14.36 4.85 -31.46
CA LEU C 297 -14.43 6.27 -31.70
C LEU C 297 -14.22 7.06 -30.39
N LEU C 298 -14.88 6.61 -29.34
CA LEU C 298 -14.83 7.25 -28.04
C LEU C 298 -13.56 6.97 -27.25
N LEU C 299 -13.36 5.70 -26.93
CA LEU C 299 -12.20 5.25 -26.15
C LEU C 299 -10.92 5.26 -26.96
N GLY C 300 -11.06 5.20 -28.27
CA GLY C 300 -9.89 5.20 -29.12
C GLY C 300 -9.53 6.55 -29.71
N LYS C 301 -10.21 6.92 -30.80
CA LYS C 301 -9.91 8.16 -31.47
C LYS C 301 -10.07 9.45 -30.66
N LEU C 302 -11.27 9.71 -30.15
CA LEU C 302 -11.49 10.92 -29.37
C LEU C 302 -10.58 11.05 -28.15
N ASN C 303 -10.43 9.99 -27.38
CA ASN C 303 -9.55 10.04 -26.21
C ASN C 303 -8.14 10.46 -26.62
N ARG C 304 -7.69 9.91 -27.74
CA ARG C 304 -6.35 10.19 -28.25
C ARG C 304 -6.20 11.62 -28.72
N TYR C 305 -7.09 12.04 -29.62
CA TYR C 305 -7.06 13.39 -30.16
C TYR C 305 -7.16 14.39 -29.02
N CYS C 306 -7.89 14.03 -27.98
CA CYS C 306 -8.07 14.93 -26.85
C CYS C 306 -7.02 14.86 -25.76
N GLY C 307 -5.92 14.15 -26.02
CA GLY C 307 -4.84 14.11 -25.05
C GLY C 307 -4.57 12.89 -24.20
N ALA C 308 -5.30 11.80 -24.42
CA ALA C 308 -5.06 10.60 -23.63
C ALA C 308 -3.74 9.94 -24.01
N ASP C 309 -2.86 9.74 -23.03
CA ASP C 309 -1.58 9.08 -23.28
C ASP C 309 -1.81 7.59 -23.08
N PHE C 310 -2.82 7.26 -22.29
CA PHE C 310 -3.19 5.88 -22.02
C PHE C 310 -4.69 5.78 -22.15
N SER C 311 -5.17 4.70 -22.75
CA SER C 311 -6.60 4.53 -22.84
C SER C 311 -6.94 3.16 -22.27
N LEU C 312 -7.56 3.18 -21.09
CA LEU C 312 -7.95 1.96 -20.39
C LEU C 312 -9.29 1.44 -20.88
N PHE C 313 -9.43 0.13 -21.00
CA PHE C 313 -10.70 -0.45 -21.42
C PHE C 313 -10.74 -1.92 -21.05
N PRO C 314 -11.94 -2.44 -20.77
CA PRO C 314 -12.08 -3.85 -20.40
C PRO C 314 -11.47 -4.74 -21.49
N SER C 315 -10.61 -5.66 -21.11
CA SER C 315 -10.04 -6.56 -22.09
C SER C 315 -11.20 -7.49 -22.43
N PRO C 316 -11.10 -8.25 -23.53
CA PRO C 316 -12.21 -9.15 -23.86
C PRO C 316 -12.01 -10.49 -23.16
N TYR C 317 -11.46 -10.46 -21.95
CA TYR C 317 -11.19 -11.68 -21.20
C TYR C 317 -11.78 -11.76 -19.78
N GLY C 318 -12.19 -10.62 -19.22
CA GLY C 318 -12.75 -10.63 -17.88
C GLY C 318 -14.26 -10.77 -17.75
N SER C 319 -14.75 -10.63 -16.51
CA SER C 319 -16.17 -10.72 -16.21
C SER C 319 -16.83 -9.54 -16.89
N VAL C 320 -16.25 -8.36 -16.67
CA VAL C 320 -16.71 -7.13 -17.29
C VAL C 320 -15.79 -7.06 -18.50
N ALA C 321 -16.27 -7.51 -19.65
CA ALA C 321 -15.44 -7.52 -20.83
C ALA C 321 -15.97 -6.66 -21.96
N LEU C 322 -15.22 -6.63 -23.04
CA LEU C 322 -15.56 -5.85 -24.23
C LEU C 322 -15.49 -6.82 -25.40
N PRO C 323 -16.34 -6.63 -26.41
CA PRO C 323 -16.27 -7.56 -27.55
C PRO C 323 -14.87 -7.50 -28.14
N ARG C 324 -14.43 -8.58 -28.76
CA ARG C 324 -13.09 -8.62 -29.34
C ARG C 324 -12.87 -7.51 -30.37
N ALA C 325 -13.79 -7.40 -31.33
CA ALA C 325 -13.70 -6.38 -32.37
C ALA C 325 -13.50 -4.97 -31.80
N ASP C 326 -14.28 -4.61 -30.80
CA ASP C 326 -14.16 -3.28 -30.21
C ASP C 326 -12.78 -3.13 -29.56
N ALA C 327 -12.39 -4.11 -28.77
CA ALA C 327 -11.10 -4.08 -28.11
C ALA C 327 -10.00 -3.89 -29.14
N LEU C 328 -10.05 -4.67 -30.22
CA LEU C 328 -9.06 -4.56 -31.28
C LEU C 328 -9.13 -3.20 -31.98
N ALA C 329 -10.35 -2.71 -32.20
CA ALA C 329 -10.56 -1.43 -32.87
C ALA C 329 -10.05 -0.25 -32.03
N ILE C 330 -10.15 -0.35 -30.70
CA ILE C 330 -9.68 0.73 -29.84
C ILE C 330 -8.17 0.83 -29.96
N HIS C 331 -7.50 -0.32 -29.87
CA HIS C 331 -6.05 -0.36 -29.99
C HIS C 331 -5.67 0.20 -31.35
N GLU C 332 -6.44 -0.19 -32.36
CA GLU C 332 -6.23 0.25 -33.73
C GLU C 332 -6.18 1.78 -33.79
N GLU C 333 -7.18 2.42 -33.21
CA GLU C 333 -7.28 3.88 -33.18
C GLU C 333 -6.13 4.51 -32.39
N CYS C 334 -5.74 3.88 -31.29
CA CYS C 334 -4.66 4.38 -30.44
C CYS C 334 -3.32 4.36 -31.16
N VAL C 335 -3.19 3.40 -32.07
CA VAL C 335 -1.95 3.15 -32.79
C VAL C 335 -1.79 3.70 -34.20
N ARG C 336 -2.89 3.84 -34.93
CA ARG C 336 -2.86 4.33 -36.29
C ARG C 336 -1.97 5.57 -36.48
N GLU C 337 -1.18 5.55 -37.55
CA GLU C 337 -0.31 6.68 -37.88
C GLU C 337 -1.29 7.82 -38.07
N ASP C 338 -1.04 8.93 -37.41
CA ASP C 338 -1.94 10.08 -37.53
C ASP C 338 -1.14 11.32 -37.21
N ALA C 339 -1.83 12.45 -37.09
CA ALA C 339 -1.17 13.71 -36.79
C ALA C 339 -0.77 13.88 -35.33
N PHE C 340 -1.07 12.88 -34.50
CA PHE C 340 -0.72 12.98 -33.08
C PHE C 340 0.11 11.78 -32.63
N ASN C 341 0.69 11.88 -31.44
CA ASN C 341 1.43 10.75 -30.92
C ASN C 341 0.44 9.62 -30.78
N GLN C 342 0.94 8.41 -30.64
CA GLN C 342 0.08 7.26 -30.48
C GLN C 342 -0.29 7.12 -29.01
N THR C 343 -1.47 6.57 -28.76
CA THR C 343 -1.92 6.38 -27.40
C THR C 343 -1.67 4.94 -26.98
N PHE C 344 -1.29 4.75 -25.72
CA PHE C 344 -1.04 3.40 -25.21
C PHE C 344 -2.38 2.75 -24.86
N ALA C 345 -2.77 1.75 -25.64
CA ALA C 345 -4.03 1.05 -25.39
C ALA C 345 -3.75 0.14 -24.21
N VAL C 346 -4.76 -0.02 -23.36
CA VAL C 346 -4.61 -0.82 -22.15
C VAL C 346 -5.69 -1.88 -21.88
N PRO C 347 -5.58 -3.02 -22.55
CA PRO C 347 -6.51 -4.14 -22.32
C PRO C 347 -6.36 -4.72 -20.92
N SER C 348 -7.42 -4.66 -20.12
CA SER C 348 -7.30 -4.30 -18.72
C SER C 348 -7.79 -5.44 -17.82
N ALA C 349 -8.53 -6.37 -18.42
CA ALA C 349 -9.31 -7.34 -17.64
C ALA C 349 -8.77 -8.74 -17.82
N GLY C 350 -8.53 -9.43 -16.71
CA GLY C 350 -8.85 -10.84 -16.60
C GLY C 350 -7.66 -11.74 -16.86
N ILE C 351 -6.47 -11.24 -16.52
CA ILE C 351 -5.25 -11.62 -17.23
C ILE C 351 -4.27 -12.32 -16.30
N HIS C 352 -3.69 -13.41 -16.79
CA HIS C 352 -2.61 -14.09 -16.08
C HIS C 352 -1.51 -14.30 -17.11
N PRO C 353 -0.27 -14.47 -16.63
CA PRO C 353 0.89 -14.67 -17.50
C PRO C 353 0.66 -15.61 -18.68
N GLY C 354 -0.21 -16.60 -18.50
CA GLY C 354 -0.50 -17.56 -19.56
C GLY C 354 -1.07 -16.97 -20.84
N MET C 355 -1.74 -15.83 -20.73
CA MET C 355 -2.35 -15.20 -21.91
C MET C 355 -1.48 -14.16 -22.61
N VAL C 356 -0.36 -13.81 -21.99
CA VAL C 356 0.56 -12.83 -22.58
C VAL C 356 0.83 -13.11 -24.05
N PRO C 357 1.16 -14.37 -24.40
CA PRO C 357 1.43 -14.65 -25.81
C PRO C 357 0.22 -14.29 -26.67
N LEU C 358 -0.98 -14.51 -26.12
CA LEU C 358 -2.20 -14.21 -26.84
C LEU C 358 -2.34 -12.68 -26.99
N LEU C 359 -2.13 -11.96 -25.89
CA LEU C 359 -2.23 -10.50 -25.92
C LEU C 359 -1.26 -9.87 -26.91
N MET C 360 -0.02 -10.35 -26.92
CA MET C 360 0.98 -9.80 -27.81
C MET C 360 0.64 -10.04 -29.28
N ARG C 361 -0.16 -11.09 -29.54
CA ARG C 361 -0.57 -11.41 -30.90
C ARG C 361 -1.66 -10.44 -31.31
N ASP C 362 -2.63 -10.21 -30.42
CA ASP C 362 -3.75 -9.31 -30.69
C ASP C 362 -3.44 -7.83 -30.55
N PHE C 363 -2.43 -7.47 -29.76
CA PHE C 363 -2.11 -6.06 -29.56
C PHE C 363 -0.67 -5.65 -29.79
N GLY C 364 0.15 -6.55 -30.32
CA GLY C 364 1.54 -6.21 -30.57
C GLY C 364 2.32 -5.78 -29.35
N ILE C 365 3.44 -5.09 -29.55
CA ILE C 365 4.26 -4.64 -28.44
C ILE C 365 3.86 -3.25 -27.94
N ASP C 366 3.06 -2.53 -28.72
CA ASP C 366 2.64 -1.21 -28.31
C ASP C 366 1.28 -1.16 -27.62
N HIS C 367 1.22 -1.77 -26.45
CA HIS C 367 0.02 -1.79 -25.63
C HIS C 367 0.51 -2.07 -24.22
N ILE C 368 -0.39 -1.95 -23.25
CA ILE C 368 0.01 -2.21 -21.87
C ILE C 368 -0.89 -3.29 -21.30
N ILE C 369 -0.28 -4.32 -20.73
CA ILE C 369 -1.03 -5.41 -20.12
C ILE C 369 -1.30 -5.01 -18.67
N ASN C 370 -2.57 -4.78 -18.37
CA ASN C 370 -2.98 -4.39 -17.03
C ASN C 370 -3.64 -5.59 -16.37
N ALA C 371 -2.88 -6.34 -15.58
CA ALA C 371 -3.43 -7.51 -14.91
C ALA C 371 -3.25 -7.51 -13.40
N GLY C 372 -3.98 -6.63 -12.71
CA GLY C 372 -3.88 -6.58 -11.27
C GLY C 372 -4.17 -7.91 -10.60
N GLY C 373 -5.23 -8.58 -11.06
CA GLY C 373 -5.59 -9.87 -10.50
C GLY C 373 -4.49 -10.91 -10.61
N GLY C 374 -3.88 -10.98 -11.79
CA GLY C 374 -2.80 -11.94 -12.01
C GLY C 374 -1.55 -11.59 -11.23
N VAL C 375 -1.39 -10.31 -10.89
CA VAL C 375 -0.22 -9.87 -10.14
C VAL C 375 -0.34 -10.20 -8.67
N HIS C 376 -1.52 -9.95 -8.10
CA HIS C 376 -1.75 -10.21 -6.68
C HIS C 376 -2.20 -11.62 -6.36
N GLY C 377 -2.75 -12.32 -7.35
CA GLY C 377 -3.20 -13.67 -7.14
C GLY C 377 -2.04 -14.64 -7.05
N HIS C 378 -0.95 -14.30 -7.73
CA HIS C 378 0.25 -15.12 -7.74
C HIS C 378 0.59 -15.61 -6.33
N PRO C 379 0.96 -16.90 -6.20
CA PRO C 379 1.31 -17.50 -4.91
C PRO C 379 2.33 -16.65 -4.18
N ASN C 380 3.40 -16.28 -4.87
CA ASN C 380 4.43 -15.44 -4.28
C ASN C 380 3.79 -14.06 -4.05
N GLY C 381 4.60 -13.10 -3.63
CA GLY C 381 4.05 -11.77 -3.40
C GLY C 381 3.65 -11.09 -4.69
N ALA C 382 3.53 -9.77 -4.64
CA ALA C 382 3.17 -9.02 -5.83
C ALA C 382 4.37 -9.10 -6.76
N GLN C 383 5.55 -9.27 -6.17
CA GLN C 383 6.79 -9.39 -6.91
C GLN C 383 6.71 -10.61 -7.82
N GLY C 384 6.32 -11.73 -7.24
CA GLY C 384 6.20 -12.95 -8.00
C GLY C 384 5.34 -12.76 -9.22
N GLY C 385 4.17 -12.15 -9.03
CA GLY C 385 3.26 -11.91 -10.12
C GLY C 385 3.86 -11.01 -11.16
N GLY C 386 4.66 -10.05 -10.71
CA GLY C 386 5.31 -9.13 -11.64
C GLY C 386 6.30 -9.86 -12.52
N ARG C 387 7.18 -10.67 -11.91
CA ARG C 387 8.17 -11.41 -12.68
C ARG C 387 7.54 -12.45 -13.59
N ALA C 388 6.44 -13.02 -13.16
CA ALA C 388 5.76 -14.01 -13.96
C ALA C 388 5.44 -13.38 -15.31
N PHE C 389 4.81 -12.20 -15.29
CA PHE C 389 4.46 -11.50 -16.53
C PHE C 389 5.70 -11.08 -17.31
N ARG C 390 6.61 -10.38 -16.63
CA ARG C 390 7.85 -9.91 -17.25
C ARG C 390 8.68 -11.02 -17.87
N ALA C 391 8.63 -12.21 -17.27
CA ALA C 391 9.40 -13.33 -17.79
C ALA C 391 8.77 -13.89 -19.06
N ILE C 392 7.45 -14.07 -19.06
CA ILE C 392 6.79 -14.62 -20.23
C ILE C 392 6.80 -13.63 -21.40
N ILE C 393 6.70 -12.33 -21.09
CA ILE C 393 6.73 -11.33 -22.15
C ILE C 393 8.07 -11.47 -22.88
N ASP C 394 9.13 -11.62 -22.10
CA ASP C 394 10.48 -11.76 -22.65
C ASP C 394 10.61 -13.06 -23.46
N ALA C 395 10.00 -14.13 -22.98
CA ALA C 395 10.06 -15.41 -23.67
C ALA C 395 9.64 -15.26 -25.12
N VAL C 396 8.45 -14.73 -25.35
CA VAL C 396 7.95 -14.57 -26.72
C VAL C 396 8.80 -13.59 -27.53
N LEU C 397 9.43 -12.61 -26.88
CA LEU C 397 10.25 -11.64 -27.59
C LEU C 397 11.52 -12.27 -28.18
N GLU C 398 12.20 -13.11 -27.41
CA GLU C 398 13.39 -13.78 -27.90
C GLU C 398 13.01 -15.17 -28.42
N ALA C 399 11.71 -15.34 -28.65
CA ALA C 399 11.14 -16.58 -29.16
C ALA C 399 11.54 -17.83 -28.38
N GLN C 400 11.54 -17.73 -27.06
CA GLN C 400 11.91 -18.85 -26.21
C GLN C 400 10.67 -19.67 -25.85
N PRO C 401 10.80 -21.00 -25.84
CA PRO C 401 9.65 -21.87 -25.51
C PRO C 401 9.07 -21.55 -24.13
N ILE C 402 7.75 -21.52 -24.04
CA ILE C 402 7.05 -21.21 -22.80
C ILE C 402 7.50 -22.14 -21.67
N ASP C 403 7.42 -23.45 -21.90
CA ASP C 403 7.81 -24.43 -20.91
C ASP C 403 9.25 -24.26 -20.46
N GLU C 404 10.11 -23.75 -21.34
CA GLU C 404 11.51 -23.53 -21.01
C GLU C 404 11.75 -22.34 -20.07
N LYS C 405 11.09 -21.22 -20.33
CA LYS C 405 11.24 -20.04 -19.49
C LYS C 405 10.80 -20.42 -18.08
N ALA C 406 9.75 -21.24 -18.04
CA ALA C 406 9.20 -21.72 -16.78
C ALA C 406 10.31 -22.37 -15.95
N GLU C 407 11.00 -23.33 -16.54
CA GLU C 407 12.08 -24.03 -15.86
C GLU C 407 13.14 -23.05 -15.36
N GLN C 408 13.25 -21.91 -16.04
CA GLN C 408 14.23 -20.90 -15.66
C GLN C 408 13.73 -19.86 -14.66
N CYS C 409 12.41 -19.81 -14.47
CA CYS C 409 11.79 -18.85 -13.55
C CYS C 409 10.61 -19.50 -12.83
N LYS C 410 10.77 -19.75 -11.53
CA LYS C 410 9.71 -20.41 -10.76
C LYS C 410 8.44 -19.57 -10.64
N ASP C 411 8.59 -18.24 -10.59
CA ASP C 411 7.42 -17.38 -10.49
C ASP C 411 6.53 -17.64 -11.70
N LEU C 412 7.15 -17.74 -12.88
CA LEU C 412 6.39 -18.00 -14.09
C LEU C 412 5.84 -19.41 -14.01
N LYS C 413 6.65 -20.34 -13.51
CA LYS C 413 6.23 -21.74 -13.36
C LYS C 413 5.01 -21.80 -12.45
N LEU C 414 5.09 -21.12 -11.31
CA LEU C 414 3.99 -21.08 -10.36
C LEU C 414 2.77 -20.44 -10.99
N ALA C 415 2.99 -19.36 -11.73
CA ALA C 415 1.90 -18.65 -12.40
C ALA C 415 1.22 -19.59 -13.39
N LEU C 416 1.97 -20.03 -14.40
CA LEU C 416 1.45 -20.93 -15.41
C LEU C 416 0.78 -22.12 -14.75
N ASP C 417 1.51 -22.74 -13.82
CA ASP C 417 1.02 -23.91 -13.09
C ASP C 417 -0.31 -23.66 -12.40
N LYS C 418 -0.59 -22.41 -12.06
CA LYS C 418 -1.83 -22.06 -11.38
C LYS C 418 -3.04 -21.92 -12.29
N TRP C 419 -2.90 -21.18 -13.38
CA TRP C 419 -4.03 -21.00 -14.28
C TRP C 419 -3.91 -21.55 -15.71
N GLY C 420 -2.70 -21.86 -16.18
CA GLY C 420 -2.58 -22.40 -17.53
C GLY C 420 -1.43 -21.92 -18.39
N SER D 22 -24.58 9.77 6.06
CA SER D 22 -25.36 10.08 4.83
C SER D 22 -25.19 9.00 3.75
N GLU D 23 -26.28 8.65 3.10
CA GLU D 23 -26.24 7.64 2.05
C GLU D 23 -26.89 8.17 0.78
N LEU D 24 -26.50 7.56 -0.33
CA LEU D 24 -27.00 7.91 -1.63
C LEU D 24 -27.62 6.63 -2.18
N LEU D 25 -28.91 6.67 -2.53
CA LEU D 25 -29.58 5.50 -3.07
C LEU D 25 -29.56 5.53 -4.59
N ALA D 26 -29.03 4.47 -5.18
CA ALA D 26 -28.97 4.34 -6.63
C ALA D 26 -29.87 3.17 -7.04
N THR D 27 -30.75 3.42 -8.00
CA THR D 27 -31.64 2.37 -8.47
C THR D 27 -31.24 1.99 -9.88
N TYR D 28 -31.02 0.70 -10.11
CA TYR D 28 -30.63 0.22 -11.42
C TYR D 28 -31.67 -0.69 -12.06
N LEU D 29 -31.64 -0.75 -13.39
CA LEU D 29 -32.53 -1.60 -14.15
C LEU D 29 -31.60 -2.58 -14.84
N LEU D 30 -31.70 -3.85 -14.48
CA LEU D 30 -30.84 -4.87 -15.09
C LEU D 30 -31.65 -5.76 -16.02
N THR D 31 -31.14 -5.95 -17.23
CA THR D 31 -31.79 -6.81 -18.20
C THR D 31 -30.97 -8.10 -18.25
N GLU D 32 -31.66 -9.23 -18.16
CA GLU D 32 -30.99 -10.53 -18.18
C GLU D 32 -29.94 -10.50 -17.07
N PRO D 33 -30.39 -10.28 -15.81
CA PRO D 33 -29.55 -10.20 -14.61
C PRO D 33 -28.90 -11.50 -14.16
N GLY D 34 -29.58 -12.62 -14.39
CA GLY D 34 -29.03 -13.90 -13.98
C GLY D 34 -29.91 -14.61 -12.97
N ALA D 35 -29.63 -15.90 -12.78
CA ALA D 35 -30.40 -16.71 -11.84
C ALA D 35 -30.38 -16.17 -10.41
N ASP D 36 -29.30 -15.53 -10.03
CA ASP D 36 -29.19 -15.00 -8.67
C ASP D 36 -29.09 -13.48 -8.65
N THR D 37 -30.14 -12.81 -9.10
CA THR D 37 -30.15 -11.35 -9.13
C THR D 37 -29.83 -10.76 -7.76
N GLU D 38 -30.09 -11.53 -6.71
CA GLU D 38 -29.81 -11.10 -5.35
C GLU D 38 -28.30 -11.02 -5.10
N LYS D 39 -27.54 -11.93 -5.72
CA LYS D 39 -26.10 -11.92 -5.55
C LYS D 39 -25.48 -10.85 -6.44
N LYS D 40 -26.15 -10.56 -7.56
CA LYS D 40 -25.68 -9.53 -8.46
C LYS D 40 -25.74 -8.22 -7.69
N ALA D 41 -26.81 -8.06 -6.92
CA ALA D 41 -27.01 -6.87 -6.12
C ALA D 41 -25.88 -6.68 -5.12
N GLU D 42 -25.55 -7.72 -4.37
CA GLU D 42 -24.47 -7.61 -3.38
C GLU D 42 -23.11 -7.35 -4.03
N GLN D 43 -22.87 -7.99 -5.17
CA GLN D 43 -21.62 -7.82 -5.88
C GLN D 43 -21.43 -6.35 -6.24
N ILE D 44 -22.45 -5.77 -6.87
CA ILE D 44 -22.41 -4.38 -7.26
C ILE D 44 -22.14 -3.52 -6.03
N ALA D 45 -22.86 -3.79 -4.96
CA ALA D 45 -22.71 -3.05 -3.73
C ALA D 45 -21.32 -3.17 -3.11
N THR D 46 -20.66 -4.32 -3.29
CA THR D 46 -19.33 -4.53 -2.72
C THR D 46 -18.16 -4.42 -3.70
N GLY D 47 -17.01 -4.92 -3.26
CA GLY D 47 -15.80 -4.90 -4.07
C GLY D 47 -14.54 -5.10 -3.24
N PRO D 57 -9.09 -10.10 1.93
CA PRO D 57 -8.61 -10.05 3.33
C PRO D 57 -9.79 -9.81 4.27
N LEU D 58 -9.58 -10.02 5.57
CA LEU D 58 -10.64 -9.82 6.55
C LEU D 58 -10.40 -8.65 7.50
N VAL D 59 -9.14 -8.33 7.76
CA VAL D 59 -8.82 -7.20 8.62
C VAL D 59 -9.42 -6.01 7.87
N LYS D 60 -9.26 -6.04 6.55
CA LYS D 60 -9.76 -5.00 5.68
C LYS D 60 -11.24 -5.22 5.41
N GLN D 61 -11.67 -6.47 5.49
CA GLN D 61 -13.06 -6.83 5.26
C GLN D 61 -13.95 -6.14 6.30
N GLU D 62 -13.51 -6.15 7.55
CA GLU D 62 -14.26 -5.52 8.63
C GLU D 62 -14.18 -3.99 8.51
N GLN D 63 -13.00 -3.47 8.24
CA GLN D 63 -12.83 -2.01 8.13
C GLN D 63 -13.33 -1.46 6.81
N MET D 64 -14.21 -2.21 6.15
CA MET D 64 -14.78 -1.79 4.88
C MET D 64 -16.29 -1.96 4.91
N GLN D 65 -16.77 -2.61 5.97
CA GLN D 65 -18.21 -2.83 6.13
C GLN D 65 -18.95 -1.50 6.12
N LYS D 66 -18.26 -0.42 6.49
CA LYS D 66 -18.89 0.90 6.49
C LYS D 66 -18.58 1.63 5.19
N HIS D 67 -17.93 0.94 4.27
CA HIS D 67 -17.59 1.47 2.95
C HIS D 67 -18.38 0.71 1.90
N LYS D 68 -19.03 -0.38 2.32
CA LYS D 68 -19.80 -1.17 1.38
C LYS D 68 -21.24 -0.69 1.29
N GLY D 69 -21.78 -0.76 0.08
CA GLY D 69 -23.16 -0.37 -0.11
C GLY D 69 -24.03 -1.44 0.50
N ARG D 70 -25.31 -1.13 0.70
CA ARG D 70 -26.25 -2.08 1.26
C ARG D 70 -27.34 -2.31 0.22
N VAL D 71 -27.65 -3.56 -0.06
CA VAL D 71 -28.71 -3.85 -1.01
C VAL D 71 -30.02 -3.58 -0.26
N ILE D 72 -30.73 -2.56 -0.70
CA ILE D 72 -31.97 -2.16 -0.05
C ILE D 72 -33.23 -2.83 -0.58
N LYS D 73 -33.30 -2.99 -1.90
CA LYS D 73 -34.47 -3.59 -2.49
C LYS D 73 -34.06 -4.29 -3.77
N VAL D 74 -34.72 -5.41 -4.07
CA VAL D 74 -34.45 -6.17 -5.28
C VAL D 74 -35.77 -6.71 -5.83
N GLU D 75 -36.39 -5.90 -6.69
CA GLU D 75 -37.67 -6.23 -7.32
C GLU D 75 -37.45 -6.82 -8.70
N GLU D 76 -38.53 -7.31 -9.34
CA GLU D 76 -38.40 -7.90 -10.66
C GLU D 76 -39.45 -7.48 -11.68
N ARG D 77 -39.24 -6.31 -12.29
CA ARG D 77 -40.13 -5.74 -13.30
C ARG D 77 -39.93 -4.23 -13.40
N GLU D 78 -39.38 -3.78 -14.54
CA GLU D 78 -39.09 -2.38 -14.81
C GLU D 78 -39.10 -1.49 -13.56
N LYS D 85 -34.89 -4.60 -18.23
CA LYS D 85 -36.30 -4.99 -18.46
C LYS D 85 -36.94 -5.63 -17.24
N GLN D 86 -36.29 -6.67 -16.71
CA GLN D 86 -36.85 -7.41 -15.58
C GLN D 86 -35.98 -7.54 -14.33
N ALA D 87 -35.54 -6.43 -13.77
CA ALA D 87 -34.72 -6.46 -12.56
C ALA D 87 -34.36 -5.06 -12.08
N VAL D 88 -35.06 -4.61 -11.05
CA VAL D 88 -34.80 -3.30 -10.48
C VAL D 88 -34.11 -3.50 -9.14
N ILE D 89 -32.94 -2.88 -9.01
CA ILE D 89 -32.16 -2.99 -7.79
C ILE D 89 -31.80 -1.61 -7.22
N THR D 90 -31.94 -1.47 -5.91
CA THR D 90 -31.61 -0.22 -5.23
C THR D 90 -30.50 -0.48 -4.23
N ILE D 91 -29.42 0.29 -4.35
CA ILE D 91 -28.27 0.17 -3.46
C ILE D 91 -27.97 1.49 -2.76
N ALA D 92 -27.65 1.41 -1.48
CA ALA D 92 -27.34 2.60 -0.70
C ALA D 92 -25.84 2.69 -0.51
N TYR D 93 -25.23 3.73 -1.07
CA TYR D 93 -23.80 3.93 -0.94
C TYR D 93 -23.52 4.97 0.14
N PRO D 94 -22.69 4.63 1.13
CA PRO D 94 -22.40 5.63 2.16
C PRO D 94 -21.66 6.76 1.44
N GLU D 95 -22.02 8.00 1.74
CA GLU D 95 -21.38 9.12 1.04
C GLU D 95 -19.90 9.34 1.31
N ILE D 96 -19.32 8.49 2.15
CA ILE D 96 -17.90 8.60 2.45
C ILE D 96 -17.06 8.00 1.30
N ASN D 97 -17.69 7.19 0.46
CA ASN D 97 -17.01 6.58 -0.68
C ASN D 97 -16.68 7.55 -1.80
N PHE D 98 -17.22 8.77 -1.73
CA PHE D 98 -16.96 9.76 -2.77
C PHE D 98 -17.10 11.20 -2.31
N SER D 99 -16.45 12.12 -3.02
CA SER D 99 -16.54 13.52 -2.68
C SER D 99 -17.90 14.03 -3.16
N GLN D 100 -18.35 15.15 -2.61
CA GLN D 100 -19.64 15.73 -2.98
C GLN D 100 -19.68 16.46 -4.32
N ASP D 101 -19.62 15.69 -5.40
CA ASP D 101 -19.68 16.28 -6.73
C ASP D 101 -20.12 15.20 -7.71
N ILE D 102 -20.87 15.60 -8.72
CA ILE D 102 -21.40 14.65 -9.70
C ILE D 102 -20.36 13.73 -10.34
N PRO D 103 -19.19 14.26 -10.72
CA PRO D 103 -18.18 13.38 -11.33
C PRO D 103 -17.79 12.20 -10.43
N ALA D 104 -17.57 12.48 -9.15
CA ALA D 104 -17.20 11.44 -8.20
C ALA D 104 -18.35 10.46 -8.06
N LEU D 105 -19.54 11.01 -7.88
CA LEU D 105 -20.76 10.23 -7.71
C LEU D 105 -20.96 9.26 -8.87
N LEU D 106 -21.11 9.80 -10.07
CA LEU D 106 -21.33 8.98 -11.26
C LEU D 106 -20.25 7.91 -11.43
N THR D 107 -19.00 8.29 -11.19
CA THR D 107 -17.90 7.36 -11.29
C THR D 107 -18.06 6.24 -10.26
N THR D 108 -18.63 6.58 -9.11
CA THR D 108 -18.82 5.59 -8.05
C THR D 108 -19.99 4.64 -8.23
N VAL D 109 -21.17 5.18 -8.50
CA VAL D 109 -22.37 4.35 -8.65
C VAL D 109 -22.59 3.89 -10.09
N PHE D 110 -21.88 4.48 -11.04
CA PHE D 110 -22.05 4.09 -12.42
C PHE D 110 -20.82 4.28 -13.27
N GLY D 111 -19.66 3.91 -12.72
CA GLY D 111 -18.42 4.05 -13.46
C GLY D 111 -18.16 2.83 -14.31
N LYS D 112 -17.27 1.96 -13.85
CA LYS D 112 -16.97 0.75 -14.59
C LYS D 112 -18.23 -0.11 -14.69
N LEU D 113 -19.15 0.08 -13.74
CA LEU D 113 -20.39 -0.68 -13.71
C LEU D 113 -21.23 -0.40 -14.95
N SER D 114 -21.01 0.76 -15.56
CA SER D 114 -21.76 1.13 -16.75
C SER D 114 -21.38 0.27 -17.94
N LEU D 115 -20.26 -0.43 -17.81
CA LEU D 115 -19.77 -1.29 -18.87
C LEU D 115 -20.12 -2.76 -18.59
N ASP D 116 -20.74 -3.02 -17.44
CA ASP D 116 -21.09 -4.38 -17.05
C ASP D 116 -22.44 -4.87 -17.57
N GLY D 117 -22.50 -5.21 -18.86
CA GLY D 117 -23.73 -5.71 -19.42
C GLY D 117 -24.92 -4.76 -19.38
N LYS D 118 -26.12 -5.32 -19.54
CA LYS D 118 -27.34 -4.52 -19.55
C LYS D 118 -27.69 -3.93 -18.18
N ILE D 119 -27.08 -2.78 -17.89
CA ILE D 119 -27.31 -2.10 -16.63
C ILE D 119 -27.58 -0.62 -16.91
N LYS D 120 -28.72 -0.12 -16.43
CA LYS D 120 -29.10 1.27 -16.64
C LYS D 120 -29.40 1.95 -15.31
N LEU D 121 -28.83 3.15 -15.14
CA LEU D 121 -29.04 3.93 -13.92
C LEU D 121 -30.39 4.63 -14.06
N ILE D 122 -31.37 4.13 -13.31
CA ILE D 122 -32.74 4.62 -13.34
C ILE D 122 -33.05 5.81 -12.44
N ASP D 123 -32.45 5.85 -11.26
CA ASP D 123 -32.69 6.95 -10.36
C ASP D 123 -31.60 7.09 -9.29
N LEU D 124 -31.59 8.25 -8.66
CA LEU D 124 -30.63 8.60 -7.61
C LEU D 124 -31.35 9.48 -6.60
N HIS D 125 -31.24 9.14 -5.32
CA HIS D 125 -31.85 9.96 -4.26
C HIS D 125 -30.72 10.41 -3.35
N PHE D 126 -30.44 11.71 -3.38
CA PHE D 126 -29.38 12.31 -2.60
C PHE D 126 -29.77 12.54 -1.14
N SER D 127 -28.76 12.60 -0.26
CA SER D 127 -29.01 12.86 1.15
C SER D 127 -29.23 14.37 1.25
N GLU D 128 -29.59 14.83 2.44
CA GLU D 128 -29.80 16.25 2.65
C GLU D 128 -28.44 16.94 2.57
N ALA D 129 -27.42 16.32 3.14
CA ALA D 129 -26.07 16.90 3.12
C ALA D 129 -25.57 17.07 1.67
N PHE D 130 -25.89 16.13 0.81
CA PHE D 130 -25.45 16.22 -0.57
C PHE D 130 -26.26 17.30 -1.29
N LYS D 131 -27.54 17.41 -0.95
CA LYS D 131 -28.37 18.43 -1.57
C LYS D 131 -27.84 19.83 -1.21
N ARG D 132 -27.27 19.96 -0.02
CA ARG D 132 -26.71 21.25 0.38
C ARG D 132 -25.52 21.59 -0.49
N ALA D 133 -24.88 20.57 -1.04
CA ALA D 133 -23.72 20.77 -1.89
C ALA D 133 -24.08 21.03 -3.34
N LEU D 134 -25.38 21.02 -3.64
CA LEU D 134 -25.85 21.28 -5.00
C LEU D 134 -26.64 22.59 -5.10
N PRO D 135 -26.38 23.38 -6.14
CA PRO D 135 -26.99 24.68 -6.41
C PRO D 135 -28.48 24.73 -6.75
N GLY D 136 -28.95 23.80 -7.58
CA GLY D 136 -30.34 23.83 -7.98
C GLY D 136 -30.46 25.02 -8.90
N PRO D 137 -31.62 25.26 -9.52
CA PRO D 137 -31.72 26.41 -10.41
C PRO D 137 -31.66 27.75 -9.66
N LYS D 138 -31.01 28.74 -10.25
CA LYS D 138 -30.95 30.06 -9.60
C LYS D 138 -32.32 30.72 -9.62
N PHE D 139 -33.05 30.52 -10.73
CA PHE D 139 -34.37 31.12 -10.88
C PHE D 139 -35.50 30.09 -10.83
N GLY D 140 -35.35 29.02 -11.60
CA GLY D 140 -36.38 28.01 -11.62
C GLY D 140 -37.71 28.54 -12.16
N VAL D 141 -38.74 27.70 -12.08
CA VAL D 141 -40.06 28.07 -12.56
C VAL D 141 -40.54 29.41 -11.99
N TYR D 142 -40.42 29.57 -10.67
CA TYR D 142 -40.87 30.80 -10.03
C TYR D 142 -40.12 32.04 -10.50
N GLY D 143 -38.79 31.97 -10.48
CA GLY D 143 -38.00 33.11 -10.90
C GLY D 143 -38.26 33.52 -12.34
N ILE D 144 -38.53 32.54 -13.20
CA ILE D 144 -38.78 32.82 -14.61
C ILE D 144 -40.12 33.50 -14.79
N ARG D 145 -41.13 32.96 -14.11
CA ARG D 145 -42.47 33.51 -14.18
C ARG D 145 -42.50 34.92 -13.60
N LYS D 146 -41.73 35.12 -12.54
CA LYS D 146 -41.64 36.42 -11.89
C LYS D 146 -40.98 37.42 -12.86
N LEU D 147 -40.04 36.94 -13.66
CA LEU D 147 -39.35 37.78 -14.63
C LEU D 147 -40.31 38.26 -15.72
N LEU D 148 -41.24 37.40 -16.13
CA LEU D 148 -42.20 37.74 -17.17
C LEU D 148 -43.56 38.16 -16.64
N GLY D 149 -43.73 38.11 -15.33
CA GLY D 149 -44.99 38.47 -14.72
C GLY D 149 -46.12 37.62 -15.28
N GLU D 150 -45.85 36.34 -15.48
CA GLU D 150 -46.84 35.42 -16.03
C GLU D 150 -46.92 34.13 -15.23
N PHE D 151 -48.06 33.90 -14.58
CA PHE D 151 -48.24 32.71 -13.76
C PHE D 151 -49.47 31.87 -14.09
N GLU D 152 -50.22 32.21 -15.14
CA GLU D 152 -51.44 31.46 -15.45
C GLU D 152 -51.43 30.49 -16.60
N ARG D 153 -50.38 30.51 -17.41
CA ARG D 153 -50.33 29.62 -18.55
C ARG D 153 -48.95 29.07 -18.78
N PRO D 154 -48.84 28.05 -19.64
CA PRO D 154 -47.52 27.51 -19.90
C PRO D 154 -46.86 28.56 -20.78
N LEU D 155 -45.53 28.63 -20.77
CA LEU D 155 -44.87 29.63 -21.58
C LEU D 155 -44.68 29.10 -22.99
N LEU D 156 -44.31 30.00 -23.91
CA LEU D 156 -44.09 29.66 -25.31
C LEU D 156 -42.68 30.10 -25.72
N MET D 157 -41.98 29.23 -26.44
CA MET D 157 -40.63 29.52 -26.89
C MET D 157 -40.49 29.19 -28.37
N SER D 158 -39.64 29.92 -29.06
CA SER D 158 -39.39 29.65 -30.48
C SER D 158 -37.89 29.76 -30.74
N ILE D 159 -37.48 29.29 -31.91
CA ILE D 159 -36.07 29.33 -32.30
C ILE D 159 -35.94 30.01 -33.65
N PHE D 160 -34.74 30.50 -33.96
CA PHE D 160 -34.49 31.11 -35.26
C PHE D 160 -34.73 29.99 -36.28
N LYS D 161 -35.18 30.33 -37.47
CA LYS D 161 -35.43 29.32 -38.50
C LYS D 161 -34.12 28.71 -38.95
N GLY D 162 -33.17 29.58 -39.25
CA GLY D 162 -31.86 29.15 -39.70
C GLY D 162 -30.89 30.11 -39.06
N VAL D 163 -29.66 29.68 -38.86
CA VAL D 163 -28.67 30.55 -38.24
C VAL D 163 -27.29 30.50 -38.86
N ILE D 164 -26.67 29.32 -38.83
CA ILE D 164 -25.32 29.18 -39.36
C ILE D 164 -25.24 29.47 -40.85
N GLY D 165 -24.68 30.64 -41.16
CA GLY D 165 -24.53 31.06 -42.55
C GLY D 165 -25.32 32.31 -42.89
N ARG D 166 -25.95 32.91 -41.88
CA ARG D 166 -26.76 34.10 -42.11
C ARG D 166 -26.17 35.41 -41.58
N ASP D 167 -26.65 36.52 -42.15
CA ASP D 167 -26.18 37.85 -41.78
C ASP D 167 -26.75 38.29 -40.44
N LEU D 168 -26.15 39.32 -39.85
CA LEU D 168 -26.63 39.84 -38.57
C LEU D 168 -28.04 40.35 -38.79
N SER D 169 -28.21 41.12 -39.85
CA SER D 169 -29.51 41.68 -40.20
C SER D 169 -30.56 40.58 -40.16
N ASP D 170 -30.25 39.45 -40.80
CA ASP D 170 -31.14 38.30 -40.86
C ASP D 170 -31.57 37.92 -39.44
N ILE D 171 -30.59 37.58 -38.61
CA ILE D 171 -30.81 37.17 -37.25
C ILE D 171 -31.60 38.20 -36.43
N LYS D 172 -31.31 39.48 -36.63
CA LYS D 172 -32.01 40.52 -35.90
C LYS D 172 -33.48 40.57 -36.26
N GLU D 173 -33.79 40.32 -37.53
CA GLU D 173 -35.18 40.37 -37.98
C GLU D 173 -35.95 39.12 -37.54
N GLN D 174 -35.24 38.01 -37.36
CA GLN D 174 -35.87 36.77 -36.90
C GLN D 174 -36.25 36.97 -35.43
N LEU D 175 -35.39 37.68 -34.70
CA LEU D 175 -35.65 37.96 -33.29
C LEU D 175 -36.89 38.82 -33.18
N ARG D 176 -36.92 39.93 -33.93
CA ARG D 176 -38.05 40.84 -33.91
C ARG D 176 -39.38 40.18 -34.26
N GLN D 177 -39.38 39.40 -35.33
CA GLN D 177 -40.59 38.72 -35.78
C GLN D 177 -41.11 37.71 -34.77
N GLN D 178 -40.19 36.94 -34.16
CA GLN D 178 -40.59 35.96 -33.16
C GLN D 178 -41.19 36.68 -31.98
N ALA D 179 -40.54 37.75 -31.56
CA ALA D 179 -41.00 38.54 -30.43
C ALA D 179 -42.40 39.10 -30.68
N LEU D 180 -42.61 39.64 -31.87
CA LEU D 180 -43.90 40.21 -32.24
C LEU D 180 -45.00 39.14 -32.36
N GLY D 181 -44.61 37.88 -32.34
CA GLY D 181 -45.59 36.81 -32.42
C GLY D 181 -46.13 36.49 -31.03
N GLY D 182 -45.50 37.06 -30.01
CA GLY D 182 -45.95 36.81 -28.65
C GLY D 182 -45.25 35.68 -27.90
N VAL D 183 -44.11 35.22 -28.40
CA VAL D 183 -43.39 34.16 -27.73
C VAL D 183 -42.79 34.71 -26.43
N ASP D 184 -42.79 33.92 -25.37
CA ASP D 184 -42.24 34.38 -24.10
C ASP D 184 -40.72 34.42 -24.16
N LEU D 185 -40.14 33.48 -24.90
CA LEU D 185 -38.71 33.46 -25.06
C LEU D 185 -38.22 32.92 -26.39
N ILE D 186 -37.07 33.43 -26.77
CA ILE D 186 -36.43 33.06 -28.02
C ILE D 186 -35.08 32.46 -27.68
N LYS D 187 -34.76 31.32 -28.27
CA LYS D 187 -33.48 30.69 -28.01
C LYS D 187 -32.64 30.55 -29.27
N ASP D 188 -31.33 30.62 -29.11
CA ASP D 188 -30.44 30.44 -30.23
C ASP D 188 -30.57 29.01 -30.69
N ASP D 189 -30.13 28.73 -31.91
CA ASP D 189 -30.15 27.37 -32.38
C ASP D 189 -28.99 26.80 -31.56
N GLU D 190 -29.12 25.57 -31.07
CA GLU D 190 -28.07 24.97 -30.26
C GLU D 190 -26.74 24.83 -31.00
N ILE D 191 -26.76 24.97 -32.33
CA ILE D 191 -25.54 24.86 -33.12
C ILE D 191 -25.10 26.22 -33.66
N PHE D 192 -25.50 27.27 -32.94
CA PHE D 192 -25.15 28.65 -33.27
C PHE D 192 -23.84 28.92 -32.54
N PHE D 193 -22.70 28.67 -33.20
CA PHE D 193 -21.42 28.90 -32.53
C PHE D 193 -20.75 30.20 -32.96
N GLU D 194 -19.61 30.49 -32.33
CA GLU D 194 -18.84 31.69 -32.62
C GLU D 194 -18.01 31.51 -33.87
N THR D 195 -18.68 31.43 -35.00
CA THR D 195 -18.00 31.22 -36.26
C THR D 195 -17.69 32.50 -37.02
N GLY D 196 -18.28 33.63 -36.61
CA GLY D 196 -17.96 34.87 -37.30
C GLY D 196 -18.96 35.97 -37.62
N LEU D 197 -20.14 35.62 -38.13
CA LEU D 197 -21.10 36.65 -38.50
C LEU D 197 -21.96 37.28 -37.40
N ALA D 198 -22.45 36.48 -36.47
CA ALA D 198 -23.27 37.04 -35.41
C ALA D 198 -22.65 36.74 -34.05
N PRO D 199 -21.55 37.43 -33.73
CA PRO D 199 -20.80 37.29 -32.48
C PRO D 199 -21.65 37.32 -31.22
N PHE D 200 -21.29 36.44 -30.29
CA PHE D 200 -21.93 36.28 -29.00
C PHE D 200 -22.38 37.58 -28.34
N GLU D 201 -21.46 38.49 -28.07
CA GLU D 201 -21.79 39.74 -27.39
C GLU D 201 -22.67 40.70 -28.17
N THR D 202 -22.53 40.72 -29.49
CA THR D 202 -23.38 41.62 -30.24
C THR D 202 -24.78 41.02 -30.37
N ARG D 203 -24.90 39.69 -30.33
CA ARG D 203 -26.23 39.07 -30.39
C ARG D 203 -26.97 39.49 -29.13
N ILE D 204 -26.25 39.46 -28.01
CA ILE D 204 -26.83 39.83 -26.73
C ILE D 204 -27.28 41.29 -26.76
N ALA D 205 -26.36 42.20 -27.11
CA ALA D 205 -26.68 43.62 -27.18
C ALA D 205 -27.82 43.92 -28.16
N GLU D 206 -27.77 43.30 -29.34
CA GLU D 206 -28.78 43.51 -30.37
C GLU D 206 -30.14 42.95 -29.97
N GLY D 207 -30.15 41.70 -29.52
CA GLY D 207 -31.39 41.07 -29.11
C GLY D 207 -32.04 41.82 -27.96
N LYS D 208 -31.21 42.31 -27.05
CA LYS D 208 -31.68 43.05 -25.90
C LYS D 208 -32.40 44.33 -26.32
N GLN D 209 -31.86 45.04 -27.30
CA GLN D 209 -32.46 46.29 -27.77
C GLN D 209 -33.75 46.01 -28.56
N ILE D 210 -33.72 44.97 -29.39
CA ILE D 210 -34.86 44.58 -30.19
C ILE D 210 -36.03 44.10 -29.33
N LEU D 211 -35.74 43.33 -28.29
CA LEU D 211 -36.80 42.83 -27.42
C LEU D 211 -37.31 43.95 -26.53
N LYS D 212 -36.44 44.93 -26.30
CA LYS D 212 -36.81 46.07 -25.49
C LYS D 212 -37.87 46.85 -26.27
N GLU D 213 -37.61 47.09 -27.56
CA GLU D 213 -38.57 47.85 -28.35
C GLU D 213 -39.83 47.10 -28.75
N THR D 214 -39.75 45.78 -28.93
CA THR D 214 -40.96 45.02 -29.27
C THR D 214 -41.88 45.08 -28.05
N TYR D 215 -41.28 44.99 -26.86
CA TYR D 215 -42.05 45.07 -25.61
C TYR D 215 -42.60 46.48 -25.44
N GLU D 216 -41.85 47.46 -25.93
CA GLU D 216 -42.26 48.86 -25.84
C GLU D 216 -43.52 49.08 -26.66
N GLN D 217 -43.59 48.43 -27.83
CA GLN D 217 -44.72 48.60 -28.70
C GLN D 217 -45.87 47.61 -28.48
N THR D 218 -45.54 46.39 -28.08
CA THR D 218 -46.58 45.38 -27.89
C THR D 218 -47.00 45.16 -26.43
N GLY D 219 -46.17 45.59 -25.48
CA GLY D 219 -46.50 45.39 -24.09
C GLY D 219 -46.22 43.96 -23.68
N HIS D 220 -45.65 43.20 -24.61
CA HIS D 220 -45.31 41.82 -24.36
C HIS D 220 -43.81 41.67 -24.15
N LYS D 221 -43.46 40.97 -23.07
CA LYS D 221 -42.07 40.75 -22.70
C LYS D 221 -41.58 39.40 -23.18
N THR D 222 -40.44 39.37 -23.87
CA THR D 222 -39.88 38.10 -24.32
C THR D 222 -38.41 38.07 -23.96
N LEU D 223 -37.92 36.90 -23.57
CA LEU D 223 -36.53 36.76 -23.20
C LEU D 223 -35.77 36.04 -24.30
N TYR D 224 -34.47 36.31 -24.37
CA TYR D 224 -33.60 35.71 -25.37
C TYR D 224 -32.55 34.85 -24.68
N ALA D 225 -32.51 33.57 -25.00
CA ALA D 225 -31.52 32.67 -24.42
C ALA D 225 -30.41 32.55 -25.44
N VAL D 226 -29.22 33.03 -25.08
CA VAL D 226 -28.07 32.99 -25.96
C VAL D 226 -27.25 31.72 -25.73
N ASN D 227 -26.79 31.12 -26.82
CA ASN D 227 -26.01 29.89 -26.73
C ASN D 227 -24.64 30.21 -26.11
N LEU D 228 -24.28 29.45 -25.08
CA LEU D 228 -23.00 29.63 -24.37
C LEU D 228 -22.10 28.51 -24.89
N THR D 229 -21.09 28.83 -25.68
CA THR D 229 -20.24 27.79 -26.25
C THR D 229 -18.75 28.06 -26.13
N GLY D 230 -17.95 27.18 -26.73
CA GLY D 230 -16.50 27.32 -26.70
C GLY D 230 -15.86 26.37 -25.69
N ARG D 231 -14.60 26.60 -25.39
CA ARG D 231 -13.88 25.74 -24.44
C ARG D 231 -14.51 25.78 -23.05
N THR D 232 -14.52 24.64 -22.38
CA THR D 232 -15.07 24.55 -21.05
C THR D 232 -14.44 25.61 -20.14
N ALA D 233 -13.12 25.68 -20.18
CA ALA D 233 -12.37 26.63 -19.36
C ALA D 233 -12.80 28.08 -19.48
N ASP D 234 -13.36 28.47 -20.61
CA ASP D 234 -13.77 29.85 -20.78
C ASP D 234 -15.26 30.15 -20.58
N LEU D 235 -16.06 29.10 -20.36
CA LEU D 235 -17.49 29.29 -20.19
C LEU D 235 -17.82 30.32 -19.10
N LYS D 236 -17.19 30.18 -17.95
CA LYS D 236 -17.43 31.09 -16.84
C LYS D 236 -17.30 32.57 -17.18
N ASP D 237 -16.18 32.97 -17.77
CA ASP D 237 -16.01 34.37 -18.11
C ASP D 237 -17.04 34.84 -19.13
N LYS D 238 -17.26 34.05 -20.17
CA LYS D 238 -18.24 34.42 -21.20
C LYS D 238 -19.64 34.54 -20.59
N ALA D 239 -19.90 33.74 -19.56
CA ALA D 239 -21.20 33.78 -18.89
C ALA D 239 -21.31 35.02 -17.99
N ARG D 240 -20.22 35.38 -17.34
CA ARG D 240 -20.25 36.57 -16.50
C ARG D 240 -20.45 37.80 -17.39
N ARG D 241 -19.73 37.86 -18.50
CA ARG D 241 -19.86 38.96 -19.46
C ARG D 241 -21.30 39.02 -19.97
N ALA D 242 -21.91 37.86 -20.17
CA ALA D 242 -23.29 37.80 -20.65
C ALA D 242 -24.19 38.53 -19.64
N ALA D 243 -23.97 38.25 -18.36
CA ALA D 243 -24.75 38.87 -17.30
C ALA D 243 -24.53 40.38 -17.27
N GLU D 244 -23.27 40.80 -17.38
CA GLU D 244 -22.96 42.21 -17.37
C GLU D 244 -23.62 42.90 -18.56
N LEU D 245 -23.60 42.24 -19.72
CA LEU D 245 -24.20 42.80 -20.92
C LEU D 245 -25.73 42.77 -20.84
N GLY D 246 -26.26 42.06 -19.85
CA GLY D 246 -27.70 41.99 -19.68
C GLY D 246 -28.40 40.86 -20.41
N ALA D 247 -27.73 39.72 -20.59
CA ALA D 247 -28.36 38.59 -21.26
C ALA D 247 -29.55 38.15 -20.42
N ASP D 248 -30.57 37.59 -21.07
CA ASP D 248 -31.75 37.14 -20.33
C ASP D 248 -31.61 35.71 -19.83
N ALA D 249 -30.93 34.89 -20.62
CA ALA D 249 -30.73 33.50 -20.27
C ALA D 249 -29.58 32.95 -21.08
N LEU D 250 -29.04 31.83 -20.63
CA LEU D 250 -27.94 31.20 -21.34
C LEU D 250 -28.35 29.82 -21.80
N LEU D 251 -28.22 29.56 -23.11
CA LEU D 251 -28.53 28.26 -23.65
C LEU D 251 -27.23 27.46 -23.45
N PHE D 252 -27.34 26.28 -22.87
CA PHE D 252 -26.15 25.49 -22.61
C PHE D 252 -26.32 24.00 -22.93
N ASN D 253 -25.44 23.50 -23.79
CA ASN D 253 -25.44 22.09 -24.17
C ASN D 253 -24.70 21.30 -23.09
N VAL D 254 -25.38 21.11 -21.97
CA VAL D 254 -24.82 20.41 -20.81
C VAL D 254 -24.17 19.07 -21.09
N PHE D 255 -24.82 18.25 -21.89
CA PHE D 255 -24.27 16.93 -22.15
C PHE D 255 -23.11 16.90 -23.12
N ALA D 256 -22.79 18.07 -23.67
CA ALA D 256 -21.65 18.17 -24.58
C ALA D 256 -20.46 18.54 -23.70
N TYR D 257 -20.75 19.00 -22.48
CA TYR D 257 -19.71 19.37 -21.53
C TYR D 257 -19.76 18.46 -20.30
N GLY D 258 -20.71 18.76 -19.42
CA GLY D 258 -20.86 17.96 -18.23
C GLY D 258 -21.68 18.68 -17.18
N LEU D 259 -22.41 17.92 -16.38
CA LEU D 259 -23.24 18.46 -15.32
C LEU D 259 -22.43 19.31 -14.33
N ASP D 260 -21.21 18.89 -14.02
CA ASP D 260 -20.38 19.64 -13.08
C ASP D 260 -20.04 21.01 -13.65
N VAL D 261 -19.97 21.10 -14.98
CA VAL D 261 -19.67 22.35 -15.64
C VAL D 261 -20.85 23.30 -15.44
N MET D 262 -22.04 22.83 -15.78
CA MET D 262 -23.26 23.62 -15.61
C MET D 262 -23.45 23.99 -14.15
N GLN D 263 -23.12 23.06 -13.26
CA GLN D 263 -23.25 23.32 -11.84
C GLN D 263 -22.35 24.49 -11.47
N GLY D 264 -21.15 24.51 -12.04
CA GLY D 264 -20.23 25.60 -11.76
C GLY D 264 -20.84 26.93 -12.13
N LEU D 265 -21.54 26.98 -13.26
CA LEU D 265 -22.19 28.21 -13.71
C LEU D 265 -23.37 28.56 -12.80
N ALA D 266 -24.13 27.55 -12.41
CA ALA D 266 -25.29 27.77 -11.56
C ALA D 266 -24.94 28.20 -10.13
N GLU D 267 -23.75 27.85 -9.66
CA GLU D 267 -23.36 28.22 -8.30
C GLU D 267 -22.68 29.58 -8.26
N ASP D 268 -22.33 30.10 -9.43
CA ASP D 268 -21.64 31.37 -9.55
C ASP D 268 -22.52 32.61 -9.37
N PRO D 269 -22.37 33.31 -8.23
CA PRO D 269 -23.17 34.51 -7.97
C PRO D 269 -22.94 35.61 -9.00
N GLU D 270 -21.83 35.52 -9.72
CA GLU D 270 -21.50 36.51 -10.74
C GLU D 270 -22.25 36.23 -12.02
N ILE D 271 -23.03 35.15 -12.03
CA ILE D 271 -23.80 34.79 -13.21
C ILE D 271 -25.29 34.74 -12.85
N PRO D 272 -25.88 35.91 -12.56
CA PRO D 272 -27.29 36.04 -12.19
C PRO D 272 -28.24 35.92 -13.38
N VAL D 273 -28.07 34.85 -14.14
CA VAL D 273 -28.86 34.58 -15.34
C VAL D 273 -29.30 33.12 -15.39
N PRO D 274 -30.58 32.85 -15.71
CA PRO D 274 -31.01 31.45 -15.76
C PRO D 274 -30.27 30.67 -16.84
N ILE D 275 -30.21 29.36 -16.67
CA ILE D 275 -29.53 28.49 -17.61
C ILE D 275 -30.56 27.58 -18.28
N MET D 276 -30.48 27.48 -19.59
CA MET D 276 -31.41 26.65 -20.34
C MET D 276 -30.65 25.44 -20.85
N ALA D 277 -30.87 24.30 -20.21
CA ALA D 277 -30.19 23.06 -20.58
C ALA D 277 -30.82 22.43 -21.82
N HIS D 278 -29.98 22.11 -22.81
CA HIS D 278 -30.43 21.48 -24.04
C HIS D 278 -29.95 20.04 -24.00
N PRO D 279 -30.78 19.12 -24.49
CA PRO D 279 -30.50 17.68 -24.53
C PRO D 279 -29.57 17.15 -25.63
N ALA D 280 -28.89 18.02 -26.36
CA ALA D 280 -28.01 17.55 -27.41
C ALA D 280 -27.03 16.50 -26.89
N VAL D 281 -26.80 15.44 -27.68
CA VAL D 281 -25.90 14.35 -27.32
C VAL D 281 -26.44 13.42 -26.22
N SER D 282 -27.41 13.88 -25.45
CA SER D 282 -27.96 13.08 -24.36
C SER D 282 -28.62 11.79 -24.86
N GLY D 283 -29.09 11.83 -26.10
CA GLY D 283 -29.74 10.66 -26.67
C GLY D 283 -28.82 9.47 -26.59
N ALA D 284 -27.53 9.74 -26.67
CA ALA D 284 -26.49 8.70 -26.60
C ALA D 284 -26.44 8.06 -25.23
N PHE D 285 -26.98 8.75 -24.23
CA PHE D 285 -26.98 8.28 -22.86
C PHE D 285 -28.29 7.65 -22.41
N THR D 286 -29.39 8.08 -23.01
CA THR D 286 -30.70 7.65 -22.55
C THR D 286 -31.63 6.85 -23.46
N SER D 287 -31.45 6.95 -24.77
CA SER D 287 -32.32 6.27 -25.71
C SER D 287 -32.48 4.77 -25.52
N SER D 288 -31.40 4.09 -25.21
CA SER D 288 -31.42 2.66 -24.99
C SER D 288 -32.24 2.25 -23.77
N PRO D 289 -33.17 1.31 -23.95
CA PRO D 289 -33.99 0.86 -22.83
C PRO D 289 -33.22 -0.09 -21.90
N PHE D 290 -31.97 -0.42 -22.28
CA PHE D 290 -31.15 -1.34 -21.51
C PHE D 290 -29.86 -0.79 -20.90
N TYR D 291 -29.33 0.28 -21.47
CA TYR D 291 -28.09 0.87 -20.96
C TYR D 291 -28.23 2.34 -20.66
N GLY D 292 -27.19 2.91 -20.05
CA GLY D 292 -27.18 4.33 -19.74
C GLY D 292 -28.01 4.81 -18.59
N PHE D 293 -28.57 6.00 -18.75
CA PHE D 293 -29.39 6.63 -17.73
C PHE D 293 -30.85 6.71 -18.18
N SER D 294 -31.75 6.86 -17.22
CA SER D 294 -33.15 7.03 -17.58
C SER D 294 -33.25 8.50 -18.01
N HIS D 295 -34.21 8.81 -18.87
CA HIS D 295 -34.38 10.20 -19.28
C HIS D 295 -34.71 11.09 -18.09
N ALA D 296 -35.57 10.60 -17.22
CA ALA D 296 -36.00 11.35 -16.04
C ALA D 296 -34.86 11.74 -15.13
N LEU D 297 -33.91 10.83 -14.99
CA LEU D 297 -32.77 11.04 -14.12
C LEU D 297 -31.84 12.09 -14.68
N LEU D 298 -31.48 11.93 -15.94
CA LEU D 298 -30.57 12.83 -16.63
C LEU D 298 -31.19 14.19 -16.94
N LEU D 299 -32.23 14.17 -17.75
CA LEU D 299 -32.90 15.40 -18.16
C LEU D 299 -33.74 16.06 -17.07
N GLY D 300 -34.10 15.30 -16.04
CA GLY D 300 -34.89 15.86 -14.97
C GLY D 300 -34.15 16.23 -13.71
N LYS D 301 -33.95 15.24 -12.85
CA LYS D 301 -33.28 15.43 -11.56
C LYS D 301 -31.87 16.05 -11.60
N LEU D 302 -30.95 15.45 -12.34
CA LEU D 302 -29.58 15.94 -12.40
C LEU D 302 -29.47 17.34 -13.02
N ASN D 303 -30.23 17.58 -14.09
CA ASN D 303 -30.22 18.90 -14.73
C ASN D 303 -30.67 19.90 -13.68
N ARG D 304 -31.78 19.59 -13.02
CA ARG D 304 -32.34 20.47 -12.00
C ARG D 304 -31.35 20.70 -10.85
N TYR D 305 -30.91 19.60 -10.23
CA TYR D 305 -29.96 19.65 -9.13
C TYR D 305 -28.70 20.41 -9.50
N CYS D 306 -28.28 20.27 -10.74
CA CYS D 306 -27.07 20.92 -11.20
C CYS D 306 -27.26 22.34 -11.76
N GLY D 307 -28.47 22.88 -11.62
CA GLY D 307 -28.67 24.25 -12.06
C GLY D 307 -29.49 24.64 -13.26
N ALA D 308 -30.13 23.67 -13.92
CA ALA D 308 -30.93 24.00 -15.09
C ALA D 308 -32.25 24.66 -14.69
N ASP D 309 -32.47 25.88 -15.16
CA ASP D 309 -33.72 26.60 -14.89
C ASP D 309 -34.76 26.11 -15.91
N PHE D 310 -34.27 25.56 -17.01
CA PHE D 310 -35.12 25.02 -18.06
C PHE D 310 -34.46 23.73 -18.52
N SER D 311 -35.27 22.76 -18.89
CA SER D 311 -34.76 21.49 -19.37
C SER D 311 -35.60 21.07 -20.56
N LEU D 312 -35.00 21.11 -21.75
CA LEU D 312 -35.67 20.74 -22.99
C LEU D 312 -35.53 19.25 -23.28
N PHE D 313 -36.59 18.68 -23.87
CA PHE D 313 -36.60 17.27 -24.20
C PHE D 313 -37.71 17.04 -25.21
N PRO D 314 -37.56 16.01 -26.06
CA PRO D 314 -38.55 15.69 -27.08
C PRO D 314 -39.91 15.42 -26.46
N SER D 315 -40.94 16.06 -27.01
CA SER D 315 -42.30 15.85 -26.52
C SER D 315 -42.66 14.45 -27.00
N PRO D 316 -43.79 13.92 -26.53
CA PRO D 316 -44.10 12.58 -27.01
C PRO D 316 -44.97 12.59 -28.26
N TYR D 317 -45.12 13.75 -28.90
CA TYR D 317 -45.98 13.84 -30.07
C TYR D 317 -45.38 14.23 -31.42
N GLY D 318 -44.12 14.66 -31.42
CA GLY D 318 -43.48 15.05 -32.67
C GLY D 318 -42.74 13.92 -33.37
N SER D 319 -42.16 14.20 -34.54
CA SER D 319 -41.42 13.17 -35.28
C SER D 319 -40.31 12.60 -34.39
N VAL D 320 -39.67 13.48 -33.62
CA VAL D 320 -38.63 13.04 -32.68
C VAL D 320 -39.35 13.07 -31.34
N ALA D 321 -39.61 11.90 -30.76
CA ALA D 321 -40.34 11.85 -29.51
C ALA D 321 -39.74 11.01 -28.42
N LEU D 322 -40.33 11.17 -27.23
CA LEU D 322 -39.95 10.45 -26.04
C LEU D 322 -41.18 9.65 -25.67
N PRO D 323 -41.01 8.43 -25.13
CA PRO D 323 -42.22 7.69 -24.75
C PRO D 323 -42.95 8.60 -23.78
N ARG D 324 -44.28 8.64 -23.84
CA ARG D 324 -45.05 9.51 -22.97
C ARG D 324 -44.65 9.38 -21.49
N ALA D 325 -44.51 8.14 -21.01
CA ALA D 325 -44.13 7.88 -19.63
C ALA D 325 -42.83 8.58 -19.23
N ASP D 326 -41.86 8.62 -20.14
CA ASP D 326 -40.59 9.27 -19.86
C ASP D 326 -40.70 10.79 -19.87
N ALA D 327 -41.60 11.32 -20.68
CA ALA D 327 -41.79 12.76 -20.74
C ALA D 327 -42.48 13.21 -19.45
N LEU D 328 -43.40 12.41 -18.94
CA LEU D 328 -44.10 12.78 -17.71
C LEU D 328 -43.13 12.74 -16.53
N ALA D 329 -42.27 11.73 -16.52
CA ALA D 329 -41.29 11.53 -15.46
C ALA D 329 -40.32 12.70 -15.43
N ILE D 330 -39.92 13.18 -16.61
CA ILE D 330 -38.99 14.30 -16.65
C ILE D 330 -39.70 15.51 -16.05
N HIS D 331 -40.96 15.69 -16.44
CA HIS D 331 -41.73 16.81 -15.93
C HIS D 331 -41.88 16.68 -14.41
N GLU D 332 -42.14 15.46 -13.94
CA GLU D 332 -42.32 15.23 -12.51
C GLU D 332 -41.03 15.55 -11.73
N GLU D 333 -39.88 15.21 -12.29
CA GLU D 333 -38.60 15.48 -11.62
C GLU D 333 -38.35 16.99 -11.57
N CYS D 334 -38.84 17.69 -12.59
CA CYS D 334 -38.68 19.13 -12.69
C CYS D 334 -39.50 19.94 -11.68
N VAL D 335 -40.73 19.47 -11.44
CA VAL D 335 -41.63 20.21 -10.56
C VAL D 335 -41.85 19.63 -9.17
N ARG D 336 -41.33 18.42 -8.93
CA ARG D 336 -41.52 17.79 -7.63
C ARG D 336 -40.98 18.68 -6.52
N GLU D 337 -41.67 18.71 -5.39
CA GLU D 337 -41.19 19.50 -4.28
C GLU D 337 -39.87 18.85 -3.88
N ASP D 338 -38.83 19.67 -3.67
CA ASP D 338 -37.52 19.16 -3.31
C ASP D 338 -36.69 20.33 -2.77
N ALA D 339 -35.52 20.04 -2.22
CA ALA D 339 -34.67 21.08 -1.67
C ALA D 339 -34.04 21.93 -2.78
N PHE D 340 -34.78 22.13 -3.86
CA PHE D 340 -34.30 22.92 -5.00
C PHE D 340 -35.46 23.65 -5.66
N ASN D 341 -35.16 24.80 -6.27
CA ASN D 341 -36.18 25.54 -7.01
C ASN D 341 -36.63 24.57 -8.09
N GLN D 342 -37.87 24.72 -8.53
CA GLN D 342 -38.42 23.85 -9.58
C GLN D 342 -37.80 24.24 -10.92
N THR D 343 -37.69 23.26 -11.82
CA THR D 343 -37.14 23.47 -13.15
C THR D 343 -38.30 23.55 -14.16
N PHE D 344 -38.16 24.41 -15.16
CA PHE D 344 -39.16 24.55 -16.20
C PHE D 344 -38.94 23.43 -17.21
N ALA D 345 -39.91 22.53 -17.33
CA ALA D 345 -39.82 21.44 -18.29
C ALA D 345 -40.17 22.02 -19.66
N VAL D 346 -39.45 21.61 -20.69
CA VAL D 346 -39.69 22.13 -22.03
C VAL D 346 -39.74 21.08 -23.17
N PRO D 347 -40.92 20.47 -23.42
CA PRO D 347 -41.04 19.47 -24.50
C PRO D 347 -40.74 20.23 -25.80
N SER D 348 -39.96 19.65 -26.72
CA SER D 348 -39.54 20.40 -27.92
C SER D 348 -39.48 19.86 -29.35
N ALA D 349 -39.19 18.59 -29.55
CA ALA D 349 -39.02 18.10 -30.93
C ALA D 349 -40.18 18.24 -31.92
N GLY D 350 -40.05 19.20 -32.84
CA GLY D 350 -41.05 19.41 -33.87
C GLY D 350 -42.50 19.45 -33.40
N ILE D 351 -42.81 20.43 -32.57
CA ILE D 351 -44.15 20.59 -32.04
C ILE D 351 -44.97 21.55 -32.89
N HIS D 352 -46.24 21.21 -33.09
CA HIS D 352 -47.14 22.04 -33.86
C HIS D 352 -48.36 22.37 -33.00
N PRO D 353 -49.01 23.51 -33.26
CA PRO D 353 -50.18 23.94 -32.49
C PRO D 353 -51.20 22.84 -32.13
N GLY D 354 -51.50 21.96 -33.08
CA GLY D 354 -52.47 20.91 -32.83
C GLY D 354 -52.13 19.99 -31.68
N MET D 355 -50.87 20.05 -31.24
CA MET D 355 -50.40 19.20 -30.14
C MET D 355 -50.58 19.85 -28.77
N VAL D 356 -50.74 21.17 -28.75
CA VAL D 356 -50.88 21.89 -27.50
C VAL D 356 -51.90 21.34 -26.52
N PRO D 357 -53.09 20.94 -27.00
CA PRO D 357 -54.08 20.40 -26.05
C PRO D 357 -53.54 19.17 -25.30
N LEU D 358 -52.73 18.37 -25.99
CA LEU D 358 -52.15 17.18 -25.37
C LEU D 358 -51.01 17.54 -24.43
N LEU D 359 -50.19 18.52 -24.83
CA LEU D 359 -49.08 18.95 -23.98
C LEU D 359 -49.59 19.53 -22.67
N MET D 360 -50.69 20.29 -22.74
CA MET D 360 -51.25 20.90 -21.54
C MET D 360 -51.95 19.91 -20.62
N ARG D 361 -52.44 18.81 -21.18
CA ARG D 361 -53.10 17.78 -20.38
C ARG D 361 -51.99 17.02 -19.67
N ASP D 362 -50.93 16.77 -20.42
CA ASP D 362 -49.77 16.05 -19.89
C ASP D 362 -49.02 16.81 -18.82
N PHE D 363 -48.67 18.07 -19.09
CA PHE D 363 -47.86 18.87 -18.16
C PHE D 363 -48.52 19.99 -17.37
N GLY D 364 -49.82 20.20 -17.56
CA GLY D 364 -50.47 21.27 -16.83
C GLY D 364 -49.96 22.61 -17.29
N ILE D 365 -50.04 23.62 -16.44
CA ILE D 365 -49.58 24.94 -16.85
C ILE D 365 -48.08 25.16 -16.65
N ASP D 366 -47.48 24.43 -15.70
CA ASP D 366 -46.04 24.59 -15.46
C ASP D 366 -45.09 23.88 -16.42
N HIS D 367 -45.04 24.37 -17.64
CA HIS D 367 -44.14 23.86 -18.65
C HIS D 367 -44.07 24.88 -19.76
N ILE D 368 -43.14 24.67 -20.68
CA ILE D 368 -42.96 25.59 -21.79
C ILE D 368 -43.05 24.81 -23.09
N ILE D 369 -43.92 25.28 -23.98
CA ILE D 369 -44.10 24.64 -25.27
C ILE D 369 -43.03 25.26 -26.17
N ASN D 370 -42.12 24.42 -26.65
CA ASN D 370 -41.05 24.90 -27.52
C ASN D 370 -41.45 24.62 -28.96
N ALA D 371 -41.95 25.67 -29.61
CA ALA D 371 -42.39 25.59 -30.99
C ALA D 371 -41.25 25.51 -31.99
N GLY D 372 -40.01 25.49 -31.48
CA GLY D 372 -38.85 25.40 -32.36
C GLY D 372 -38.80 26.45 -33.46
N GLY D 373 -38.24 26.06 -34.61
CA GLY D 373 -38.13 26.97 -35.74
C GLY D 373 -39.30 26.90 -36.72
N GLY D 374 -40.18 25.91 -36.56
CA GLY D 374 -41.32 25.76 -37.45
C GLY D 374 -42.18 27.00 -37.56
N VAL D 375 -42.17 27.78 -36.47
CA VAL D 375 -42.92 29.02 -36.39
C VAL D 375 -42.60 29.95 -37.58
N HIS D 376 -41.39 29.82 -38.14
CA HIS D 376 -40.99 30.65 -39.27
C HIS D 376 -41.54 30.16 -40.59
N GLY D 377 -42.05 28.93 -40.62
CA GLY D 377 -42.59 28.40 -41.86
C GLY D 377 -44.06 28.71 -42.02
N HIS D 378 -44.63 29.35 -41.01
CA HIS D 378 -46.03 29.71 -41.00
C HIS D 378 -46.27 30.70 -42.16
N PRO D 379 -47.39 30.57 -42.88
CA PRO D 379 -47.69 31.47 -43.99
C PRO D 379 -47.52 32.96 -43.64
N ASN D 380 -47.92 33.31 -42.41
CA ASN D 380 -47.82 34.70 -41.95
C ASN D 380 -46.50 34.97 -41.22
N GLY D 381 -45.51 34.12 -41.47
CA GLY D 381 -44.20 34.31 -40.83
C GLY D 381 -44.19 33.94 -39.35
N ALA D 382 -43.03 34.10 -38.72
CA ALA D 382 -42.87 33.79 -37.31
C ALA D 382 -43.93 34.48 -36.46
N GLN D 383 -44.35 35.68 -36.87
CA GLN D 383 -45.37 36.42 -36.11
C GLN D 383 -46.66 35.63 -36.06
N GLY D 384 -47.00 35.01 -37.19
CA GLY D 384 -48.20 34.21 -37.26
C GLY D 384 -48.03 32.89 -36.54
N GLY D 385 -46.84 32.31 -36.63
CA GLY D 385 -46.58 31.04 -35.96
C GLY D 385 -46.79 31.23 -34.48
N GLY D 386 -46.15 32.26 -33.94
CA GLY D 386 -46.27 32.58 -32.53
C GLY D 386 -47.72 32.81 -32.10
N ARG D 387 -48.43 33.63 -32.87
CA ARG D 387 -49.85 33.90 -32.57
C ARG D 387 -50.66 32.61 -32.62
N ALA D 388 -50.37 31.75 -33.58
CA ALA D 388 -51.09 30.48 -33.68
C ALA D 388 -50.97 29.73 -32.36
N PHE D 389 -49.74 29.64 -31.85
CA PHE D 389 -49.51 28.93 -30.60
C PHE D 389 -50.15 29.63 -29.40
N ARG D 390 -49.99 30.95 -29.31
CA ARG D 390 -50.58 31.68 -28.19
C ARG D 390 -52.10 31.52 -28.21
N ALA D 391 -52.69 31.54 -29.41
CA ALA D 391 -54.14 31.41 -29.55
C ALA D 391 -54.67 30.08 -29.03
N ILE D 392 -54.03 28.97 -29.38
CA ILE D 392 -54.53 27.69 -28.93
C ILE D 392 -54.26 27.46 -27.44
N ILE D 393 -53.18 28.02 -26.91
CA ILE D 393 -52.90 27.85 -25.48
C ILE D 393 -54.07 28.47 -24.70
N ASP D 394 -54.45 29.68 -25.10
CA ASP D 394 -55.56 30.38 -24.46
C ASP D 394 -56.88 29.64 -24.60
N ALA D 395 -57.15 29.12 -25.80
CA ALA D 395 -58.38 28.38 -26.06
C ALA D 395 -58.51 27.22 -25.08
N VAL D 396 -57.41 26.49 -24.91
CA VAL D 396 -57.40 25.36 -24.01
C VAL D 396 -57.65 25.80 -22.57
N LEU D 397 -57.06 26.92 -22.17
CA LEU D 397 -57.22 27.43 -20.81
C LEU D 397 -58.65 27.91 -20.57
N GLU D 398 -59.27 28.47 -21.60
CA GLU D 398 -60.63 28.97 -21.49
C GLU D 398 -61.62 27.86 -21.83
N ALA D 399 -61.10 26.69 -22.18
CA ALA D 399 -61.91 25.54 -22.55
C ALA D 399 -62.72 25.84 -23.82
N GLN D 400 -62.22 26.78 -24.60
CA GLN D 400 -62.89 27.15 -25.85
C GLN D 400 -62.68 26.10 -26.92
N PRO D 401 -63.77 25.72 -27.62
CA PRO D 401 -63.60 24.71 -28.67
C PRO D 401 -62.55 25.25 -29.64
N ILE D 402 -61.53 24.44 -29.94
CA ILE D 402 -60.45 24.85 -30.81
C ILE D 402 -60.91 25.31 -32.20
N ASP D 403 -61.91 24.63 -32.75
CA ASP D 403 -62.45 24.98 -34.05
C ASP D 403 -62.95 26.42 -34.01
N GLU D 404 -63.65 26.76 -32.95
CA GLU D 404 -64.19 28.10 -32.77
C GLU D 404 -63.07 29.13 -32.67
N LYS D 405 -61.97 28.75 -32.01
CA LYS D 405 -60.83 29.65 -31.86
C LYS D 405 -60.14 29.85 -33.22
N ALA D 406 -60.14 28.80 -34.04
CA ALA D 406 -59.51 28.88 -35.36
C ALA D 406 -60.27 29.86 -36.25
N GLU D 407 -61.60 29.87 -36.15
CA GLU D 407 -62.40 30.77 -36.96
C GLU D 407 -62.20 32.24 -36.54
N GLN D 408 -61.73 32.45 -35.31
CA GLN D 408 -61.50 33.80 -34.79
C GLN D 408 -60.07 34.27 -35.02
N CYS D 409 -59.15 33.31 -35.08
CA CYS D 409 -57.74 33.61 -35.29
C CYS D 409 -57.22 32.86 -36.51
N LYS D 410 -57.12 33.58 -37.63
CA LYS D 410 -56.67 32.99 -38.87
C LYS D 410 -55.33 32.27 -38.76
N ASP D 411 -54.36 32.90 -38.10
CA ASP D 411 -53.05 32.31 -37.95
C ASP D 411 -53.12 30.90 -37.34
N LEU D 412 -54.09 30.67 -36.45
CA LEU D 412 -54.23 29.36 -35.84
C LEU D 412 -54.82 28.41 -36.87
N LYS D 413 -55.82 28.89 -37.60
CA LYS D 413 -56.47 28.07 -38.63
C LYS D 413 -55.44 27.64 -39.66
N LEU D 414 -54.62 28.59 -40.11
CA LEU D 414 -53.57 28.31 -41.09
C LEU D 414 -52.61 27.24 -40.57
N ALA D 415 -52.26 27.33 -39.30
CA ALA D 415 -51.35 26.37 -38.70
C ALA D 415 -52.00 24.97 -38.62
N LEU D 416 -53.18 24.88 -38.04
CA LEU D 416 -53.88 23.61 -37.92
C LEU D 416 -54.10 22.93 -39.28
N ASP D 417 -54.49 23.72 -40.28
CA ASP D 417 -54.72 23.18 -41.61
C ASP D 417 -53.43 22.66 -42.23
N LYS D 418 -52.32 23.29 -41.90
CA LYS D 418 -51.04 22.87 -42.45
C LYS D 418 -50.41 21.67 -41.76
N TRP D 419 -50.47 21.61 -40.44
CA TRP D 419 -49.85 20.51 -39.71
C TRP D 419 -50.81 19.49 -39.09
N GLY D 420 -52.09 19.80 -39.05
CA GLY D 420 -53.06 18.87 -38.47
C GLY D 420 -53.94 19.50 -37.42
N LYS D 421 -55.21 19.11 -37.41
CA LYS D 421 -56.17 19.64 -36.46
C LYS D 421 -55.87 19.21 -35.03
N ALA D 422 -56.38 19.97 -34.07
CA ALA D 422 -56.19 19.68 -32.65
C ALA D 422 -56.68 18.27 -32.34
N GLU D 423 -55.93 17.57 -31.49
CA GLU D 423 -56.27 16.19 -31.15
C GLU D 423 -56.94 15.97 -29.80
N ALA D 424 -57.27 14.70 -29.55
CA ALA D 424 -57.91 14.21 -28.32
C ALA D 424 -58.47 15.28 -27.40
#